data_1Z06
# 
_entry.id   1Z06 
# 
_audit_conform.dict_name       mmcif_pdbx.dic 
_audit_conform.dict_version    5.389 
_audit_conform.dict_location   http://mmcif.pdb.org/dictionaries/ascii/mmcif_pdbx.dic 
# 
loop_
_database_2.database_id 
_database_2.database_code 
_database_2.pdbx_database_accession 
_database_2.pdbx_DOI 
PDB   1Z06         pdb_00001z06 10.2210/pdb1z06/pdb 
RCSB  RCSB032131   ?            ?                   
WWPDB D_1000032131 ?            ?                   
# 
loop_
_pdbx_audit_revision_history.ordinal 
_pdbx_audit_revision_history.data_content_type 
_pdbx_audit_revision_history.major_revision 
_pdbx_audit_revision_history.minor_revision 
_pdbx_audit_revision_history.revision_date 
1 'Structure model' 1 0 2005-07-26 
2 'Structure model' 1 1 2008-04-30 
3 'Structure model' 1 2 2011-07-13 
4 'Structure model' 1 3 2024-02-14 
5 'Structure model' 1 4 2024-04-03 
# 
_pdbx_audit_revision_details.ordinal             1 
_pdbx_audit_revision_details.revision_ordinal    1 
_pdbx_audit_revision_details.data_content_type   'Structure model' 
_pdbx_audit_revision_details.provider            repository 
_pdbx_audit_revision_details.type                'Initial release' 
_pdbx_audit_revision_details.description         ? 
_pdbx_audit_revision_details.details             ? 
# 
loop_
_pdbx_audit_revision_group.ordinal 
_pdbx_audit_revision_group.revision_ordinal 
_pdbx_audit_revision_group.data_content_type 
_pdbx_audit_revision_group.group 
1 2 'Structure model' 'Version format compliance' 
2 3 'Structure model' 'Version format compliance' 
3 4 'Structure model' 'Data collection'           
4 4 'Structure model' 'Database references'       
5 4 'Structure model' 'Derived calculations'      
6 5 'Structure model' 'Refinement description'    
# 
loop_
_pdbx_audit_revision_category.ordinal 
_pdbx_audit_revision_category.revision_ordinal 
_pdbx_audit_revision_category.data_content_type 
_pdbx_audit_revision_category.category 
1 4 'Structure model' chem_comp_atom                
2 4 'Structure model' chem_comp_bond                
3 4 'Structure model' database_2                    
4 4 'Structure model' pdbx_struct_conn_angle        
5 4 'Structure model' struct_conn                   
6 4 'Structure model' struct_ref_seq_dif            
7 4 'Structure model' struct_site                   
8 5 'Structure model' pdbx_initial_refinement_model 
# 
loop_
_pdbx_audit_revision_item.ordinal 
_pdbx_audit_revision_item.revision_ordinal 
_pdbx_audit_revision_item.data_content_type 
_pdbx_audit_revision_item.item 
1  4 'Structure model' '_database_2.pdbx_DOI'                        
2  4 'Structure model' '_database_2.pdbx_database_accession'         
3  4 'Structure model' '_pdbx_struct_conn_angle.ptnr1_auth_comp_id'  
4  4 'Structure model' '_pdbx_struct_conn_angle.ptnr1_auth_seq_id'   
5  4 'Structure model' '_pdbx_struct_conn_angle.ptnr1_label_asym_id' 
6  4 'Structure model' '_pdbx_struct_conn_angle.ptnr1_label_atom_id' 
7  4 'Structure model' '_pdbx_struct_conn_angle.ptnr1_label_comp_id' 
8  4 'Structure model' '_pdbx_struct_conn_angle.ptnr1_label_seq_id'  
9  4 'Structure model' '_pdbx_struct_conn_angle.ptnr3_auth_comp_id'  
10 4 'Structure model' '_pdbx_struct_conn_angle.ptnr3_auth_seq_id'   
11 4 'Structure model' '_pdbx_struct_conn_angle.ptnr3_label_asym_id' 
12 4 'Structure model' '_pdbx_struct_conn_angle.ptnr3_label_atom_id' 
13 4 'Structure model' '_pdbx_struct_conn_angle.ptnr3_label_comp_id' 
14 4 'Structure model' '_pdbx_struct_conn_angle.ptnr3_label_seq_id'  
15 4 'Structure model' '_pdbx_struct_conn_angle.value'               
16 4 'Structure model' '_struct_conn.pdbx_dist_value'                
17 4 'Structure model' '_struct_conn.ptnr1_auth_comp_id'             
18 4 'Structure model' '_struct_conn.ptnr1_auth_seq_id'              
19 4 'Structure model' '_struct_conn.ptnr1_label_asym_id'            
20 4 'Structure model' '_struct_conn.ptnr1_label_atom_id'            
21 4 'Structure model' '_struct_conn.ptnr1_label_comp_id'            
22 4 'Structure model' '_struct_conn.ptnr1_label_seq_id'             
23 4 'Structure model' '_struct_conn.ptnr2_auth_comp_id'             
24 4 'Structure model' '_struct_conn.ptnr2_auth_seq_id'              
25 4 'Structure model' '_struct_conn.ptnr2_label_asym_id'            
26 4 'Structure model' '_struct_conn.ptnr2_label_atom_id'            
27 4 'Structure model' '_struct_conn.ptnr2_label_comp_id'            
28 4 'Structure model' '_struct_conn.ptnr2_label_seq_id'             
29 4 'Structure model' '_struct_ref_seq_dif.details'                 
30 4 'Structure model' '_struct_site.pdbx_auth_asym_id'              
31 4 'Structure model' '_struct_site.pdbx_auth_comp_id'              
32 4 'Structure model' '_struct_site.pdbx_auth_seq_id'               
# 
_pdbx_database_status.status_code                     REL 
_pdbx_database_status.entry_id                        1Z06 
_pdbx_database_status.recvd_initial_deposition_date   2005-03-01 
_pdbx_database_status.deposit_site                    RCSB 
_pdbx_database_status.process_site                    RCSB 
_pdbx_database_status.status_code_sf                  REL 
_pdbx_database_status.status_code_mr                  ? 
_pdbx_database_status.SG_entry                        ? 
_pdbx_database_status.pdb_format_compatible           Y 
_pdbx_database_status.status_code_cs                  ? 
_pdbx_database_status.status_code_nmr_data            ? 
_pdbx_database_status.methods_development_category    ? 
# 
loop_
_audit_author.name 
_audit_author.pdbx_ordinal 
'Eathiraj, S.'    1 
'Pan, X.'         2 
'Ritacco, C.'     3 
'Lambright, D.G.' 4 
# 
_citation.id                        primary 
_citation.title                     'Structural basis of family-wide Rab GTPase recognition by rabenosyn-5.' 
_citation.journal_abbrev            Nature 
_citation.journal_volume            436 
_citation.page_first                415 
_citation.page_last                 419 
_citation.year                      2005 
_citation.journal_id_ASTM           NATUAS 
_citation.country                   UK 
_citation.journal_id_ISSN           0028-0836 
_citation.journal_id_CSD            0006 
_citation.book_publisher            ? 
_citation.pdbx_database_id_PubMed   16034420 
_citation.pdbx_database_id_DOI      10.1038/nature03798 
# 
loop_
_citation_author.citation_id 
_citation_author.name 
_citation_author.ordinal 
_citation_author.identifier_ORCID 
primary 'Eathiraj, S.'    1 ? 
primary 'Pan, X.'         2 ? 
primary 'Ritacco, C.'     3 ? 
primary 'Lambright, D.G.' 4 ? 
# 
loop_
_entity.id 
_entity.type 
_entity.src_method 
_entity.pdbx_description 
_entity.formula_weight 
_entity.pdbx_number_of_molecules 
_entity.pdbx_ec 
_entity.pdbx_mutation 
_entity.pdbx_fragment 
_entity.details 
1 polymer     man 'Ras-related protein Rab-33B'                 21683.803 1   ? ? ? ? 
2 non-polymer syn 'MAGNESIUM ION'                               24.305    1   ? ? ? ? 
3 non-polymer syn 'PHOSPHOAMINOPHOSPHONIC ACID-GUANYLATE ESTER' 522.196   1   ? ? ? ? 
4 water       nat water                                         18.015    111 ? ? ? ? 
# 
_entity_poly.entity_id                      1 
_entity_poly.type                           'polypeptide(L)' 
_entity_poly.nstd_linkage                   no 
_entity_poly.nstd_monomer                   no 
_entity_poly.pdbx_seq_one_letter_code       
;MGHHHHHHGSLVPRGSRSRIFKIIVIGDSNVGKTCLTYRFCAGRFPDRTEATIGVDFRERAVDIDGERIKIQLWDTAGQE
RFRKSMVQHYYRNVHAVVFVYDMTNMASFHSLPAWIEECKQHLLANDIPRILVGNKCDLRSAIQVPTDLAQKFADTHSMP
LFETSAKNPNDNDHVEAIFMTLAHKLKSH
;
_entity_poly.pdbx_seq_one_letter_code_can   
;MGHHHHHHGSLVPRGSRSRIFKIIVIGDSNVGKTCLTYRFCAGRFPDRTEATIGVDFRERAVDIDGERIKIQLWDTAGQE
RFRKSMVQHYYRNVHAVVFVYDMTNMASFHSLPAWIEECKQHLLANDIPRILVGNKCDLRSAIQVPTDLAQKFADTHSMP
LFETSAKNPNDNDHVEAIFMTLAHKLKSH
;
_entity_poly.pdbx_strand_id                 A 
_entity_poly.pdbx_target_identifier         ? 
# 
loop_
_pdbx_entity_nonpoly.entity_id 
_pdbx_entity_nonpoly.name 
_pdbx_entity_nonpoly.comp_id 
2 'MAGNESIUM ION'                               MG  
3 'PHOSPHOAMINOPHOSPHONIC ACID-GUANYLATE ESTER' GNP 
4 water                                         HOH 
# 
loop_
_entity_poly_seq.entity_id 
_entity_poly_seq.num 
_entity_poly_seq.mon_id 
_entity_poly_seq.hetero 
1 1   MET n 
1 2   GLY n 
1 3   HIS n 
1 4   HIS n 
1 5   HIS n 
1 6   HIS n 
1 7   HIS n 
1 8   HIS n 
1 9   GLY n 
1 10  SER n 
1 11  LEU n 
1 12  VAL n 
1 13  PRO n 
1 14  ARG n 
1 15  GLY n 
1 16  SER n 
1 17  ARG n 
1 18  SER n 
1 19  ARG n 
1 20  ILE n 
1 21  PHE n 
1 22  LYS n 
1 23  ILE n 
1 24  ILE n 
1 25  VAL n 
1 26  ILE n 
1 27  GLY n 
1 28  ASP n 
1 29  SER n 
1 30  ASN n 
1 31  VAL n 
1 32  GLY n 
1 33  LYS n 
1 34  THR n 
1 35  CYS n 
1 36  LEU n 
1 37  THR n 
1 38  TYR n 
1 39  ARG n 
1 40  PHE n 
1 41  CYS n 
1 42  ALA n 
1 43  GLY n 
1 44  ARG n 
1 45  PHE n 
1 46  PRO n 
1 47  ASP n 
1 48  ARG n 
1 49  THR n 
1 50  GLU n 
1 51  ALA n 
1 52  THR n 
1 53  ILE n 
1 54  GLY n 
1 55  VAL n 
1 56  ASP n 
1 57  PHE n 
1 58  ARG n 
1 59  GLU n 
1 60  ARG n 
1 61  ALA n 
1 62  VAL n 
1 63  ASP n 
1 64  ILE n 
1 65  ASP n 
1 66  GLY n 
1 67  GLU n 
1 68  ARG n 
1 69  ILE n 
1 70  LYS n 
1 71  ILE n 
1 72  GLN n 
1 73  LEU n 
1 74  TRP n 
1 75  ASP n 
1 76  THR n 
1 77  ALA n 
1 78  GLY n 
1 79  GLN n 
1 80  GLU n 
1 81  ARG n 
1 82  PHE n 
1 83  ARG n 
1 84  LYS n 
1 85  SER n 
1 86  MET n 
1 87  VAL n 
1 88  GLN n 
1 89  HIS n 
1 90  TYR n 
1 91  TYR n 
1 92  ARG n 
1 93  ASN n 
1 94  VAL n 
1 95  HIS n 
1 96  ALA n 
1 97  VAL n 
1 98  VAL n 
1 99  PHE n 
1 100 VAL n 
1 101 TYR n 
1 102 ASP n 
1 103 MET n 
1 104 THR n 
1 105 ASN n 
1 106 MET n 
1 107 ALA n 
1 108 SER n 
1 109 PHE n 
1 110 HIS n 
1 111 SER n 
1 112 LEU n 
1 113 PRO n 
1 114 ALA n 
1 115 TRP n 
1 116 ILE n 
1 117 GLU n 
1 118 GLU n 
1 119 CYS n 
1 120 LYS n 
1 121 GLN n 
1 122 HIS n 
1 123 LEU n 
1 124 LEU n 
1 125 ALA n 
1 126 ASN n 
1 127 ASP n 
1 128 ILE n 
1 129 PRO n 
1 130 ARG n 
1 131 ILE n 
1 132 LEU n 
1 133 VAL n 
1 134 GLY n 
1 135 ASN n 
1 136 LYS n 
1 137 CYS n 
1 138 ASP n 
1 139 LEU n 
1 140 ARG n 
1 141 SER n 
1 142 ALA n 
1 143 ILE n 
1 144 GLN n 
1 145 VAL n 
1 146 PRO n 
1 147 THR n 
1 148 ASP n 
1 149 LEU n 
1 150 ALA n 
1 151 GLN n 
1 152 LYS n 
1 153 PHE n 
1 154 ALA n 
1 155 ASP n 
1 156 THR n 
1 157 HIS n 
1 158 SER n 
1 159 MET n 
1 160 PRO n 
1 161 LEU n 
1 162 PHE n 
1 163 GLU n 
1 164 THR n 
1 165 SER n 
1 166 ALA n 
1 167 LYS n 
1 168 ASN n 
1 169 PRO n 
1 170 ASN n 
1 171 ASP n 
1 172 ASN n 
1 173 ASP n 
1 174 HIS n 
1 175 VAL n 
1 176 GLU n 
1 177 ALA n 
1 178 ILE n 
1 179 PHE n 
1 180 MET n 
1 181 THR n 
1 182 LEU n 
1 183 ALA n 
1 184 HIS n 
1 185 LYS n 
1 186 LEU n 
1 187 LYS n 
1 188 SER n 
1 189 HIS n 
# 
_entity_src_gen.entity_id                          1 
_entity_src_gen.pdbx_src_id                        1 
_entity_src_gen.pdbx_alt_source_flag               sample 
_entity_src_gen.pdbx_seq_type                      ? 
_entity_src_gen.pdbx_beg_seq_num                   ? 
_entity_src_gen.pdbx_end_seq_num                   ? 
_entity_src_gen.gene_src_common_name               'house mouse' 
_entity_src_gen.gene_src_genus                     Mus 
_entity_src_gen.pdbx_gene_src_gene                 Rab33b 
_entity_src_gen.gene_src_species                   ? 
_entity_src_gen.gene_src_strain                    ? 
_entity_src_gen.gene_src_tissue                    ? 
_entity_src_gen.gene_src_tissue_fraction           ? 
_entity_src_gen.gene_src_details                   ? 
_entity_src_gen.pdbx_gene_src_fragment             ? 
_entity_src_gen.pdbx_gene_src_scientific_name      'Mus musculus' 
_entity_src_gen.pdbx_gene_src_ncbi_taxonomy_id     10090 
_entity_src_gen.pdbx_gene_src_variant              ? 
_entity_src_gen.pdbx_gene_src_cell_line            ? 
_entity_src_gen.pdbx_gene_src_atcc                 ? 
_entity_src_gen.pdbx_gene_src_organ                ? 
_entity_src_gen.pdbx_gene_src_organelle            ? 
_entity_src_gen.pdbx_gene_src_cell                 ? 
_entity_src_gen.pdbx_gene_src_cellular_location    ? 
_entity_src_gen.host_org_common_name               ? 
_entity_src_gen.pdbx_host_org_scientific_name      'Escherichia coli' 
_entity_src_gen.pdbx_host_org_ncbi_taxonomy_id     562 
_entity_src_gen.host_org_genus                     Escherichia 
_entity_src_gen.pdbx_host_org_gene                 ? 
_entity_src_gen.pdbx_host_org_organ                ? 
_entity_src_gen.host_org_species                   ? 
_entity_src_gen.pdbx_host_org_tissue               ? 
_entity_src_gen.pdbx_host_org_tissue_fraction      ? 
_entity_src_gen.pdbx_host_org_strain               'BL21 (DE3) Codon Plus-RIL Cells' 
_entity_src_gen.pdbx_host_org_variant              ? 
_entity_src_gen.pdbx_host_org_cell_line            ? 
_entity_src_gen.pdbx_host_org_atcc                 ? 
_entity_src_gen.pdbx_host_org_culture_collection   ? 
_entity_src_gen.pdbx_host_org_cell                 ? 
_entity_src_gen.pdbx_host_org_organelle            ? 
_entity_src_gen.pdbx_host_org_cellular_location    ? 
_entity_src_gen.pdbx_host_org_vector_type          '6xHis fusion, pET vector' 
_entity_src_gen.pdbx_host_org_vector               ? 
_entity_src_gen.host_org_details                   ? 
_entity_src_gen.expression_system_id               ? 
_entity_src_gen.plasmid_name                       'modified pET15b' 
_entity_src_gen.plasmid_details                    ? 
_entity_src_gen.pdbx_description                   ? 
# 
loop_
_chem_comp.id 
_chem_comp.type 
_chem_comp.mon_nstd_flag 
_chem_comp.name 
_chem_comp.pdbx_synonyms 
_chem_comp.formula 
_chem_comp.formula_weight 
ALA 'L-peptide linking' y ALANINE                                       ? 'C3 H7 N O2'        89.093  
ARG 'L-peptide linking' y ARGININE                                      ? 'C6 H15 N4 O2 1'    175.209 
ASN 'L-peptide linking' y ASPARAGINE                                    ? 'C4 H8 N2 O3'       132.118 
ASP 'L-peptide linking' y 'ASPARTIC ACID'                               ? 'C4 H7 N O4'        133.103 
CYS 'L-peptide linking' y CYSTEINE                                      ? 'C3 H7 N O2 S'      121.158 
GLN 'L-peptide linking' y GLUTAMINE                                     ? 'C5 H10 N2 O3'      146.144 
GLU 'L-peptide linking' y 'GLUTAMIC ACID'                               ? 'C5 H9 N O4'        147.129 
GLY 'peptide linking'   y GLYCINE                                       ? 'C2 H5 N O2'        75.067  
GNP non-polymer         . 'PHOSPHOAMINOPHOSPHONIC ACID-GUANYLATE ESTER' ? 'C10 H17 N6 O13 P3' 522.196 
HIS 'L-peptide linking' y HISTIDINE                                     ? 'C6 H10 N3 O2 1'    156.162 
HOH non-polymer         . WATER                                         ? 'H2 O'              18.015  
ILE 'L-peptide linking' y ISOLEUCINE                                    ? 'C6 H13 N O2'       131.173 
LEU 'L-peptide linking' y LEUCINE                                       ? 'C6 H13 N O2'       131.173 
LYS 'L-peptide linking' y LYSINE                                        ? 'C6 H15 N2 O2 1'    147.195 
MET 'L-peptide linking' y METHIONINE                                    ? 'C5 H11 N O2 S'     149.211 
MG  non-polymer         . 'MAGNESIUM ION'                               ? 'Mg 2'              24.305  
PHE 'L-peptide linking' y PHENYLALANINE                                 ? 'C9 H11 N O2'       165.189 
PRO 'L-peptide linking' y PROLINE                                       ? 'C5 H9 N O2'        115.130 
SER 'L-peptide linking' y SERINE                                        ? 'C3 H7 N O3'        105.093 
THR 'L-peptide linking' y THREONINE                                     ? 'C4 H9 N O3'        119.119 
TRP 'L-peptide linking' y TRYPTOPHAN                                    ? 'C11 H12 N2 O2'     204.225 
TYR 'L-peptide linking' y TYROSINE                                      ? 'C9 H11 N O3'       181.189 
VAL 'L-peptide linking' y VALINE                                        ? 'C5 H11 N O2'       117.146 
# 
loop_
_pdbx_poly_seq_scheme.asym_id 
_pdbx_poly_seq_scheme.entity_id 
_pdbx_poly_seq_scheme.seq_id 
_pdbx_poly_seq_scheme.mon_id 
_pdbx_poly_seq_scheme.ndb_seq_num 
_pdbx_poly_seq_scheme.pdb_seq_num 
_pdbx_poly_seq_scheme.auth_seq_num 
_pdbx_poly_seq_scheme.pdb_mon_id 
_pdbx_poly_seq_scheme.auth_mon_id 
_pdbx_poly_seq_scheme.pdb_strand_id 
_pdbx_poly_seq_scheme.pdb_ins_code 
_pdbx_poly_seq_scheme.hetero 
A 1 1   MET 1   14  ?   ?   ?   A . n 
A 1 2   GLY 2   15  ?   ?   ?   A . n 
A 1 3   HIS 3   16  ?   ?   ?   A . n 
A 1 4   HIS 4   17  ?   ?   ?   A . n 
A 1 5   HIS 5   18  ?   ?   ?   A . n 
A 1 6   HIS 6   19  ?   ?   ?   A . n 
A 1 7   HIS 7   20  ?   ?   ?   A . n 
A 1 8   HIS 8   21  ?   ?   ?   A . n 
A 1 9   GLY 9   22  ?   ?   ?   A . n 
A 1 10  SER 10  23  ?   ?   ?   A . n 
A 1 11  LEU 11  24  ?   ?   ?   A . n 
A 1 12  VAL 12  25  ?   ?   ?   A . n 
A 1 13  PRO 13  26  ?   ?   ?   A . n 
A 1 14  ARG 14  27  ?   ?   ?   A . n 
A 1 15  GLY 15  28  ?   ?   ?   A . n 
A 1 16  SER 16  29  ?   ?   ?   A . n 
A 1 17  ARG 17  30  ?   ?   ?   A . n 
A 1 18  SER 18  31  ?   ?   ?   A . n 
A 1 19  ARG 19  32  32  ARG ALA A . n 
A 1 20  ILE 20  33  33  ILE ILE A . n 
A 1 21  PHE 21  34  34  PHE PHE A . n 
A 1 22  LYS 22  35  35  LYS LYS A . n 
A 1 23  ILE 23  36  36  ILE ILE A . n 
A 1 24  ILE 24  37  37  ILE ILE A . n 
A 1 25  VAL 25  38  38  VAL VAL A . n 
A 1 26  ILE 26  39  39  ILE ILE A . n 
A 1 27  GLY 27  40  40  GLY GLY A . n 
A 1 28  ASP 28  41  41  ASP ASP A . n 
A 1 29  SER 29  42  42  SER SER A . n 
A 1 30  ASN 30  43  43  ASN ASN A . n 
A 1 31  VAL 31  44  44  VAL VAL A . n 
A 1 32  GLY 32  45  45  GLY GLY A . n 
A 1 33  LYS 33  46  46  LYS LYS A . n 
A 1 34  THR 34  47  47  THR THR A . n 
A 1 35  CYS 35  48  48  CYS CYS A . n 
A 1 36  LEU 36  49  49  LEU LEU A . n 
A 1 37  THR 37  50  50  THR THR A . n 
A 1 38  TYR 38  51  51  TYR TYR A . n 
A 1 39  ARG 39  52  52  ARG ARG A . n 
A 1 40  PHE 40  53  53  PHE PHE A . n 
A 1 41  CYS 41  54  54  CYS CYS A . n 
A 1 42  ALA 42  55  55  ALA ALA A . n 
A 1 43  GLY 43  56  56  GLY GLY A . n 
A 1 44  ARG 44  57  57  ARG ARG A . n 
A 1 45  PHE 45  58  58  PHE PHE A . n 
A 1 46  PRO 46  59  59  PRO PRO A . n 
A 1 47  ASP 47  60  60  ASP ASP A . n 
A 1 48  ARG 48  61  61  ARG ARG A . n 
A 1 49  THR 49  62  62  THR THR A . n 
A 1 50  GLU 50  63  63  GLU ALA A . n 
A 1 51  ALA 51  64  64  ALA ALA A . n 
A 1 52  THR 52  65  65  THR THR A . n 
A 1 53  ILE 53  66  66  ILE ALA A . n 
A 1 54  GLY 54  67  67  GLY GLY A . n 
A 1 55  VAL 55  68  68  VAL VAL A . n 
A 1 56  ASP 56  69  69  ASP ASP A . n 
A 1 57  PHE 57  70  70  PHE PHE A . n 
A 1 58  ARG 58  71  71  ARG ARG A . n 
A 1 59  GLU 59  72  72  GLU GLU A . n 
A 1 60  ARG 60  73  73  ARG ARG A . n 
A 1 61  ALA 61  74  74  ALA ALA A . n 
A 1 62  VAL 62  75  75  VAL VAL A . n 
A 1 63  ASP 63  76  76  ASP ASP A . n 
A 1 64  ILE 64  77  77  ILE ILE A . n 
A 1 65  ASP 65  78  78  ASP ASP A . n 
A 1 66  GLY 66  79  79  GLY GLY A . n 
A 1 67  GLU 67  80  80  GLU GLU A . n 
A 1 68  ARG 68  81  81  ARG ARG A . n 
A 1 69  ILE 69  82  82  ILE ILE A . n 
A 1 70  LYS 70  83  83  LYS LYS A . n 
A 1 71  ILE 71  84  84  ILE ILE A . n 
A 1 72  GLN 72  85  85  GLN GLN A . n 
A 1 73  LEU 73  86  86  LEU LEU A . n 
A 1 74  TRP 74  87  87  TRP TRP A . n 
A 1 75  ASP 75  88  88  ASP ASP A . n 
A 1 76  THR 76  89  89  THR THR A . n 
A 1 77  ALA 77  90  90  ALA ALA A . n 
A 1 78  GLY 78  91  91  GLY GLY A . n 
A 1 79  GLN 79  92  92  GLN GLN A . n 
A 1 80  GLU 80  93  93  GLU GLU A . n 
A 1 81  ARG 81  94  94  ARG ALA A . n 
A 1 82  PHE 82  95  95  PHE PHE A . n 
A 1 83  ARG 83  96  96  ARG ARG A . n 
A 1 84  LYS 84  97  97  LYS LYS A . n 
A 1 85  SER 85  98  98  SER SER A . n 
A 1 86  MET 86  99  99  MET MET A . n 
A 1 87  VAL 87  100 100 VAL VAL A . n 
A 1 88  GLN 88  101 101 GLN GLN A . n 
A 1 89  HIS 89  102 102 HIS HIS A . n 
A 1 90  TYR 90  103 103 TYR TYR A . n 
A 1 91  TYR 91  104 104 TYR TYR A . n 
A 1 92  ARG 92  105 105 ARG ARG A . n 
A 1 93  ASN 93  106 106 ASN ASN A . n 
A 1 94  VAL 94  107 107 VAL VAL A . n 
A 1 95  HIS 95  108 108 HIS HIS A . n 
A 1 96  ALA 96  109 109 ALA ALA A . n 
A 1 97  VAL 97  110 110 VAL VAL A . n 
A 1 98  VAL 98  111 111 VAL VAL A . n 
A 1 99  PHE 99  112 112 PHE PHE A . n 
A 1 100 VAL 100 113 113 VAL VAL A . n 
A 1 101 TYR 101 114 114 TYR TYR A . n 
A 1 102 ASP 102 115 115 ASP ASP A . n 
A 1 103 MET 103 116 116 MET MET A . n 
A 1 104 THR 104 117 117 THR THR A . n 
A 1 105 ASN 105 118 118 ASN ASN A . n 
A 1 106 MET 106 119 119 MET MET A . n 
A 1 107 ALA 107 120 120 ALA ALA A . n 
A 1 108 SER 108 121 121 SER SER A . n 
A 1 109 PHE 109 122 122 PHE PHE A . n 
A 1 110 HIS 110 123 123 HIS HIS A . n 
A 1 111 SER 111 124 124 SER SER A . n 
A 1 112 LEU 112 125 125 LEU LEU A . n 
A 1 113 PRO 113 126 126 PRO PRO A . n 
A 1 114 ALA 114 127 127 ALA ALA A . n 
A 1 115 TRP 115 128 128 TRP TRP A . n 
A 1 116 ILE 116 129 129 ILE ILE A . n 
A 1 117 GLU 117 130 130 GLU GLU A . n 
A 1 118 GLU 118 131 131 GLU GLU A . n 
A 1 119 CYS 119 132 132 CYS CYS A . n 
A 1 120 LYS 120 133 133 LYS LYS A . n 
A 1 121 GLN 121 134 134 GLN GLN A . n 
A 1 122 HIS 122 135 135 HIS HIS A . n 
A 1 123 LEU 123 136 136 LEU LEU A . n 
A 1 124 LEU 124 137 137 LEU GLY A . n 
A 1 125 ALA 125 138 138 ALA ALA A . n 
A 1 126 ASN 126 139 139 ASN ALA A . n 
A 1 127 ASP 127 140 140 ASP ALA A . n 
A 1 128 ILE 128 141 141 ILE ILE A . n 
A 1 129 PRO 129 142 142 PRO PRO A . n 
A 1 130 ARG 130 143 143 ARG ARG A . n 
A 1 131 ILE 131 144 144 ILE ILE A . n 
A 1 132 LEU 132 145 145 LEU LEU A . n 
A 1 133 VAL 133 146 146 VAL VAL A . n 
A 1 134 GLY 134 147 147 GLY GLY A . n 
A 1 135 ASN 135 148 148 ASN ASN A . n 
A 1 136 LYS 136 149 149 LYS LYS A . n 
A 1 137 CYS 137 150 150 CYS CYS A . n 
A 1 138 ASP 138 151 151 ASP ASP A . n 
A 1 139 LEU 139 152 152 LEU LEU A . n 
A 1 140 ARG 140 153 153 ARG ALA A . n 
A 1 141 SER 141 154 154 SER SER A . n 
A 1 142 ALA 142 155 155 ALA ALA A . n 
A 1 143 ILE 143 156 156 ILE ILE A . n 
A 1 144 GLN 144 157 157 GLN GLN A . n 
A 1 145 VAL 145 158 158 VAL VAL A . n 
A 1 146 PRO 146 159 159 PRO PRO A . n 
A 1 147 THR 147 160 160 THR THR A . n 
A 1 148 ASP 148 161 161 ASP ALA A . n 
A 1 149 LEU 149 162 162 LEU LEU A . n 
A 1 150 ALA 150 163 163 ALA ALA A . n 
A 1 151 GLN 151 164 164 GLN GLN A . n 
A 1 152 LYS 152 165 165 LYS ALA A . n 
A 1 153 PHE 153 166 166 PHE PHE A . n 
A 1 154 ALA 154 167 167 ALA ALA A . n 
A 1 155 ASP 155 168 168 ASP ASP A . n 
A 1 156 THR 156 169 169 THR THR A . n 
A 1 157 HIS 157 170 170 HIS HIS A . n 
A 1 158 SER 158 171 171 SER SER A . n 
A 1 159 MET 159 172 172 MET MET A . n 
A 1 160 PRO 160 173 173 PRO PRO A . n 
A 1 161 LEU 161 174 174 LEU LEU A . n 
A 1 162 PHE 162 175 175 PHE PHE A . n 
A 1 163 GLU 163 176 176 GLU GLU A . n 
A 1 164 THR 164 177 177 THR THR A . n 
A 1 165 SER 165 178 178 SER SER A . n 
A 1 166 ALA 166 179 179 ALA ALA A . n 
A 1 167 LYS 167 180 180 LYS LYS A . n 
A 1 168 ASN 168 181 181 ASN ALA A . n 
A 1 169 PRO 169 182 182 PRO ALA A . n 
A 1 170 ASN 170 183 183 ASN ALA A . n 
A 1 171 ASP 171 184 184 ASP ALA A . n 
A 1 172 ASN 172 185 185 ASN ALA A . n 
A 1 173 ASP 173 186 186 ASP ALA A . n 
A 1 174 HIS 174 187 187 HIS HIS A . n 
A 1 175 VAL 175 188 188 VAL VAL A . n 
A 1 176 GLU 176 189 189 GLU GLU A . n 
A 1 177 ALA 177 190 190 ALA ALA A . n 
A 1 178 ILE 178 191 191 ILE ILE A . n 
A 1 179 PHE 179 192 192 PHE PHE A . n 
A 1 180 MET 180 193 193 MET MET A . n 
A 1 181 THR 181 194 194 THR THR A . n 
A 1 182 LEU 182 195 195 LEU LEU A . n 
A 1 183 ALA 183 196 196 ALA ALA A . n 
A 1 184 HIS 184 197 ?   ?   ?   A . n 
A 1 185 LYS 185 198 ?   ?   ?   A . n 
A 1 186 LEU 186 199 ?   ?   ?   A . n 
A 1 187 LYS 187 200 ?   ?   ?   A . n 
A 1 188 SER 188 201 ?   ?   ?   A . n 
A 1 189 HIS 189 202 ?   ?   ?   A . n 
# 
loop_
_pdbx_nonpoly_scheme.asym_id 
_pdbx_nonpoly_scheme.entity_id 
_pdbx_nonpoly_scheme.mon_id 
_pdbx_nonpoly_scheme.ndb_seq_num 
_pdbx_nonpoly_scheme.pdb_seq_num 
_pdbx_nonpoly_scheme.auth_seq_num 
_pdbx_nonpoly_scheme.pdb_mon_id 
_pdbx_nonpoly_scheme.auth_mon_id 
_pdbx_nonpoly_scheme.pdb_strand_id 
_pdbx_nonpoly_scheme.pdb_ins_code 
B 2 MG  1   203 201 MG  MG  A . 
C 3 GNP 1   204 200 GNP GNP A . 
D 4 HOH 1   205 1   HOH HOH A . 
D 4 HOH 2   206 2   HOH HOH A . 
D 4 HOH 3   207 3   HOH HOH A . 
D 4 HOH 4   208 5   HOH HOH A . 
D 4 HOH 5   209 7   HOH HOH A . 
D 4 HOH 6   210 8   HOH HOH A . 
D 4 HOH 7   211 11  HOH HOH A . 
D 4 HOH 8   212 12  HOH HOH A . 
D 4 HOH 9   213 13  HOH HOH A . 
D 4 HOH 10  214 14  HOH HOH A . 
D 4 HOH 11  215 15  HOH HOH A . 
D 4 HOH 12  216 16  HOH HOH A . 
D 4 HOH 13  217 17  HOH HOH A . 
D 4 HOH 14  218 19  HOH HOH A . 
D 4 HOH 15  219 22  HOH HOH A . 
D 4 HOH 16  220 23  HOH HOH A . 
D 4 HOH 17  221 24  HOH HOH A . 
D 4 HOH 18  222 25  HOH HOH A . 
D 4 HOH 19  223 26  HOH HOH A . 
D 4 HOH 20  224 27  HOH HOH A . 
D 4 HOH 21  225 28  HOH HOH A . 
D 4 HOH 22  226 29  HOH HOH A . 
D 4 HOH 23  227 30  HOH HOH A . 
D 4 HOH 24  228 31  HOH HOH A . 
D 4 HOH 25  229 32  HOH HOH A . 
D 4 HOH 26  230 33  HOH HOH A . 
D 4 HOH 27  231 35  HOH HOH A . 
D 4 HOH 28  232 36  HOH HOH A . 
D 4 HOH 29  233 37  HOH HOH A . 
D 4 HOH 30  234 38  HOH HOH A . 
D 4 HOH 31  235 39  HOH HOH A . 
D 4 HOH 32  236 40  HOH HOH A . 
D 4 HOH 33  237 41  HOH HOH A . 
D 4 HOH 34  238 42  HOH HOH A . 
D 4 HOH 35  239 43  HOH HOH A . 
D 4 HOH 36  240 44  HOH HOH A . 
D 4 HOH 37  241 45  HOH HOH A . 
D 4 HOH 38  242 46  HOH HOH A . 
D 4 HOH 39  243 49  HOH HOH A . 
D 4 HOH 40  244 50  HOH HOH A . 
D 4 HOH 41  245 51  HOH HOH A . 
D 4 HOH 42  246 52  HOH HOH A . 
D 4 HOH 43  247 53  HOH HOH A . 
D 4 HOH 44  248 54  HOH HOH A . 
D 4 HOH 45  249 56  HOH HOH A . 
D 4 HOH 46  250 58  HOH HOH A . 
D 4 HOH 47  251 59  HOH HOH A . 
D 4 HOH 48  252 60  HOH HOH A . 
D 4 HOH 49  253 61  HOH HOH A . 
D 4 HOH 50  254 62  HOH HOH A . 
D 4 HOH 51  255 63  HOH HOH A . 
D 4 HOH 52  256 65  HOH HOH A . 
D 4 HOH 53  257 66  HOH HOH A . 
D 4 HOH 54  258 69  HOH HOH A . 
D 4 HOH 55  259 73  HOH HOH A . 
D 4 HOH 56  260 74  HOH HOH A . 
D 4 HOH 57  261 75  HOH HOH A . 
D 4 HOH 58  262 76  HOH HOH A . 
D 4 HOH 59  263 78  HOH HOH A . 
D 4 HOH 60  264 79  HOH HOH A . 
D 4 HOH 61  265 84  HOH HOH A . 
D 4 HOH 62  266 85  HOH HOH A . 
D 4 HOH 63  267 86  HOH HOH A . 
D 4 HOH 64  268 87  HOH HOH A . 
D 4 HOH 65  269 88  HOH HOH A . 
D 4 HOH 66  270 89  HOH HOH A . 
D 4 HOH 67  271 91  HOH HOH A . 
D 4 HOH 68  272 92  HOH HOH A . 
D 4 HOH 69  273 93  HOH HOH A . 
D 4 HOH 70  274 95  HOH HOH A . 
D 4 HOH 71  275 97  HOH HOH A . 
D 4 HOH 72  276 99  HOH HOH A . 
D 4 HOH 73  277 101 HOH HOH A . 
D 4 HOH 74  278 102 HOH HOH A . 
D 4 HOH 75  279 104 HOH HOH A . 
D 4 HOH 76  280 105 HOH HOH A . 
D 4 HOH 77  281 106 HOH HOH A . 
D 4 HOH 78  282 108 HOH HOH A . 
D 4 HOH 79  283 110 HOH HOH A . 
D 4 HOH 80  284 111 HOH HOH A . 
D 4 HOH 81  285 114 HOH HOH A . 
D 4 HOH 82  286 115 HOH HOH A . 
D 4 HOH 83  287 117 HOH HOH A . 
D 4 HOH 84  288 118 HOH HOH A . 
D 4 HOH 85  289 120 HOH HOH A . 
D 4 HOH 86  290 121 HOH HOH A . 
D 4 HOH 87  291 122 HOH HOH A . 
D 4 HOH 88  292 123 HOH HOH A . 
D 4 HOH 89  293 127 HOH HOH A . 
D 4 HOH 90  294 129 HOH HOH A . 
D 4 HOH 91  295 132 HOH HOH A . 
D 4 HOH 92  296 133 HOH HOH A . 
D 4 HOH 93  297 136 HOH HOH A . 
D 4 HOH 94  298 137 HOH HOH A . 
D 4 HOH 95  299 140 HOH HOH A . 
D 4 HOH 96  300 141 HOH HOH A . 
D 4 HOH 97  301 142 HOH HOH A . 
D 4 HOH 98  302 144 HOH HOH A . 
D 4 HOH 99  303 145 HOH HOH A . 
D 4 HOH 100 304 147 HOH HOH A . 
D 4 HOH 101 305 150 HOH HOH A . 
D 4 HOH 102 306 151 HOH HOH A . 
D 4 HOH 103 307 152 HOH HOH A . 
D 4 HOH 104 308 154 HOH HOH A . 
D 4 HOH 105 309 156 HOH HOH A . 
D 4 HOH 106 310 159 HOH HOH A . 
D 4 HOH 107 311 160 HOH HOH A . 
D 4 HOH 108 312 166 HOH HOH A . 
D 4 HOH 109 313 167 HOH HOH A . 
D 4 HOH 110 314 169 HOH HOH A . 
D 4 HOH 111 315 175 HOH HOH A . 
# 
loop_
_pdbx_unobs_or_zero_occ_atoms.id 
_pdbx_unobs_or_zero_occ_atoms.PDB_model_num 
_pdbx_unobs_or_zero_occ_atoms.polymer_flag 
_pdbx_unobs_or_zero_occ_atoms.occupancy_flag 
_pdbx_unobs_or_zero_occ_atoms.auth_asym_id 
_pdbx_unobs_or_zero_occ_atoms.auth_comp_id 
_pdbx_unobs_or_zero_occ_atoms.auth_seq_id 
_pdbx_unobs_or_zero_occ_atoms.PDB_ins_code 
_pdbx_unobs_or_zero_occ_atoms.auth_atom_id 
_pdbx_unobs_or_zero_occ_atoms.label_alt_id 
_pdbx_unobs_or_zero_occ_atoms.label_asym_id 
_pdbx_unobs_or_zero_occ_atoms.label_comp_id 
_pdbx_unobs_or_zero_occ_atoms.label_seq_id 
_pdbx_unobs_or_zero_occ_atoms.label_atom_id 
1  1 Y 1 A ARG 32  ? CG  ? A ARG 19  CG  
2  1 Y 1 A ARG 32  ? CD  ? A ARG 19  CD  
3  1 Y 1 A ARG 32  ? NE  ? A ARG 19  NE  
4  1 Y 1 A ARG 32  ? CZ  ? A ARG 19  CZ  
5  1 Y 1 A ARG 32  ? NH1 ? A ARG 19  NH1 
6  1 Y 1 A ARG 32  ? NH2 ? A ARG 19  NH2 
7  1 Y 1 A GLU 63  ? CG  ? A GLU 50  CG  
8  1 Y 1 A GLU 63  ? CD  ? A GLU 50  CD  
9  1 Y 1 A GLU 63  ? OE1 ? A GLU 50  OE1 
10 1 Y 1 A GLU 63  ? OE2 ? A GLU 50  OE2 
11 1 Y 1 A ILE 66  ? CG1 ? A ILE 53  CG1 
12 1 Y 1 A ILE 66  ? CG2 ? A ILE 53  CG2 
13 1 Y 1 A ILE 66  ? CD1 ? A ILE 53  CD1 
14 1 Y 1 A ARG 94  ? CG  ? A ARG 81  CG  
15 1 Y 1 A ARG 94  ? CD  ? A ARG 81  CD  
16 1 Y 1 A ARG 94  ? NE  ? A ARG 81  NE  
17 1 Y 1 A ARG 94  ? CZ  ? A ARG 81  CZ  
18 1 Y 1 A ARG 94  ? NH1 ? A ARG 81  NH1 
19 1 Y 1 A ARG 94  ? NH2 ? A ARG 81  NH2 
20 1 Y 1 A LEU 137 ? CB  ? A LEU 124 CB  
21 1 Y 1 A LEU 137 ? CG  ? A LEU 124 CG  
22 1 Y 1 A LEU 137 ? CD1 ? A LEU 124 CD1 
23 1 Y 1 A LEU 137 ? CD2 ? A LEU 124 CD2 
24 1 Y 1 A ASN 139 ? CG  ? A ASN 126 CG  
25 1 Y 1 A ASN 139 ? OD1 ? A ASN 126 OD1 
26 1 Y 1 A ASN 139 ? ND2 ? A ASN 126 ND2 
27 1 Y 1 A ASP 140 ? CG  ? A ASP 127 CG  
28 1 Y 1 A ASP 140 ? OD1 ? A ASP 127 OD1 
29 1 Y 1 A ASP 140 ? OD2 ? A ASP 127 OD2 
30 1 Y 1 A ARG 153 ? CG  ? A ARG 140 CG  
31 1 Y 1 A ARG 153 ? CD  ? A ARG 140 CD  
32 1 Y 1 A ARG 153 ? NE  ? A ARG 140 NE  
33 1 Y 1 A ARG 153 ? CZ  ? A ARG 140 CZ  
34 1 Y 1 A ARG 153 ? NH1 ? A ARG 140 NH1 
35 1 Y 1 A ARG 153 ? NH2 ? A ARG 140 NH2 
36 1 Y 1 A ASP 161 ? CG  ? A ASP 148 CG  
37 1 Y 1 A ASP 161 ? OD1 ? A ASP 148 OD1 
38 1 Y 1 A ASP 161 ? OD2 ? A ASP 148 OD2 
39 1 Y 1 A LYS 165 ? CG  ? A LYS 152 CG  
40 1 Y 1 A LYS 165 ? CD  ? A LYS 152 CD  
41 1 Y 1 A LYS 165 ? CE  ? A LYS 152 CE  
42 1 Y 1 A LYS 165 ? NZ  ? A LYS 152 NZ  
43 1 Y 1 A ASN 181 ? CG  ? A ASN 168 CG  
44 1 Y 1 A ASN 181 ? OD1 ? A ASN 168 OD1 
45 1 Y 1 A ASN 181 ? ND2 ? A ASN 168 ND2 
46 1 Y 1 A PRO 182 ? CG  ? A PRO 169 CG  
47 1 Y 1 A PRO 182 ? CD  ? A PRO 169 CD  
48 1 Y 1 A ASN 183 ? CG  ? A ASN 170 CG  
49 1 Y 1 A ASN 183 ? OD1 ? A ASN 170 OD1 
50 1 Y 1 A ASN 183 ? ND2 ? A ASN 170 ND2 
51 1 Y 1 A ASP 184 ? CG  ? A ASP 171 CG  
52 1 Y 1 A ASP 184 ? OD1 ? A ASP 171 OD1 
53 1 Y 1 A ASP 184 ? OD2 ? A ASP 171 OD2 
54 1 Y 1 A ASN 185 ? CG  ? A ASN 172 CG  
55 1 Y 1 A ASN 185 ? OD1 ? A ASN 172 OD1 
56 1 Y 1 A ASN 185 ? ND2 ? A ASN 172 ND2 
57 1 Y 1 A ASP 186 ? CG  ? A ASP 173 CG  
58 1 Y 1 A ASP 186 ? OD1 ? A ASP 173 OD1 
59 1 Y 1 A ASP 186 ? OD2 ? A ASP 173 OD2 
# 
loop_
_software.name 
_software.classification 
_software.version 
_software.citation_id 
_software.pdbx_ordinal 
REFMAC    refinement       5.2.0005 ? 1 
DENZO     'data reduction' .        ? 2 
SCALEPACK 'data scaling'   .        ? 3 
AMoRE     phasing          .        ? 4 
# 
_cell.entry_id           1Z06 
_cell.length_a           56.194 
_cell.length_b           56.194 
_cell.length_c           55.039 
_cell.angle_alpha        90.00 
_cell.angle_beta         90.00 
_cell.angle_gamma        120.00 
_cell.Z_PDB              3 
_cell.pdbx_unique_axis   ? 
# 
_symmetry.entry_id                         1Z06 
_symmetry.space_group_name_H-M             'P 32' 
_symmetry.pdbx_full_space_group_name_H-M   ? 
_symmetry.cell_setting                     ? 
_symmetry.Int_Tables_number                145 
_symmetry.space_group_name_Hall            ? 
# 
_exptl.entry_id          1Z06 
_exptl.method            'X-RAY DIFFRACTION' 
_exptl.crystals_number   1 
# 
_exptl_crystal.id                    1 
_exptl_crystal.density_meas          ? 
_exptl_crystal.density_Matthews      2.75 
_exptl_crystal.density_percent_sol   55.0 
_exptl_crystal.description           ? 
_exptl_crystal.F_000                 ? 
_exptl_crystal.preparation           ? 
# 
_exptl_crystal_grow.crystal_id      1 
_exptl_crystal_grow.method          'VAPOR DIFFUSION, HANGING DROP' 
_exptl_crystal_grow.temp            277 
_exptl_crystal_grow.temp_details    ? 
_exptl_crystal_grow.pH              6.0 
_exptl_crystal_grow.pdbx_details    
'20% PEG 6000, 10% Glycerol, 1M Lithium Chlroride, 50mM MES, pH 6.0, VAPOR DIFFUSION, HANGING DROP, temperature 277K' 
_exptl_crystal_grow.pdbx_pH_range   . 
# 
_diffrn.id                     1 
_diffrn.ambient_temp           100 
_diffrn.ambient_temp_details   ? 
_diffrn.crystal_id             1 
# 
_diffrn_detector.diffrn_id              1 
_diffrn_detector.detector               'IMAGE PLATE' 
_diffrn_detector.type                   'MAR scanner 300 mm plate' 
_diffrn_detector.pdbx_collection_date   2003-02-25 
_diffrn_detector.details                'osmic mirror' 
# 
_diffrn_radiation.diffrn_id                        1 
_diffrn_radiation.wavelength_id                    1 
_diffrn_radiation.pdbx_monochromatic_or_laue_m_l   M 
_diffrn_radiation.monochromator                    ? 
_diffrn_radiation.pdbx_diffrn_protocol             'SINGLE WAVELENGTH' 
_diffrn_radiation.pdbx_scattering_type             x-ray 
# 
_diffrn_radiation_wavelength.id           1 
_diffrn_radiation_wavelength.wavelength   1.5418 
_diffrn_radiation_wavelength.wt           1.0 
# 
_diffrn_source.diffrn_id                   1 
_diffrn_source.source                      'ROTATING ANODE' 
_diffrn_source.type                        'RIGAKU RUH3R' 
_diffrn_source.pdbx_synchrotron_site       ? 
_diffrn_source.pdbx_synchrotron_beamline   ? 
_diffrn_source.pdbx_wavelength             1.5418 
_diffrn_source.pdbx_wavelength_list        ? 
# 
_reflns.entry_id                     1Z06 
_reflns.observed_criterion_sigma_F   0 
_reflns.observed_criterion_sigma_I   0 
_reflns.d_resolution_high            1.80 
_reflns.d_resolution_low             50 
_reflns.number_all                   ? 
_reflns.number_obs                   17431 
_reflns.percent_possible_obs         96.7 
_reflns.pdbx_Rmerge_I_obs            ? 
_reflns.pdbx_Rsym_value              0.057 
_reflns.pdbx_netI_over_sigmaI        29.0 
_reflns.B_iso_Wilson_estimate        31.5 
_reflns.pdbx_redundancy              5 
_reflns.R_free_details               ? 
_reflns.limit_h_max                  ? 
_reflns.limit_h_min                  ? 
_reflns.limit_k_max                  ? 
_reflns.limit_k_min                  ? 
_reflns.limit_l_max                  ? 
_reflns.limit_l_min                  ? 
_reflns.observed_criterion_F_max     ? 
_reflns.observed_criterion_F_min     ? 
_reflns.pdbx_chi_squared             ? 
_reflns.pdbx_scaling_rejects         ? 
_reflns.pdbx_diffrn_id               1 
_reflns.pdbx_ordinal                 1 
# 
_reflns_shell.d_res_high             1.80 
_reflns_shell.d_res_low              1.85 
_reflns_shell.percent_possible_all   84.2 
_reflns_shell.Rmerge_I_obs           ? 
_reflns_shell.pdbx_Rsym_value        0.249 
_reflns_shell.meanI_over_sigI_obs    7.7 
_reflns_shell.pdbx_redundancy        5 
_reflns_shell.percent_possible_obs   ? 
_reflns_shell.number_unique_all      1240 
_reflns_shell.number_measured_all    ? 
_reflns_shell.number_measured_obs    ? 
_reflns_shell.number_unique_obs      ? 
_reflns_shell.pdbx_chi_squared       ? 
_reflns_shell.pdbx_diffrn_id         ? 
_reflns_shell.pdbx_ordinal           1 
# 
_refine.entry_id                                 1Z06 
_refine.ls_number_reflns_obs                     16353 
_refine.ls_number_reflns_all                     17435 
_refine.pdbx_ls_sigma_I                          ? 
_refine.pdbx_ls_sigma_F                          0 
_refine.pdbx_data_cutoff_high_absF               ? 
_refine.pdbx_data_cutoff_low_absF                ? 
_refine.pdbx_data_cutoff_high_rms_absF           ? 
_refine.ls_d_res_low                             8.00 
_refine.ls_d_res_high                            1.81 
_refine.ls_percent_reflns_obs                    97.52 
_refine.ls_R_factor_obs                          0.19082 
_refine.ls_R_factor_all                          0.207 
_refine.ls_R_factor_R_work                       0.18946 
_refine.ls_R_factor_R_free                       0.21794 
_refine.ls_R_factor_R_free_error                 ? 
_refine.ls_R_factor_R_free_error_details         ? 
_refine.ls_percent_reflns_R_free                 5.1 
_refine.ls_number_reflns_R_free                  879 
_refine.ls_number_parameters                     ? 
_refine.ls_number_restraints                     ? 
_refine.occupancy_min                            ? 
_refine.occupancy_max                            ? 
_refine.correlation_coeff_Fo_to_Fc               0.953 
_refine.correlation_coeff_Fo_to_Fc_free          0.937 
_refine.B_iso_mean                               22.211 
_refine.aniso_B[1][1]                            -0.43 
_refine.aniso_B[2][2]                            -0.43 
_refine.aniso_B[3][3]                            0.64 
_refine.aniso_B[1][2]                            -0.21 
_refine.aniso_B[1][3]                            0.00 
_refine.aniso_B[2][3]                            0.00 
_refine.solvent_model_details                    'BABINET MODEL WITH MASK' 
_refine.solvent_model_param_ksol                 ? 
_refine.solvent_model_param_bsol                 ? 
_refine.pdbx_solvent_vdw_probe_radii             1.20 
_refine.pdbx_solvent_ion_probe_radii             0.80 
_refine.pdbx_solvent_shrinkage_radii             0.80 
_refine.pdbx_ls_cross_valid_method               THROUGHOUT 
_refine.details                                  'HYDROGENS HAVE BEEN ADDED IN THE RIDING POSITIONS' 
_refine.pdbx_starting_model                      'Polyalanine Rab5c GTPase' 
_refine.pdbx_method_to_determine_struct          'MOLECULAR REPLACEMENT' 
_refine.pdbx_isotropic_thermal_model             ? 
_refine.pdbx_stereochemistry_target_values       'MAXIMUM LIKELIHOOD' 
_refine.pdbx_stereochem_target_val_spec_case     ? 
_refine.pdbx_R_Free_selection_details            RANDOM 
_refine.pdbx_overall_ESU_R                       0.127 
_refine.pdbx_overall_ESU_R_Free                  0.119 
_refine.overall_SU_ML                            0.072 
_refine.overall_SU_B                             2.264 
_refine.ls_redundancy_reflns_obs                 ? 
_refine.B_iso_min                                ? 
_refine.B_iso_max                                ? 
_refine.overall_SU_R_Cruickshank_DPI             ? 
_refine.overall_SU_R_free                        ? 
_refine.ls_wR_factor_R_free                      ? 
_refine.ls_wR_factor_R_work                      ? 
_refine.overall_FOM_free_R_set                   ? 
_refine.overall_FOM_work_R_set                   ? 
_refine.pdbx_refine_id                           'X-RAY DIFFRACTION' 
_refine.pdbx_diffrn_id                           1 
_refine.pdbx_TLS_residual_ADP_flag               ? 
_refine.pdbx_overall_phase_error                 ? 
_refine.pdbx_overall_SU_R_free_Cruickshank_DPI   ? 
_refine.pdbx_overall_SU_R_Blow_DPI               ? 
_refine.pdbx_overall_SU_R_free_Blow_DPI          ? 
# 
_refine_hist.pdbx_refine_id                   'X-RAY DIFFRACTION' 
_refine_hist.cycle_id                         LAST 
_refine_hist.pdbx_number_atoms_protein        1269 
_refine_hist.pdbx_number_atoms_nucleic_acid   0 
_refine_hist.pdbx_number_atoms_ligand         33 
_refine_hist.number_atoms_solvent             111 
_refine_hist.number_atoms_total               1413 
_refine_hist.d_res_high                       1.81 
_refine_hist.d_res_low                        8.00 
# 
loop_
_refine_ls_restr.type 
_refine_ls_restr.dev_ideal 
_refine_ls_restr.dev_ideal_target 
_refine_ls_restr.weight 
_refine_ls_restr.number 
_refine_ls_restr.pdbx_refine_id 
_refine_ls_restr.pdbx_restraint_function 
r_bond_refined_d             0.008  0.022  ? 1330 'X-RAY DIFFRACTION' ? 
r_bond_other_d               0.001  0.020  ? 1196 'X-RAY DIFFRACTION' ? 
r_angle_refined_deg          1.275  1.958  ? 1812 'X-RAY DIFFRACTION' ? 
r_angle_other_deg            0.826  3.000  ? 2759 'X-RAY DIFFRACTION' ? 
r_dihedral_angle_1_deg       5.458  5.000  ? 164  'X-RAY DIFFRACTION' ? 
r_dihedral_angle_2_deg       34.740 22.982 ? 57   'X-RAY DIFFRACTION' ? 
r_dihedral_angle_3_deg       12.230 15.000 ? 205  'X-RAY DIFFRACTION' ? 
r_dihedral_angle_4_deg       15.906 15.000 ? 9    'X-RAY DIFFRACTION' ? 
r_chiral_restr               0.078  0.200  ? 204  'X-RAY DIFFRACTION' ? 
r_gen_planes_refined         0.003  0.020  ? 1472 'X-RAY DIFFRACTION' ? 
r_gen_planes_other           0.001  0.020  ? 283  'X-RAY DIFFRACTION' ? 
r_nbd_refined                0.205  0.200  ? 240  'X-RAY DIFFRACTION' ? 
r_nbd_other                  0.182  0.200  ? 1149 'X-RAY DIFFRACTION' ? 
r_nbtor_refined              0.175  0.200  ? 646  'X-RAY DIFFRACTION' ? 
r_nbtor_other                0.082  0.200  ? 716  'X-RAY DIFFRACTION' ? 
r_xyhbond_nbd_refined        0.129  0.200  ? 92   'X-RAY DIFFRACTION' ? 
r_xyhbond_nbd_other          0.096  0.200  ? 1    'X-RAY DIFFRACTION' ? 
r_metal_ion_refined          ?      ?      ? ?    'X-RAY DIFFRACTION' ? 
r_metal_ion_other            ?      ?      ? ?    'X-RAY DIFFRACTION' ? 
r_symmetry_vdw_refined       0.096  0.200  ? 3    'X-RAY DIFFRACTION' ? 
r_symmetry_vdw_other         0.261  0.200  ? 31   'X-RAY DIFFRACTION' ? 
r_symmetry_hbond_refined     0.131  0.200  ? 16   'X-RAY DIFFRACTION' ? 
r_symmetry_hbond_other       ?      ?      ? ?    'X-RAY DIFFRACTION' ? 
r_symmetry_metal_ion_refined ?      ?      ? ?    'X-RAY DIFFRACTION' ? 
r_symmetry_metal_ion_other   ?      ?      ? ?    'X-RAY DIFFRACTION' ? 
r_mcbond_it                  0.965  1.500  ? 1072 'X-RAY DIFFRACTION' ? 
r_mcbond_other               0.123  1.500  ? 335  'X-RAY DIFFRACTION' ? 
r_mcangle_it                 1.059  2.000  ? 1313 'X-RAY DIFFRACTION' ? 
r_scbond_it                  1.349  3.000  ? 609  'X-RAY DIFFRACTION' ? 
r_scangle_it                 1.915  4.500  ? 499  'X-RAY DIFFRACTION' ? 
r_rigid_bond_restr           ?      ?      ? ?    'X-RAY DIFFRACTION' ? 
r_sphericity_free            ?      ?      ? ?    'X-RAY DIFFRACTION' ? 
r_sphericity_bonded          ?      ?      ? ?    'X-RAY DIFFRACTION' ? 
# 
_refine_ls_shell.pdbx_total_number_of_bins_used   20 
_refine_ls_shell.d_res_high                       1.805 
_refine_ls_shell.d_res_low                        1.850 
_refine_ls_shell.number_reflns_R_work             1084 
_refine_ls_shell.R_factor_R_work                  0.215 
_refine_ls_shell.percent_reflns_obs               93.12 
_refine_ls_shell.R_factor_R_free                  0.261 
_refine_ls_shell.R_factor_R_free_error            ? 
_refine_ls_shell.percent_reflns_R_free            ? 
_refine_ls_shell.number_reflns_R_free             66 
_refine_ls_shell.number_reflns_obs                ? 
_refine_ls_shell.redundancy_reflns_obs            ? 
_refine_ls_shell.number_reflns_all                ? 
_refine_ls_shell.pdbx_refine_id                   'X-RAY DIFFRACTION' 
_refine_ls_shell.R_factor_all                     ? 
# 
_struct.entry_id                  1Z06 
_struct.title                     'GppNHp-Bound Rab33 GTPase' 
_struct.pdbx_model_details        ? 
_struct.pdbx_CASP_flag            ? 
_struct.pdbx_model_type_details   ? 
# 
_struct_keywords.entry_id        1Z06 
_struct_keywords.pdbx_keywords   'PROTEIN TRANSPORT' 
_struct_keywords.text            'Rab GTPase, Rab33b GTPase, vesicular trafficking, protein transport' 
# 
loop_
_struct_asym.id 
_struct_asym.pdbx_blank_PDB_chainid_flag 
_struct_asym.pdbx_modified 
_struct_asym.entity_id 
_struct_asym.details 
A N N 1 ? 
B N N 2 ? 
C N N 3 ? 
D N N 4 ? 
# 
_struct_ref.id                         1 
_struct_ref.db_name                    UNP 
_struct_ref.db_code                    RB33B_MOUSE 
_struct_ref.pdbx_db_accession          O35963 
_struct_ref.entity_id                  1 
_struct_ref.pdbx_seq_one_letter_code   
;RSRIFKIIVIGDSNVGKTCLTYRFCAGRFPDRTEATIGVDFRERAVDIDGERIKIQLWDTAGQERFRKSMVQHYYRNVHA
VVFVYDMTNMASFHSLPAWIEECKQHLLANDIPRILVGNKCDLRSAIQVPTDLAQKFADTHSMPLFETSAKNPNDNDHVE
AIFMTLAHKLKSH
;
_struct_ref.pdbx_align_begin           29 
_struct_ref.pdbx_db_isoform            ? 
# 
_struct_ref_seq.align_id                      1 
_struct_ref_seq.ref_id                        1 
_struct_ref_seq.pdbx_PDB_id_code              1Z06 
_struct_ref_seq.pdbx_strand_id                A 
_struct_ref_seq.seq_align_beg                 17 
_struct_ref_seq.pdbx_seq_align_beg_ins_code   ? 
_struct_ref_seq.seq_align_end                 189 
_struct_ref_seq.pdbx_seq_align_end_ins_code   ? 
_struct_ref_seq.pdbx_db_accession             O35963 
_struct_ref_seq.db_align_beg                  29 
_struct_ref_seq.pdbx_db_align_beg_ins_code    ? 
_struct_ref_seq.db_align_end                  201 
_struct_ref_seq.pdbx_db_align_end_ins_code    ? 
_struct_ref_seq.pdbx_auth_seq_align_beg       30 
_struct_ref_seq.pdbx_auth_seq_align_end       202 
# 
loop_
_struct_ref_seq_dif.align_id 
_struct_ref_seq_dif.pdbx_pdb_id_code 
_struct_ref_seq_dif.mon_id 
_struct_ref_seq_dif.pdbx_pdb_strand_id 
_struct_ref_seq_dif.seq_num 
_struct_ref_seq_dif.pdbx_pdb_ins_code 
_struct_ref_seq_dif.pdbx_seq_db_name 
_struct_ref_seq_dif.pdbx_seq_db_accession_code 
_struct_ref_seq_dif.db_mon_id 
_struct_ref_seq_dif.pdbx_seq_db_seq_num 
_struct_ref_seq_dif.details 
_struct_ref_seq_dif.pdbx_auth_seq_num 
_struct_ref_seq_dif.pdbx_ordinal 
1 1Z06 MET A 1  ? UNP O35963 ? ? 'cloning artifact' 14 1  
1 1Z06 GLY A 2  ? UNP O35963 ? ? 'cloning artifact' 15 2  
1 1Z06 HIS A 3  ? UNP O35963 ? ? 'cloning artifact' 16 3  
1 1Z06 HIS A 4  ? UNP O35963 ? ? 'cloning artifact' 17 4  
1 1Z06 HIS A 5  ? UNP O35963 ? ? 'cloning artifact' 18 5  
1 1Z06 HIS A 6  ? UNP O35963 ? ? 'cloning artifact' 19 6  
1 1Z06 HIS A 7  ? UNP O35963 ? ? 'cloning artifact' 20 7  
1 1Z06 HIS A 8  ? UNP O35963 ? ? 'cloning artifact' 21 8  
1 1Z06 GLY A 9  ? UNP O35963 ? ? 'cloning artifact' 22 9  
1 1Z06 SER A 10 ? UNP O35963 ? ? 'cloning artifact' 23 10 
1 1Z06 LEU A 11 ? UNP O35963 ? ? 'cloning artifact' 24 11 
1 1Z06 VAL A 12 ? UNP O35963 ? ? 'cloning artifact' 25 12 
1 1Z06 PRO A 13 ? UNP O35963 ? ? 'cloning artifact' 26 13 
1 1Z06 ARG A 14 ? UNP O35963 ? ? 'cloning artifact' 27 14 
1 1Z06 GLY A 15 ? UNP O35963 ? ? 'cloning artifact' 28 15 
1 1Z06 SER A 16 ? UNP O35963 ? ? 'cloning artifact' 29 16 
# 
_pdbx_struct_assembly.id                   1 
_pdbx_struct_assembly.details              author_defined_assembly 
_pdbx_struct_assembly.method_details       ? 
_pdbx_struct_assembly.oligomeric_details   monomeric 
_pdbx_struct_assembly.oligomeric_count     1 
# 
_pdbx_struct_assembly_gen.assembly_id       1 
_pdbx_struct_assembly_gen.oper_expression   1 
_pdbx_struct_assembly_gen.asym_id_list      A,B,C,D 
# 
_pdbx_struct_oper_list.id                   1 
_pdbx_struct_oper_list.type                 'identity operation' 
_pdbx_struct_oper_list.name                 1_555 
_pdbx_struct_oper_list.symmetry_operation   x,y,z 
_pdbx_struct_oper_list.matrix[1][1]         1.0000000000 
_pdbx_struct_oper_list.matrix[1][2]         0.0000000000 
_pdbx_struct_oper_list.matrix[1][3]         0.0000000000 
_pdbx_struct_oper_list.vector[1]            0.0000000000 
_pdbx_struct_oper_list.matrix[2][1]         0.0000000000 
_pdbx_struct_oper_list.matrix[2][2]         1.0000000000 
_pdbx_struct_oper_list.matrix[2][3]         0.0000000000 
_pdbx_struct_oper_list.vector[2]            0.0000000000 
_pdbx_struct_oper_list.matrix[3][1]         0.0000000000 
_pdbx_struct_oper_list.matrix[3][2]         0.0000000000 
_pdbx_struct_oper_list.matrix[3][3]         1.0000000000 
_pdbx_struct_oper_list.vector[3]            0.0000000000 
# 
_struct_biol.id                    1 
_struct_biol.pdbx_parent_biol_id   ? 
_struct_biol.details               ? 
# 
loop_
_struct_conf.conf_type_id 
_struct_conf.id 
_struct_conf.pdbx_PDB_helix_id 
_struct_conf.beg_label_comp_id 
_struct_conf.beg_label_asym_id 
_struct_conf.beg_label_seq_id 
_struct_conf.pdbx_beg_PDB_ins_code 
_struct_conf.end_label_comp_id 
_struct_conf.end_label_asym_id 
_struct_conf.end_label_seq_id 
_struct_conf.pdbx_end_PDB_ins_code 
_struct_conf.beg_auth_comp_id 
_struct_conf.beg_auth_asym_id 
_struct_conf.beg_auth_seq_id 
_struct_conf.end_auth_comp_id 
_struct_conf.end_auth_asym_id 
_struct_conf.end_auth_seq_id 
_struct_conf.pdbx_PDB_helix_class 
_struct_conf.details 
_struct_conf.pdbx_PDB_helix_length 
HELX_P HELX_P1 1 GLY A 32  ? GLY A 43  ? GLY A 45  GLY A 56  1 ? 12 
HELX_P HELX_P2 2 GLN A 79  ? LYS A 84  ? GLN A 92  LYS A 97  1 ? 6  
HELX_P HELX_P3 3 MET A 86  ? ARG A 92  ? MET A 99  ARG A 105 1 ? 7  
HELX_P HELX_P4 4 ASN A 105 ? SER A 111 ? ASN A 118 SER A 124 1 ? 7  
HELX_P HELX_P5 5 SER A 111 ? LEU A 123 ? SER A 124 LEU A 136 1 ? 13 
HELX_P HELX_P6 6 LEU A 139 ? ILE A 143 ? LEU A 152 ILE A 156 5 ? 5  
HELX_P HELX_P7 7 PRO A 146 ? HIS A 157 ? PRO A 159 HIS A 170 1 ? 12 
HELX_P HELX_P8 8 ASN A 168 ? ASP A 173 ? ASN A 181 ASP A 186 5 ? 6  
HELX_P HELX_P9 9 HIS A 174 ? ALA A 183 ? HIS A 187 ALA A 196 1 ? 10 
# 
_struct_conf_type.id          HELX_P 
_struct_conf_type.criteria    ? 
_struct_conf_type.reference   ? 
# 
loop_
_struct_conn.id 
_struct_conn.conn_type_id 
_struct_conn.pdbx_leaving_atom_flag 
_struct_conn.pdbx_PDB_id 
_struct_conn.ptnr1_label_asym_id 
_struct_conn.ptnr1_label_comp_id 
_struct_conn.ptnr1_label_seq_id 
_struct_conn.ptnr1_label_atom_id 
_struct_conn.pdbx_ptnr1_label_alt_id 
_struct_conn.pdbx_ptnr1_PDB_ins_code 
_struct_conn.pdbx_ptnr1_standard_comp_id 
_struct_conn.ptnr1_symmetry 
_struct_conn.ptnr2_label_asym_id 
_struct_conn.ptnr2_label_comp_id 
_struct_conn.ptnr2_label_seq_id 
_struct_conn.ptnr2_label_atom_id 
_struct_conn.pdbx_ptnr2_label_alt_id 
_struct_conn.pdbx_ptnr2_PDB_ins_code 
_struct_conn.ptnr1_auth_asym_id 
_struct_conn.ptnr1_auth_comp_id 
_struct_conn.ptnr1_auth_seq_id 
_struct_conn.ptnr2_auth_asym_id 
_struct_conn.ptnr2_auth_comp_id 
_struct_conn.ptnr2_auth_seq_id 
_struct_conn.ptnr2_symmetry 
_struct_conn.pdbx_ptnr3_label_atom_id 
_struct_conn.pdbx_ptnr3_label_seq_id 
_struct_conn.pdbx_ptnr3_label_comp_id 
_struct_conn.pdbx_ptnr3_label_asym_id 
_struct_conn.pdbx_ptnr3_label_alt_id 
_struct_conn.pdbx_ptnr3_PDB_ins_code 
_struct_conn.details 
_struct_conn.pdbx_dist_value 
_struct_conn.pdbx_value_order 
_struct_conn.pdbx_role 
metalc1 metalc ? ? A THR 34 OG1 ? ? ? 1_555 B MG  . MG  ? ? A THR 47  A MG  203 1_555 ? ? ? ? ? ? ? 2.018 ? ? 
metalc2 metalc ? ? A THR 52 OG1 ? ? ? 1_555 B MG  . MG  ? ? A THR 65  A MG  203 1_555 ? ? ? ? ? ? ? 2.072 ? ? 
metalc3 metalc ? ? B MG  .  MG  ? ? ? 1_555 C GNP . O2G ? ? A MG  203 A GNP 204 1_555 ? ? ? ? ? ? ? 2.021 ? ? 
metalc4 metalc ? ? B MG  .  MG  ? ? ? 1_555 C GNP . O2B ? ? A MG  203 A GNP 204 1_555 ? ? ? ? ? ? ? 2.003 ? ? 
metalc5 metalc ? ? B MG  .  MG  ? ? ? 1_555 D HOH . O   ? ? A MG  203 A HOH 210 1_555 ? ? ? ? ? ? ? 2.074 ? ? 
metalc6 metalc ? ? B MG  .  MG  ? ? ? 1_555 D HOH . O   ? ? A MG  203 A HOH 218 1_555 ? ? ? ? ? ? ? 2.068 ? ? 
# 
_struct_conn_type.id          metalc 
_struct_conn_type.criteria    ? 
_struct_conn_type.reference   ? 
# 
loop_
_pdbx_struct_conn_angle.id 
_pdbx_struct_conn_angle.ptnr1_label_atom_id 
_pdbx_struct_conn_angle.ptnr1_label_alt_id 
_pdbx_struct_conn_angle.ptnr1_label_asym_id 
_pdbx_struct_conn_angle.ptnr1_label_comp_id 
_pdbx_struct_conn_angle.ptnr1_label_seq_id 
_pdbx_struct_conn_angle.ptnr1_auth_atom_id 
_pdbx_struct_conn_angle.ptnr1_auth_asym_id 
_pdbx_struct_conn_angle.ptnr1_auth_comp_id 
_pdbx_struct_conn_angle.ptnr1_auth_seq_id 
_pdbx_struct_conn_angle.ptnr1_PDB_ins_code 
_pdbx_struct_conn_angle.ptnr1_symmetry 
_pdbx_struct_conn_angle.ptnr2_label_atom_id 
_pdbx_struct_conn_angle.ptnr2_label_alt_id 
_pdbx_struct_conn_angle.ptnr2_label_asym_id 
_pdbx_struct_conn_angle.ptnr2_label_comp_id 
_pdbx_struct_conn_angle.ptnr2_label_seq_id 
_pdbx_struct_conn_angle.ptnr2_auth_atom_id 
_pdbx_struct_conn_angle.ptnr2_auth_asym_id 
_pdbx_struct_conn_angle.ptnr2_auth_comp_id 
_pdbx_struct_conn_angle.ptnr2_auth_seq_id 
_pdbx_struct_conn_angle.ptnr2_PDB_ins_code 
_pdbx_struct_conn_angle.ptnr2_symmetry 
_pdbx_struct_conn_angle.ptnr3_label_atom_id 
_pdbx_struct_conn_angle.ptnr3_label_alt_id 
_pdbx_struct_conn_angle.ptnr3_label_asym_id 
_pdbx_struct_conn_angle.ptnr3_label_comp_id 
_pdbx_struct_conn_angle.ptnr3_label_seq_id 
_pdbx_struct_conn_angle.ptnr3_auth_atom_id 
_pdbx_struct_conn_angle.ptnr3_auth_asym_id 
_pdbx_struct_conn_angle.ptnr3_auth_comp_id 
_pdbx_struct_conn_angle.ptnr3_auth_seq_id 
_pdbx_struct_conn_angle.ptnr3_PDB_ins_code 
_pdbx_struct_conn_angle.ptnr3_symmetry 
_pdbx_struct_conn_angle.value 
_pdbx_struct_conn_angle.value_esd 
1  OG1 ? A THR 34 ? A THR 47  ? 1_555 MG ? B MG . ? A MG 203 ? 1_555 OG1 ? A THR 52 ? A THR 65  ? 1_555 84.2  ? 
2  OG1 ? A THR 34 ? A THR 47  ? 1_555 MG ? B MG . ? A MG 203 ? 1_555 O2G ? C GNP .  ? A GNP 204 ? 1_555 171.2 ? 
3  OG1 ? A THR 52 ? A THR 65  ? 1_555 MG ? B MG . ? A MG 203 ? 1_555 O2G ? C GNP .  ? A GNP 204 ? 1_555 87.1  ? 
4  OG1 ? A THR 34 ? A THR 47  ? 1_555 MG ? B MG . ? A MG 203 ? 1_555 O2B ? C GNP .  ? A GNP 204 ? 1_555 92.1  ? 
5  OG1 ? A THR 52 ? A THR 65  ? 1_555 MG ? B MG . ? A MG 203 ? 1_555 O2B ? C GNP .  ? A GNP 204 ? 1_555 176.2 ? 
6  O2G ? C GNP .  ? A GNP 204 ? 1_555 MG ? B MG . ? A MG 203 ? 1_555 O2B ? C GNP .  ? A GNP 204 ? 1_555 96.6  ? 
7  OG1 ? A THR 34 ? A THR 47  ? 1_555 MG ? B MG . ? A MG 203 ? 1_555 O   ? D HOH .  ? A HOH 210 ? 1_555 84.9  ? 
8  OG1 ? A THR 52 ? A THR 65  ? 1_555 MG ? B MG . ? A MG 203 ? 1_555 O   ? D HOH .  ? A HOH 210 ? 1_555 88.9  ? 
9  O2G ? C GNP .  ? A GNP 204 ? 1_555 MG ? B MG . ? A MG 203 ? 1_555 O   ? D HOH .  ? A HOH 210 ? 1_555 95.6  ? 
10 O2B ? C GNP .  ? A GNP 204 ? 1_555 MG ? B MG . ? A MG 203 ? 1_555 O   ? D HOH .  ? A HOH 210 ? 1_555 91.6  ? 
11 OG1 ? A THR 34 ? A THR 47  ? 1_555 MG ? B MG . ? A MG 203 ? 1_555 O   ? D HOH .  ? A HOH 218 ? 1_555 90.3  ? 
12 OG1 ? A THR 52 ? A THR 65  ? 1_555 MG ? B MG . ? A MG 203 ? 1_555 O   ? D HOH .  ? A HOH 218 ? 1_555 85.9  ? 
13 O2G ? C GNP .  ? A GNP 204 ? 1_555 MG ? B MG . ? A MG 203 ? 1_555 O   ? D HOH .  ? A HOH 218 ? 1_555 88.5  ? 
14 O2B ? C GNP .  ? A GNP 204 ? 1_555 MG ? B MG . ? A MG 203 ? 1_555 O   ? D HOH .  ? A HOH 218 ? 1_555 93.2  ? 
15 O   ? D HOH .  ? A HOH 210 ? 1_555 MG ? B MG . ? A MG 203 ? 1_555 O   ? D HOH .  ? A HOH 218 ? 1_555 173.2 ? 
# 
_struct_sheet.id               A 
_struct_sheet.type             ? 
_struct_sheet.number_strands   6 
_struct_sheet.details          ? 
# 
loop_
_struct_sheet_order.sheet_id 
_struct_sheet_order.range_id_1 
_struct_sheet_order.range_id_2 
_struct_sheet_order.offset 
_struct_sheet_order.sense 
A 1 2 ? anti-parallel 
A 2 3 ? parallel      
A 3 4 ? parallel      
A 4 5 ? parallel      
A 5 6 ? parallel      
# 
loop_
_struct_sheet_range.sheet_id 
_struct_sheet_range.id 
_struct_sheet_range.beg_label_comp_id 
_struct_sheet_range.beg_label_asym_id 
_struct_sheet_range.beg_label_seq_id 
_struct_sheet_range.pdbx_beg_PDB_ins_code 
_struct_sheet_range.end_label_comp_id 
_struct_sheet_range.end_label_asym_id 
_struct_sheet_range.end_label_seq_id 
_struct_sheet_range.pdbx_end_PDB_ins_code 
_struct_sheet_range.beg_auth_comp_id 
_struct_sheet_range.beg_auth_asym_id 
_struct_sheet_range.beg_auth_seq_id 
_struct_sheet_range.end_auth_comp_id 
_struct_sheet_range.end_auth_asym_id 
_struct_sheet_range.end_auth_seq_id 
A 1 PHE A 57  ? ILE A 64  ? PHE A 70  ILE A 77  
A 2 GLU A 67  ? ASP A 75  ? GLU A 80  ASP A 88  
A 3 ILE A 20  ? ILE A 26  ? ILE A 33  ILE A 39  
A 4 ALA A 96  ? ASP A 102 ? ALA A 109 ASP A 115 
A 5 ARG A 130 ? ASN A 135 ? ARG A 143 ASN A 148 
A 6 LEU A 161 ? GLU A 163 ? LEU A 174 GLU A 176 
# 
loop_
_pdbx_struct_sheet_hbond.sheet_id 
_pdbx_struct_sheet_hbond.range_id_1 
_pdbx_struct_sheet_hbond.range_id_2 
_pdbx_struct_sheet_hbond.range_1_label_atom_id 
_pdbx_struct_sheet_hbond.range_1_label_comp_id 
_pdbx_struct_sheet_hbond.range_1_label_asym_id 
_pdbx_struct_sheet_hbond.range_1_label_seq_id 
_pdbx_struct_sheet_hbond.range_1_PDB_ins_code 
_pdbx_struct_sheet_hbond.range_1_auth_atom_id 
_pdbx_struct_sheet_hbond.range_1_auth_comp_id 
_pdbx_struct_sheet_hbond.range_1_auth_asym_id 
_pdbx_struct_sheet_hbond.range_1_auth_seq_id 
_pdbx_struct_sheet_hbond.range_2_label_atom_id 
_pdbx_struct_sheet_hbond.range_2_label_comp_id 
_pdbx_struct_sheet_hbond.range_2_label_asym_id 
_pdbx_struct_sheet_hbond.range_2_label_seq_id 
_pdbx_struct_sheet_hbond.range_2_PDB_ins_code 
_pdbx_struct_sheet_hbond.range_2_auth_atom_id 
_pdbx_struct_sheet_hbond.range_2_auth_comp_id 
_pdbx_struct_sheet_hbond.range_2_auth_asym_id 
_pdbx_struct_sheet_hbond.range_2_auth_seq_id 
A 1 2 N VAL A 62  ? N VAL A 75  O ILE A 69  ? O ILE A 82  
A 2 3 O LYS A 70  ? O LYS A 83  N PHE A 21  ? N PHE A 34  
A 3 4 N ILE A 26  ? N ILE A 39  O VAL A 98  ? O VAL A 111 
A 4 5 N PHE A 99  ? N PHE A 112 O VAL A 133 ? O VAL A 146 
A 5 6 N GLY A 134 ? N GLY A 147 O PHE A 162 ? O PHE A 175 
# 
loop_
_struct_site.id 
_struct_site.pdbx_evidence_code 
_struct_site.pdbx_auth_asym_id 
_struct_site.pdbx_auth_comp_id 
_struct_site.pdbx_auth_seq_id 
_struct_site.pdbx_auth_ins_code 
_struct_site.pdbx_num_residues 
_struct_site.details 
AC1 Software A MG  203 ? 5  'BINDING SITE FOR RESIDUE MG A 203'  
AC2 Software A GNP 204 ? 27 'BINDING SITE FOR RESIDUE GNP A 204' 
# 
loop_
_struct_site_gen.id 
_struct_site_gen.site_id 
_struct_site_gen.pdbx_num_res 
_struct_site_gen.label_comp_id 
_struct_site_gen.label_asym_id 
_struct_site_gen.label_seq_id 
_struct_site_gen.pdbx_auth_ins_code 
_struct_site_gen.auth_comp_id 
_struct_site_gen.auth_asym_id 
_struct_site_gen.auth_seq_id 
_struct_site_gen.label_atom_id 
_struct_site_gen.label_alt_id 
_struct_site_gen.symmetry 
_struct_site_gen.details 
1  AC1 5  THR A 34  ? THR A 47  . ? 1_555 ? 
2  AC1 5  THR A 52  ? THR A 65  . ? 1_555 ? 
3  AC1 5  GNP C .   ? GNP A 204 . ? 1_555 ? 
4  AC1 5  HOH D .   ? HOH A 210 . ? 1_555 ? 
5  AC1 5  HOH D .   ? HOH A 218 . ? 1_555 ? 
6  AC2 27 SER A 29  ? SER A 42  . ? 1_555 ? 
7  AC2 27 ASN A 30  ? ASN A 43  . ? 1_555 ? 
8  AC2 27 VAL A 31  ? VAL A 44  . ? 1_555 ? 
9  AC2 27 GLY A 32  ? GLY A 45  . ? 1_555 ? 
10 AC2 27 LYS A 33  ? LYS A 46  . ? 1_555 ? 
11 AC2 27 THR A 34  ? THR A 47  . ? 1_555 ? 
12 AC2 27 CYS A 35  ? CYS A 48  . ? 1_555 ? 
13 AC2 27 PHE A 45  ? PHE A 58  . ? 1_555 ? 
14 AC2 27 THR A 49  ? THR A 62  . ? 1_555 ? 
15 AC2 27 ALA A 51  ? ALA A 64  . ? 1_555 ? 
16 AC2 27 THR A 52  ? THR A 65  . ? 1_555 ? 
17 AC2 27 GLY A 78  ? GLY A 91  . ? 1_555 ? 
18 AC2 27 ASN A 135 ? ASN A 148 . ? 1_555 ? 
19 AC2 27 LYS A 136 ? LYS A 149 . ? 1_555 ? 
20 AC2 27 ASP A 138 ? ASP A 151 . ? 1_555 ? 
21 AC2 27 LEU A 139 ? LEU A 152 . ? 1_555 ? 
22 AC2 27 SER A 165 ? SER A 178 . ? 1_555 ? 
23 AC2 27 ALA A 166 ? ALA A 179 . ? 1_555 ? 
24 AC2 27 LYS A 167 ? LYS A 180 . ? 1_555 ? 
25 AC2 27 MG  B .   ? MG  A 203 . ? 1_555 ? 
26 AC2 27 HOH D .   ? HOH A 210 . ? 1_555 ? 
27 AC2 27 HOH D .   ? HOH A 215 . ? 1_555 ? 
28 AC2 27 HOH D .   ? HOH A 218 . ? 1_555 ? 
29 AC2 27 HOH D .   ? HOH A 227 . ? 1_555 ? 
30 AC2 27 HOH D .   ? HOH A 258 . ? 1_555 ? 
31 AC2 27 HOH D .   ? HOH A 272 . ? 1_555 ? 
32 AC2 27 HOH D .   ? HOH A 285 . ? 1_555 ? 
# 
_pdbx_validate_rmsd_angle.id                         1 
_pdbx_validate_rmsd_angle.PDB_model_num              1 
_pdbx_validate_rmsd_angle.auth_atom_id_1             N 
_pdbx_validate_rmsd_angle.auth_asym_id_1             A 
_pdbx_validate_rmsd_angle.auth_comp_id_1             PRO 
_pdbx_validate_rmsd_angle.auth_seq_id_1              182 
_pdbx_validate_rmsd_angle.PDB_ins_code_1             ? 
_pdbx_validate_rmsd_angle.label_alt_id_1             ? 
_pdbx_validate_rmsd_angle.auth_atom_id_2             CA 
_pdbx_validate_rmsd_angle.auth_asym_id_2             A 
_pdbx_validate_rmsd_angle.auth_comp_id_2             PRO 
_pdbx_validate_rmsd_angle.auth_seq_id_2              182 
_pdbx_validate_rmsd_angle.PDB_ins_code_2             ? 
_pdbx_validate_rmsd_angle.label_alt_id_2             ? 
_pdbx_validate_rmsd_angle.auth_atom_id_3             CB 
_pdbx_validate_rmsd_angle.auth_asym_id_3             A 
_pdbx_validate_rmsd_angle.auth_comp_id_3             PRO 
_pdbx_validate_rmsd_angle.auth_seq_id_3              182 
_pdbx_validate_rmsd_angle.PDB_ins_code_3             ? 
_pdbx_validate_rmsd_angle.label_alt_id_3             ? 
_pdbx_validate_rmsd_angle.angle_value                111.34 
_pdbx_validate_rmsd_angle.angle_target_value         103.30 
_pdbx_validate_rmsd_angle.angle_deviation            8.04 
_pdbx_validate_rmsd_angle.angle_standard_deviation   1.20 
_pdbx_validate_rmsd_angle.linker_flag                N 
# 
loop_
_pdbx_validate_torsion.id 
_pdbx_validate_torsion.PDB_model_num 
_pdbx_validate_torsion.auth_comp_id 
_pdbx_validate_torsion.auth_asym_id 
_pdbx_validate_torsion.auth_seq_id 
_pdbx_validate_torsion.PDB_ins_code 
_pdbx_validate_torsion.label_alt_id 
_pdbx_validate_torsion.phi 
_pdbx_validate_torsion.psi 
1 1 ASN A 43  ? ? 87.61   4.97   
2 1 LYS A 149 ? ? 71.95   34.84  
3 1 HIS A 187 ? ? -126.76 -52.39 
# 
loop_
_pdbx_unobs_or_zero_occ_residues.id 
_pdbx_unobs_or_zero_occ_residues.PDB_model_num 
_pdbx_unobs_or_zero_occ_residues.polymer_flag 
_pdbx_unobs_or_zero_occ_residues.occupancy_flag 
_pdbx_unobs_or_zero_occ_residues.auth_asym_id 
_pdbx_unobs_or_zero_occ_residues.auth_comp_id 
_pdbx_unobs_or_zero_occ_residues.auth_seq_id 
_pdbx_unobs_or_zero_occ_residues.PDB_ins_code 
_pdbx_unobs_or_zero_occ_residues.label_asym_id 
_pdbx_unobs_or_zero_occ_residues.label_comp_id 
_pdbx_unobs_or_zero_occ_residues.label_seq_id 
1  1 Y 1 A MET 14  ? A MET 1   
2  1 Y 1 A GLY 15  ? A GLY 2   
3  1 Y 1 A HIS 16  ? A HIS 3   
4  1 Y 1 A HIS 17  ? A HIS 4   
5  1 Y 1 A HIS 18  ? A HIS 5   
6  1 Y 1 A HIS 19  ? A HIS 6   
7  1 Y 1 A HIS 20  ? A HIS 7   
8  1 Y 1 A HIS 21  ? A HIS 8   
9  1 Y 1 A GLY 22  ? A GLY 9   
10 1 Y 1 A SER 23  ? A SER 10  
11 1 Y 1 A LEU 24  ? A LEU 11  
12 1 Y 1 A VAL 25  ? A VAL 12  
13 1 Y 1 A PRO 26  ? A PRO 13  
14 1 Y 1 A ARG 27  ? A ARG 14  
15 1 Y 1 A GLY 28  ? A GLY 15  
16 1 Y 1 A SER 29  ? A SER 16  
17 1 Y 1 A ARG 30  ? A ARG 17  
18 1 Y 1 A SER 31  ? A SER 18  
19 1 Y 1 A HIS 197 ? A HIS 184 
20 1 Y 1 A LYS 198 ? A LYS 185 
21 1 Y 1 A LEU 199 ? A LEU 186 
22 1 Y 1 A LYS 200 ? A LYS 187 
23 1 Y 1 A SER 201 ? A SER 188 
24 1 Y 1 A HIS 202 ? A HIS 189 
# 
loop_
_chem_comp_atom.comp_id 
_chem_comp_atom.atom_id 
_chem_comp_atom.type_symbol 
_chem_comp_atom.pdbx_aromatic_flag 
_chem_comp_atom.pdbx_stereo_config 
_chem_comp_atom.pdbx_ordinal 
ALA N      N  N N 1   
ALA CA     C  N S 2   
ALA C      C  N N 3   
ALA O      O  N N 4   
ALA CB     C  N N 5   
ALA OXT    O  N N 6   
ALA H      H  N N 7   
ALA H2     H  N N 8   
ALA HA     H  N N 9   
ALA HB1    H  N N 10  
ALA HB2    H  N N 11  
ALA HB3    H  N N 12  
ALA HXT    H  N N 13  
ARG N      N  N N 14  
ARG CA     C  N S 15  
ARG C      C  N N 16  
ARG O      O  N N 17  
ARG CB     C  N N 18  
ARG CG     C  N N 19  
ARG CD     C  N N 20  
ARG NE     N  N N 21  
ARG CZ     C  N N 22  
ARG NH1    N  N N 23  
ARG NH2    N  N N 24  
ARG OXT    O  N N 25  
ARG H      H  N N 26  
ARG H2     H  N N 27  
ARG HA     H  N N 28  
ARG HB2    H  N N 29  
ARG HB3    H  N N 30  
ARG HG2    H  N N 31  
ARG HG3    H  N N 32  
ARG HD2    H  N N 33  
ARG HD3    H  N N 34  
ARG HE     H  N N 35  
ARG HH11   H  N N 36  
ARG HH12   H  N N 37  
ARG HH21   H  N N 38  
ARG HH22   H  N N 39  
ARG HXT    H  N N 40  
ASN N      N  N N 41  
ASN CA     C  N S 42  
ASN C      C  N N 43  
ASN O      O  N N 44  
ASN CB     C  N N 45  
ASN CG     C  N N 46  
ASN OD1    O  N N 47  
ASN ND2    N  N N 48  
ASN OXT    O  N N 49  
ASN H      H  N N 50  
ASN H2     H  N N 51  
ASN HA     H  N N 52  
ASN HB2    H  N N 53  
ASN HB3    H  N N 54  
ASN HD21   H  N N 55  
ASN HD22   H  N N 56  
ASN HXT    H  N N 57  
ASP N      N  N N 58  
ASP CA     C  N S 59  
ASP C      C  N N 60  
ASP O      O  N N 61  
ASP CB     C  N N 62  
ASP CG     C  N N 63  
ASP OD1    O  N N 64  
ASP OD2    O  N N 65  
ASP OXT    O  N N 66  
ASP H      H  N N 67  
ASP H2     H  N N 68  
ASP HA     H  N N 69  
ASP HB2    H  N N 70  
ASP HB3    H  N N 71  
ASP HD2    H  N N 72  
ASP HXT    H  N N 73  
CYS N      N  N N 74  
CYS CA     C  N R 75  
CYS C      C  N N 76  
CYS O      O  N N 77  
CYS CB     C  N N 78  
CYS SG     S  N N 79  
CYS OXT    O  N N 80  
CYS H      H  N N 81  
CYS H2     H  N N 82  
CYS HA     H  N N 83  
CYS HB2    H  N N 84  
CYS HB3    H  N N 85  
CYS HG     H  N N 86  
CYS HXT    H  N N 87  
GLN N      N  N N 88  
GLN CA     C  N S 89  
GLN C      C  N N 90  
GLN O      O  N N 91  
GLN CB     C  N N 92  
GLN CG     C  N N 93  
GLN CD     C  N N 94  
GLN OE1    O  N N 95  
GLN NE2    N  N N 96  
GLN OXT    O  N N 97  
GLN H      H  N N 98  
GLN H2     H  N N 99  
GLN HA     H  N N 100 
GLN HB2    H  N N 101 
GLN HB3    H  N N 102 
GLN HG2    H  N N 103 
GLN HG3    H  N N 104 
GLN HE21   H  N N 105 
GLN HE22   H  N N 106 
GLN HXT    H  N N 107 
GLU N      N  N N 108 
GLU CA     C  N S 109 
GLU C      C  N N 110 
GLU O      O  N N 111 
GLU CB     C  N N 112 
GLU CG     C  N N 113 
GLU CD     C  N N 114 
GLU OE1    O  N N 115 
GLU OE2    O  N N 116 
GLU OXT    O  N N 117 
GLU H      H  N N 118 
GLU H2     H  N N 119 
GLU HA     H  N N 120 
GLU HB2    H  N N 121 
GLU HB3    H  N N 122 
GLU HG2    H  N N 123 
GLU HG3    H  N N 124 
GLU HE2    H  N N 125 
GLU HXT    H  N N 126 
GLY N      N  N N 127 
GLY CA     C  N N 128 
GLY C      C  N N 129 
GLY O      O  N N 130 
GLY OXT    O  N N 131 
GLY H      H  N N 132 
GLY H2     H  N N 133 
GLY HA2    H  N N 134 
GLY HA3    H  N N 135 
GLY HXT    H  N N 136 
GNP PG     P  N N 137 
GNP O1G    O  N N 138 
GNP O2G    O  N N 139 
GNP O3G    O  N N 140 
GNP N3B    N  N N 141 
GNP PB     P  N R 142 
GNP O1B    O  N N 143 
GNP O2B    O  N N 144 
GNP O3A    O  N N 145 
GNP PA     P  N S 146 
GNP O1A    O  N N 147 
GNP O2A    O  N N 148 
GNP "O5'"  O  N N 149 
GNP "C5'"  C  N N 150 
GNP "C4'"  C  N R 151 
GNP "O4'"  O  N N 152 
GNP "C3'"  C  N S 153 
GNP "O3'"  O  N N 154 
GNP "C2'"  C  N R 155 
GNP "O2'"  O  N N 156 
GNP "C1'"  C  N R 157 
GNP N9     N  Y N 158 
GNP C8     C  Y N 159 
GNP N7     N  Y N 160 
GNP C5     C  Y N 161 
GNP C6     C  Y N 162 
GNP O6     O  N N 163 
GNP N1     N  Y N 164 
GNP C2     C  Y N 165 
GNP N2     N  N N 166 
GNP N3     N  Y N 167 
GNP C4     C  Y N 168 
GNP HOG2   H  N N 169 
GNP HOG3   H  N N 170 
GNP HNB3   H  N N 171 
GNP HOB2   H  N N 172 
GNP HOA2   H  N N 173 
GNP "H5'2" H  N N 174 
GNP "H5'1" H  N N 175 
GNP "H4'"  H  N N 176 
GNP "H3'"  H  N N 177 
GNP "HO3'" H  N N 178 
GNP "H2'"  H  N N 179 
GNP "HO2'" H  N N 180 
GNP "H1'"  H  N N 181 
GNP H8     H  N N 182 
GNP HN1    H  N N 183 
GNP HN21   H  N N 184 
GNP HN22   H  N N 185 
HIS N      N  N N 186 
HIS CA     C  N S 187 
HIS C      C  N N 188 
HIS O      O  N N 189 
HIS CB     C  N N 190 
HIS CG     C  Y N 191 
HIS ND1    N  Y N 192 
HIS CD2    C  Y N 193 
HIS CE1    C  Y N 194 
HIS NE2    N  Y N 195 
HIS OXT    O  N N 196 
HIS H      H  N N 197 
HIS H2     H  N N 198 
HIS HA     H  N N 199 
HIS HB2    H  N N 200 
HIS HB3    H  N N 201 
HIS HD1    H  N N 202 
HIS HD2    H  N N 203 
HIS HE1    H  N N 204 
HIS HE2    H  N N 205 
HIS HXT    H  N N 206 
HOH O      O  N N 207 
HOH H1     H  N N 208 
HOH H2     H  N N 209 
ILE N      N  N N 210 
ILE CA     C  N S 211 
ILE C      C  N N 212 
ILE O      O  N N 213 
ILE CB     C  N S 214 
ILE CG1    C  N N 215 
ILE CG2    C  N N 216 
ILE CD1    C  N N 217 
ILE OXT    O  N N 218 
ILE H      H  N N 219 
ILE H2     H  N N 220 
ILE HA     H  N N 221 
ILE HB     H  N N 222 
ILE HG12   H  N N 223 
ILE HG13   H  N N 224 
ILE HG21   H  N N 225 
ILE HG22   H  N N 226 
ILE HG23   H  N N 227 
ILE HD11   H  N N 228 
ILE HD12   H  N N 229 
ILE HD13   H  N N 230 
ILE HXT    H  N N 231 
LEU N      N  N N 232 
LEU CA     C  N S 233 
LEU C      C  N N 234 
LEU O      O  N N 235 
LEU CB     C  N N 236 
LEU CG     C  N N 237 
LEU CD1    C  N N 238 
LEU CD2    C  N N 239 
LEU OXT    O  N N 240 
LEU H      H  N N 241 
LEU H2     H  N N 242 
LEU HA     H  N N 243 
LEU HB2    H  N N 244 
LEU HB3    H  N N 245 
LEU HG     H  N N 246 
LEU HD11   H  N N 247 
LEU HD12   H  N N 248 
LEU HD13   H  N N 249 
LEU HD21   H  N N 250 
LEU HD22   H  N N 251 
LEU HD23   H  N N 252 
LEU HXT    H  N N 253 
LYS N      N  N N 254 
LYS CA     C  N S 255 
LYS C      C  N N 256 
LYS O      O  N N 257 
LYS CB     C  N N 258 
LYS CG     C  N N 259 
LYS CD     C  N N 260 
LYS CE     C  N N 261 
LYS NZ     N  N N 262 
LYS OXT    O  N N 263 
LYS H      H  N N 264 
LYS H2     H  N N 265 
LYS HA     H  N N 266 
LYS HB2    H  N N 267 
LYS HB3    H  N N 268 
LYS HG2    H  N N 269 
LYS HG3    H  N N 270 
LYS HD2    H  N N 271 
LYS HD3    H  N N 272 
LYS HE2    H  N N 273 
LYS HE3    H  N N 274 
LYS HZ1    H  N N 275 
LYS HZ2    H  N N 276 
LYS HZ3    H  N N 277 
LYS HXT    H  N N 278 
MET N      N  N N 279 
MET CA     C  N S 280 
MET C      C  N N 281 
MET O      O  N N 282 
MET CB     C  N N 283 
MET CG     C  N N 284 
MET SD     S  N N 285 
MET CE     C  N N 286 
MET OXT    O  N N 287 
MET H      H  N N 288 
MET H2     H  N N 289 
MET HA     H  N N 290 
MET HB2    H  N N 291 
MET HB3    H  N N 292 
MET HG2    H  N N 293 
MET HG3    H  N N 294 
MET HE1    H  N N 295 
MET HE2    H  N N 296 
MET HE3    H  N N 297 
MET HXT    H  N N 298 
MG  MG     MG N N 299 
PHE N      N  N N 300 
PHE CA     C  N S 301 
PHE C      C  N N 302 
PHE O      O  N N 303 
PHE CB     C  N N 304 
PHE CG     C  Y N 305 
PHE CD1    C  Y N 306 
PHE CD2    C  Y N 307 
PHE CE1    C  Y N 308 
PHE CE2    C  Y N 309 
PHE CZ     C  Y N 310 
PHE OXT    O  N N 311 
PHE H      H  N N 312 
PHE H2     H  N N 313 
PHE HA     H  N N 314 
PHE HB2    H  N N 315 
PHE HB3    H  N N 316 
PHE HD1    H  N N 317 
PHE HD2    H  N N 318 
PHE HE1    H  N N 319 
PHE HE2    H  N N 320 
PHE HZ     H  N N 321 
PHE HXT    H  N N 322 
PRO N      N  N N 323 
PRO CA     C  N S 324 
PRO C      C  N N 325 
PRO O      O  N N 326 
PRO CB     C  N N 327 
PRO CG     C  N N 328 
PRO CD     C  N N 329 
PRO OXT    O  N N 330 
PRO H      H  N N 331 
PRO HA     H  N N 332 
PRO HB2    H  N N 333 
PRO HB3    H  N N 334 
PRO HG2    H  N N 335 
PRO HG3    H  N N 336 
PRO HD2    H  N N 337 
PRO HD3    H  N N 338 
PRO HXT    H  N N 339 
SER N      N  N N 340 
SER CA     C  N S 341 
SER C      C  N N 342 
SER O      O  N N 343 
SER CB     C  N N 344 
SER OG     O  N N 345 
SER OXT    O  N N 346 
SER H      H  N N 347 
SER H2     H  N N 348 
SER HA     H  N N 349 
SER HB2    H  N N 350 
SER HB3    H  N N 351 
SER HG     H  N N 352 
SER HXT    H  N N 353 
THR N      N  N N 354 
THR CA     C  N S 355 
THR C      C  N N 356 
THR O      O  N N 357 
THR CB     C  N R 358 
THR OG1    O  N N 359 
THR CG2    C  N N 360 
THR OXT    O  N N 361 
THR H      H  N N 362 
THR H2     H  N N 363 
THR HA     H  N N 364 
THR HB     H  N N 365 
THR HG1    H  N N 366 
THR HG21   H  N N 367 
THR HG22   H  N N 368 
THR HG23   H  N N 369 
THR HXT    H  N N 370 
TRP N      N  N N 371 
TRP CA     C  N S 372 
TRP C      C  N N 373 
TRP O      O  N N 374 
TRP CB     C  N N 375 
TRP CG     C  Y N 376 
TRP CD1    C  Y N 377 
TRP CD2    C  Y N 378 
TRP NE1    N  Y N 379 
TRP CE2    C  Y N 380 
TRP CE3    C  Y N 381 
TRP CZ2    C  Y N 382 
TRP CZ3    C  Y N 383 
TRP CH2    C  Y N 384 
TRP OXT    O  N N 385 
TRP H      H  N N 386 
TRP H2     H  N N 387 
TRP HA     H  N N 388 
TRP HB2    H  N N 389 
TRP HB3    H  N N 390 
TRP HD1    H  N N 391 
TRP HE1    H  N N 392 
TRP HE3    H  N N 393 
TRP HZ2    H  N N 394 
TRP HZ3    H  N N 395 
TRP HH2    H  N N 396 
TRP HXT    H  N N 397 
TYR N      N  N N 398 
TYR CA     C  N S 399 
TYR C      C  N N 400 
TYR O      O  N N 401 
TYR CB     C  N N 402 
TYR CG     C  Y N 403 
TYR CD1    C  Y N 404 
TYR CD2    C  Y N 405 
TYR CE1    C  Y N 406 
TYR CE2    C  Y N 407 
TYR CZ     C  Y N 408 
TYR OH     O  N N 409 
TYR OXT    O  N N 410 
TYR H      H  N N 411 
TYR H2     H  N N 412 
TYR HA     H  N N 413 
TYR HB2    H  N N 414 
TYR HB3    H  N N 415 
TYR HD1    H  N N 416 
TYR HD2    H  N N 417 
TYR HE1    H  N N 418 
TYR HE2    H  N N 419 
TYR HH     H  N N 420 
TYR HXT    H  N N 421 
VAL N      N  N N 422 
VAL CA     C  N S 423 
VAL C      C  N N 424 
VAL O      O  N N 425 
VAL CB     C  N N 426 
VAL CG1    C  N N 427 
VAL CG2    C  N N 428 
VAL OXT    O  N N 429 
VAL H      H  N N 430 
VAL H2     H  N N 431 
VAL HA     H  N N 432 
VAL HB     H  N N 433 
VAL HG11   H  N N 434 
VAL HG12   H  N N 435 
VAL HG13   H  N N 436 
VAL HG21   H  N N 437 
VAL HG22   H  N N 438 
VAL HG23   H  N N 439 
VAL HXT    H  N N 440 
# 
loop_
_chem_comp_bond.comp_id 
_chem_comp_bond.atom_id_1 
_chem_comp_bond.atom_id_2 
_chem_comp_bond.value_order 
_chem_comp_bond.pdbx_aromatic_flag 
_chem_comp_bond.pdbx_stereo_config 
_chem_comp_bond.pdbx_ordinal 
ALA N     CA     sing N N 1   
ALA N     H      sing N N 2   
ALA N     H2     sing N N 3   
ALA CA    C      sing N N 4   
ALA CA    CB     sing N N 5   
ALA CA    HA     sing N N 6   
ALA C     O      doub N N 7   
ALA C     OXT    sing N N 8   
ALA CB    HB1    sing N N 9   
ALA CB    HB2    sing N N 10  
ALA CB    HB3    sing N N 11  
ALA OXT   HXT    sing N N 12  
ARG N     CA     sing N N 13  
ARG N     H      sing N N 14  
ARG N     H2     sing N N 15  
ARG CA    C      sing N N 16  
ARG CA    CB     sing N N 17  
ARG CA    HA     sing N N 18  
ARG C     O      doub N N 19  
ARG C     OXT    sing N N 20  
ARG CB    CG     sing N N 21  
ARG CB    HB2    sing N N 22  
ARG CB    HB3    sing N N 23  
ARG CG    CD     sing N N 24  
ARG CG    HG2    sing N N 25  
ARG CG    HG3    sing N N 26  
ARG CD    NE     sing N N 27  
ARG CD    HD2    sing N N 28  
ARG CD    HD3    sing N N 29  
ARG NE    CZ     sing N N 30  
ARG NE    HE     sing N N 31  
ARG CZ    NH1    sing N N 32  
ARG CZ    NH2    doub N N 33  
ARG NH1   HH11   sing N N 34  
ARG NH1   HH12   sing N N 35  
ARG NH2   HH21   sing N N 36  
ARG NH2   HH22   sing N N 37  
ARG OXT   HXT    sing N N 38  
ASN N     CA     sing N N 39  
ASN N     H      sing N N 40  
ASN N     H2     sing N N 41  
ASN CA    C      sing N N 42  
ASN CA    CB     sing N N 43  
ASN CA    HA     sing N N 44  
ASN C     O      doub N N 45  
ASN C     OXT    sing N N 46  
ASN CB    CG     sing N N 47  
ASN CB    HB2    sing N N 48  
ASN CB    HB3    sing N N 49  
ASN CG    OD1    doub N N 50  
ASN CG    ND2    sing N N 51  
ASN ND2   HD21   sing N N 52  
ASN ND2   HD22   sing N N 53  
ASN OXT   HXT    sing N N 54  
ASP N     CA     sing N N 55  
ASP N     H      sing N N 56  
ASP N     H2     sing N N 57  
ASP CA    C      sing N N 58  
ASP CA    CB     sing N N 59  
ASP CA    HA     sing N N 60  
ASP C     O      doub N N 61  
ASP C     OXT    sing N N 62  
ASP CB    CG     sing N N 63  
ASP CB    HB2    sing N N 64  
ASP CB    HB3    sing N N 65  
ASP CG    OD1    doub N N 66  
ASP CG    OD2    sing N N 67  
ASP OD2   HD2    sing N N 68  
ASP OXT   HXT    sing N N 69  
CYS N     CA     sing N N 70  
CYS N     H      sing N N 71  
CYS N     H2     sing N N 72  
CYS CA    C      sing N N 73  
CYS CA    CB     sing N N 74  
CYS CA    HA     sing N N 75  
CYS C     O      doub N N 76  
CYS C     OXT    sing N N 77  
CYS CB    SG     sing N N 78  
CYS CB    HB2    sing N N 79  
CYS CB    HB3    sing N N 80  
CYS SG    HG     sing N N 81  
CYS OXT   HXT    sing N N 82  
GLN N     CA     sing N N 83  
GLN N     H      sing N N 84  
GLN N     H2     sing N N 85  
GLN CA    C      sing N N 86  
GLN CA    CB     sing N N 87  
GLN CA    HA     sing N N 88  
GLN C     O      doub N N 89  
GLN C     OXT    sing N N 90  
GLN CB    CG     sing N N 91  
GLN CB    HB2    sing N N 92  
GLN CB    HB3    sing N N 93  
GLN CG    CD     sing N N 94  
GLN CG    HG2    sing N N 95  
GLN CG    HG3    sing N N 96  
GLN CD    OE1    doub N N 97  
GLN CD    NE2    sing N N 98  
GLN NE2   HE21   sing N N 99  
GLN NE2   HE22   sing N N 100 
GLN OXT   HXT    sing N N 101 
GLU N     CA     sing N N 102 
GLU N     H      sing N N 103 
GLU N     H2     sing N N 104 
GLU CA    C      sing N N 105 
GLU CA    CB     sing N N 106 
GLU CA    HA     sing N N 107 
GLU C     O      doub N N 108 
GLU C     OXT    sing N N 109 
GLU CB    CG     sing N N 110 
GLU CB    HB2    sing N N 111 
GLU CB    HB3    sing N N 112 
GLU CG    CD     sing N N 113 
GLU CG    HG2    sing N N 114 
GLU CG    HG3    sing N N 115 
GLU CD    OE1    doub N N 116 
GLU CD    OE2    sing N N 117 
GLU OE2   HE2    sing N N 118 
GLU OXT   HXT    sing N N 119 
GLY N     CA     sing N N 120 
GLY N     H      sing N N 121 
GLY N     H2     sing N N 122 
GLY CA    C      sing N N 123 
GLY CA    HA2    sing N N 124 
GLY CA    HA3    sing N N 125 
GLY C     O      doub N N 126 
GLY C     OXT    sing N N 127 
GLY OXT   HXT    sing N N 128 
GNP PG    O1G    doub N N 129 
GNP PG    O2G    sing N N 130 
GNP PG    O3G    sing N N 131 
GNP PG    N3B    sing N N 132 
GNP O2G   HOG2   sing N N 133 
GNP O3G   HOG3   sing N N 134 
GNP N3B   PB     sing N N 135 
GNP N3B   HNB3   sing N N 136 
GNP PB    O1B    doub N N 137 
GNP PB    O2B    sing N N 138 
GNP PB    O3A    sing N N 139 
GNP O2B   HOB2   sing N N 140 
GNP O3A   PA     sing N N 141 
GNP PA    O1A    doub N N 142 
GNP PA    O2A    sing N N 143 
GNP PA    "O5'"  sing N N 144 
GNP O2A   HOA2   sing N N 145 
GNP "O5'" "C5'"  sing N N 146 
GNP "C5'" "C4'"  sing N N 147 
GNP "C5'" "H5'2" sing N N 148 
GNP "C5'" "H5'1" sing N N 149 
GNP "C4'" "O4'"  sing N N 150 
GNP "C4'" "C3'"  sing N N 151 
GNP "C4'" "H4'"  sing N N 152 
GNP "O4'" "C1'"  sing N N 153 
GNP "C3'" "O3'"  sing N N 154 
GNP "C3'" "C2'"  sing N N 155 
GNP "C3'" "H3'"  sing N N 156 
GNP "O3'" "HO3'" sing N N 157 
GNP "C2'" "O2'"  sing N N 158 
GNP "C2'" "C1'"  sing N N 159 
GNP "C2'" "H2'"  sing N N 160 
GNP "O2'" "HO2'" sing N N 161 
GNP "C1'" N9     sing N N 162 
GNP "C1'" "H1'"  sing N N 163 
GNP N9    C8     sing Y N 164 
GNP N9    C4     sing Y N 165 
GNP C8    N7     doub Y N 166 
GNP C8    H8     sing N N 167 
GNP N7    C5     sing Y N 168 
GNP C5    C6     sing Y N 169 
GNP C5    C4     doub Y N 170 
GNP C6    O6     doub N N 171 
GNP C6    N1     sing Y N 172 
GNP N1    C2     sing Y N 173 
GNP N1    HN1    sing N N 174 
GNP C2    N2     sing N N 175 
GNP C2    N3     doub Y N 176 
GNP N2    HN21   sing N N 177 
GNP N2    HN22   sing N N 178 
GNP N3    C4     sing Y N 179 
HIS N     CA     sing N N 180 
HIS N     H      sing N N 181 
HIS N     H2     sing N N 182 
HIS CA    C      sing N N 183 
HIS CA    CB     sing N N 184 
HIS CA    HA     sing N N 185 
HIS C     O      doub N N 186 
HIS C     OXT    sing N N 187 
HIS CB    CG     sing N N 188 
HIS CB    HB2    sing N N 189 
HIS CB    HB3    sing N N 190 
HIS CG    ND1    sing Y N 191 
HIS CG    CD2    doub Y N 192 
HIS ND1   CE1    doub Y N 193 
HIS ND1   HD1    sing N N 194 
HIS CD2   NE2    sing Y N 195 
HIS CD2   HD2    sing N N 196 
HIS CE1   NE2    sing Y N 197 
HIS CE1   HE1    sing N N 198 
HIS NE2   HE2    sing N N 199 
HIS OXT   HXT    sing N N 200 
HOH O     H1     sing N N 201 
HOH O     H2     sing N N 202 
ILE N     CA     sing N N 203 
ILE N     H      sing N N 204 
ILE N     H2     sing N N 205 
ILE CA    C      sing N N 206 
ILE CA    CB     sing N N 207 
ILE CA    HA     sing N N 208 
ILE C     O      doub N N 209 
ILE C     OXT    sing N N 210 
ILE CB    CG1    sing N N 211 
ILE CB    CG2    sing N N 212 
ILE CB    HB     sing N N 213 
ILE CG1   CD1    sing N N 214 
ILE CG1   HG12   sing N N 215 
ILE CG1   HG13   sing N N 216 
ILE CG2   HG21   sing N N 217 
ILE CG2   HG22   sing N N 218 
ILE CG2   HG23   sing N N 219 
ILE CD1   HD11   sing N N 220 
ILE CD1   HD12   sing N N 221 
ILE CD1   HD13   sing N N 222 
ILE OXT   HXT    sing N N 223 
LEU N     CA     sing N N 224 
LEU N     H      sing N N 225 
LEU N     H2     sing N N 226 
LEU CA    C      sing N N 227 
LEU CA    CB     sing N N 228 
LEU CA    HA     sing N N 229 
LEU C     O      doub N N 230 
LEU C     OXT    sing N N 231 
LEU CB    CG     sing N N 232 
LEU CB    HB2    sing N N 233 
LEU CB    HB3    sing N N 234 
LEU CG    CD1    sing N N 235 
LEU CG    CD2    sing N N 236 
LEU CG    HG     sing N N 237 
LEU CD1   HD11   sing N N 238 
LEU CD1   HD12   sing N N 239 
LEU CD1   HD13   sing N N 240 
LEU CD2   HD21   sing N N 241 
LEU CD2   HD22   sing N N 242 
LEU CD2   HD23   sing N N 243 
LEU OXT   HXT    sing N N 244 
LYS N     CA     sing N N 245 
LYS N     H      sing N N 246 
LYS N     H2     sing N N 247 
LYS CA    C      sing N N 248 
LYS CA    CB     sing N N 249 
LYS CA    HA     sing N N 250 
LYS C     O      doub N N 251 
LYS C     OXT    sing N N 252 
LYS CB    CG     sing N N 253 
LYS CB    HB2    sing N N 254 
LYS CB    HB3    sing N N 255 
LYS CG    CD     sing N N 256 
LYS CG    HG2    sing N N 257 
LYS CG    HG3    sing N N 258 
LYS CD    CE     sing N N 259 
LYS CD    HD2    sing N N 260 
LYS CD    HD3    sing N N 261 
LYS CE    NZ     sing N N 262 
LYS CE    HE2    sing N N 263 
LYS CE    HE3    sing N N 264 
LYS NZ    HZ1    sing N N 265 
LYS NZ    HZ2    sing N N 266 
LYS NZ    HZ3    sing N N 267 
LYS OXT   HXT    sing N N 268 
MET N     CA     sing N N 269 
MET N     H      sing N N 270 
MET N     H2     sing N N 271 
MET CA    C      sing N N 272 
MET CA    CB     sing N N 273 
MET CA    HA     sing N N 274 
MET C     O      doub N N 275 
MET C     OXT    sing N N 276 
MET CB    CG     sing N N 277 
MET CB    HB2    sing N N 278 
MET CB    HB3    sing N N 279 
MET CG    SD     sing N N 280 
MET CG    HG2    sing N N 281 
MET CG    HG3    sing N N 282 
MET SD    CE     sing N N 283 
MET CE    HE1    sing N N 284 
MET CE    HE2    sing N N 285 
MET CE    HE3    sing N N 286 
MET OXT   HXT    sing N N 287 
PHE N     CA     sing N N 288 
PHE N     H      sing N N 289 
PHE N     H2     sing N N 290 
PHE CA    C      sing N N 291 
PHE CA    CB     sing N N 292 
PHE CA    HA     sing N N 293 
PHE C     O      doub N N 294 
PHE C     OXT    sing N N 295 
PHE CB    CG     sing N N 296 
PHE CB    HB2    sing N N 297 
PHE CB    HB3    sing N N 298 
PHE CG    CD1    doub Y N 299 
PHE CG    CD2    sing Y N 300 
PHE CD1   CE1    sing Y N 301 
PHE CD1   HD1    sing N N 302 
PHE CD2   CE2    doub Y N 303 
PHE CD2   HD2    sing N N 304 
PHE CE1   CZ     doub Y N 305 
PHE CE1   HE1    sing N N 306 
PHE CE2   CZ     sing Y N 307 
PHE CE2   HE2    sing N N 308 
PHE CZ    HZ     sing N N 309 
PHE OXT   HXT    sing N N 310 
PRO N     CA     sing N N 311 
PRO N     CD     sing N N 312 
PRO N     H      sing N N 313 
PRO CA    C      sing N N 314 
PRO CA    CB     sing N N 315 
PRO CA    HA     sing N N 316 
PRO C     O      doub N N 317 
PRO C     OXT    sing N N 318 
PRO CB    CG     sing N N 319 
PRO CB    HB2    sing N N 320 
PRO CB    HB3    sing N N 321 
PRO CG    CD     sing N N 322 
PRO CG    HG2    sing N N 323 
PRO CG    HG3    sing N N 324 
PRO CD    HD2    sing N N 325 
PRO CD    HD3    sing N N 326 
PRO OXT   HXT    sing N N 327 
SER N     CA     sing N N 328 
SER N     H      sing N N 329 
SER N     H2     sing N N 330 
SER CA    C      sing N N 331 
SER CA    CB     sing N N 332 
SER CA    HA     sing N N 333 
SER C     O      doub N N 334 
SER C     OXT    sing N N 335 
SER CB    OG     sing N N 336 
SER CB    HB2    sing N N 337 
SER CB    HB3    sing N N 338 
SER OG    HG     sing N N 339 
SER OXT   HXT    sing N N 340 
THR N     CA     sing N N 341 
THR N     H      sing N N 342 
THR N     H2     sing N N 343 
THR CA    C      sing N N 344 
THR CA    CB     sing N N 345 
THR CA    HA     sing N N 346 
THR C     O      doub N N 347 
THR C     OXT    sing N N 348 
THR CB    OG1    sing N N 349 
THR CB    CG2    sing N N 350 
THR CB    HB     sing N N 351 
THR OG1   HG1    sing N N 352 
THR CG2   HG21   sing N N 353 
THR CG2   HG22   sing N N 354 
THR CG2   HG23   sing N N 355 
THR OXT   HXT    sing N N 356 
TRP N     CA     sing N N 357 
TRP N     H      sing N N 358 
TRP N     H2     sing N N 359 
TRP CA    C      sing N N 360 
TRP CA    CB     sing N N 361 
TRP CA    HA     sing N N 362 
TRP C     O      doub N N 363 
TRP C     OXT    sing N N 364 
TRP CB    CG     sing N N 365 
TRP CB    HB2    sing N N 366 
TRP CB    HB3    sing N N 367 
TRP CG    CD1    doub Y N 368 
TRP CG    CD2    sing Y N 369 
TRP CD1   NE1    sing Y N 370 
TRP CD1   HD1    sing N N 371 
TRP CD2   CE2    doub Y N 372 
TRP CD2   CE3    sing Y N 373 
TRP NE1   CE2    sing Y N 374 
TRP NE1   HE1    sing N N 375 
TRP CE2   CZ2    sing Y N 376 
TRP CE3   CZ3    doub Y N 377 
TRP CE3   HE3    sing N N 378 
TRP CZ2   CH2    doub Y N 379 
TRP CZ2   HZ2    sing N N 380 
TRP CZ3   CH2    sing Y N 381 
TRP CZ3   HZ3    sing N N 382 
TRP CH2   HH2    sing N N 383 
TRP OXT   HXT    sing N N 384 
TYR N     CA     sing N N 385 
TYR N     H      sing N N 386 
TYR N     H2     sing N N 387 
TYR CA    C      sing N N 388 
TYR CA    CB     sing N N 389 
TYR CA    HA     sing N N 390 
TYR C     O      doub N N 391 
TYR C     OXT    sing N N 392 
TYR CB    CG     sing N N 393 
TYR CB    HB2    sing N N 394 
TYR CB    HB3    sing N N 395 
TYR CG    CD1    doub Y N 396 
TYR CG    CD2    sing Y N 397 
TYR CD1   CE1    sing Y N 398 
TYR CD1   HD1    sing N N 399 
TYR CD2   CE2    doub Y N 400 
TYR CD2   HD2    sing N N 401 
TYR CE1   CZ     doub Y N 402 
TYR CE1   HE1    sing N N 403 
TYR CE2   CZ     sing Y N 404 
TYR CE2   HE2    sing N N 405 
TYR CZ    OH     sing N N 406 
TYR OH    HH     sing N N 407 
TYR OXT   HXT    sing N N 408 
VAL N     CA     sing N N 409 
VAL N     H      sing N N 410 
VAL N     H2     sing N N 411 
VAL CA    C      sing N N 412 
VAL CA    CB     sing N N 413 
VAL CA    HA     sing N N 414 
VAL C     O      doub N N 415 
VAL C     OXT    sing N N 416 
VAL CB    CG1    sing N N 417 
VAL CB    CG2    sing N N 418 
VAL CB    HB     sing N N 419 
VAL CG1   HG11   sing N N 420 
VAL CG1   HG12   sing N N 421 
VAL CG1   HG13   sing N N 422 
VAL CG2   HG21   sing N N 423 
VAL CG2   HG22   sing N N 424 
VAL CG2   HG23   sing N N 425 
VAL OXT   HXT    sing N N 426 
# 
_pdbx_initial_refinement_model.accession_code   ? 
_pdbx_initial_refinement_model.id               1 
_pdbx_initial_refinement_model.entity_id_list   ? 
_pdbx_initial_refinement_model.type             'experimental model' 
_pdbx_initial_refinement_model.source_name      Other 
_pdbx_initial_refinement_model.details          'Polyalanine Rab5c GTPase' 
# 
_atom_sites.entry_id                    1Z06 
_atom_sites.fract_transf_matrix[1][1]   0.01835704 
_atom_sites.fract_transf_matrix[1][2]   0.00900066 
_atom_sites.fract_transf_matrix[1][3]   -0.00205532 
_atom_sites.fract_transf_matrix[2][1]   0.01205532 
_atom_sites.fract_transf_matrix[2][2]   -0.00477227 
_atom_sites.fract_transf_matrix[2][3]   -0.01594099 
_atom_sites.fract_transf_matrix[3][1]   -0.00761678 
_atom_sites.fract_transf_matrix[3][2]   0.01330939 
_atom_sites.fract_transf_matrix[3][3]   -0.00974461 
_atom_sites.fract_transf_vector[1]      0.257711 
_atom_sites.fract_transf_vector[2]      0.311614 
_atom_sites.fract_transf_vector[3]      0.012430 
# 
loop_
_atom_type.symbol 
C  
MG 
N  
O  
P  
S  
# 
loop_
_atom_site.group_PDB 
_atom_site.id 
_atom_site.type_symbol 
_atom_site.label_atom_id 
_atom_site.label_alt_id 
_atom_site.label_comp_id 
_atom_site.label_asym_id 
_atom_site.label_entity_id 
_atom_site.label_seq_id 
_atom_site.pdbx_PDB_ins_code 
_atom_site.Cartn_x 
_atom_site.Cartn_y 
_atom_site.Cartn_z 
_atom_site.occupancy 
_atom_site.B_iso_or_equiv 
_atom_site.pdbx_formal_charge 
_atom_site.auth_seq_id 
_atom_site.auth_comp_id 
_atom_site.auth_asym_id 
_atom_site.auth_atom_id 
_atom_site.pdbx_PDB_model_num 
ATOM   1    N  N     . ARG A 1 19  ? 9.322   -16.789 9.889   1.00 24.84 ? 32  ARG A N     1 
ATOM   2    C  CA    . ARG A 1 19  ? 8.700   -15.557 10.480  1.00 23.81 ? 32  ARG A CA    1 
ATOM   3    C  C     . ARG A 1 19  ? 7.741   -14.916 9.483   1.00 23.57 ? 32  ARG A C     1 
ATOM   4    O  O     . ARG A 1 19  ? 8.078   -14.755 8.321   1.00 23.79 ? 32  ARG A O     1 
ATOM   5    C  CB    . ARG A 1 19  ? 9.764   -14.556 10.880  1.00 24.31 ? 32  ARG A CB    1 
ATOM   6    N  N     . ILE A 1 20  ? 6.556   -14.534 9.955   1.00 22.69 ? 33  ILE A N     1 
ATOM   7    C  CA    . ILE A 1 20  ? 5.566   -13.863 9.120   1.00 22.23 ? 33  ILE A CA    1 
ATOM   8    C  C     . ILE A 1 20  ? 5.692   -12.352 9.324   1.00 21.16 ? 33  ILE A C     1 
ATOM   9    O  O     . ILE A 1 20  ? 5.773   -11.882 10.456  1.00 20.23 ? 33  ILE A O     1 
ATOM   10   C  CB    . ILE A 1 20  ? 4.133   -14.326 9.463   1.00 22.10 ? 33  ILE A CB    1 
ATOM   11   C  CG1   . ILE A 1 20  ? 3.932   -15.770 9.008   1.00 23.10 ? 33  ILE A CG1   1 
ATOM   12   C  CG2   . ILE A 1 20  ? 3.085   -13.407 8.813   1.00 22.56 ? 33  ILE A CG2   1 
ATOM   13   C  CD1   . ILE A 1 20  ? 2.717   -16.427 9.593   1.00 24.03 ? 33  ILE A CD1   1 
ATOM   14   N  N     . PHE A 1 21  ? 5.738   -11.603 8.221   1.00 20.77 ? 34  PHE A N     1 
ATOM   15   C  CA    . PHE A 1 21  ? 5.768   -10.138 8.261   1.00 19.96 ? 34  PHE A CA    1 
ATOM   16   C  C     . PHE A 1 21  ? 4.508   -9.626  7.566   1.00 19.01 ? 34  PHE A C     1 
ATOM   17   O  O     . PHE A 1 21  ? 4.415   -9.660  6.352   1.00 17.80 ? 34  PHE A O     1 
ATOM   18   C  CB    . PHE A 1 21  ? 7.022   -9.594  7.576   1.00 21.24 ? 34  PHE A CB    1 
ATOM   19   C  CG    . PHE A 1 21  ? 7.259   -8.136  7.799   1.00 22.22 ? 34  PHE A CG    1 
ATOM   20   C  CD1   . PHE A 1 21  ? 7.900   -7.687  8.952   1.00 24.44 ? 34  PHE A CD1   1 
ATOM   21   C  CD2   . PHE A 1 21  ? 6.878   -7.200  6.849   1.00 23.62 ? 34  PHE A CD2   1 
ATOM   22   C  CE1   . PHE A 1 21  ? 8.142   -6.330  9.158   1.00 24.23 ? 34  PHE A CE1   1 
ATOM   23   C  CE2   . PHE A 1 21  ? 7.116   -5.832  7.061   1.00 23.85 ? 34  PHE A CE2   1 
ATOM   24   C  CZ    . PHE A 1 21  ? 7.747   -5.404  8.218   1.00 22.67 ? 34  PHE A CZ    1 
ATOM   25   N  N     . LYS A 1 22  ? 3.528   -9.206  8.359   1.00 17.89 ? 35  LYS A N     1 
ATOM   26   C  CA    . LYS A 1 22  ? 2.235   -8.738  7.867   1.00 17.86 ? 35  LYS A CA    1 
ATOM   27   C  C     . LYS A 1 22  ? 2.292   -7.246  7.531   1.00 17.41 ? 35  LYS A C     1 
ATOM   28   O  O     . LYS A 1 22  ? 2.524   -6.406  8.407   1.00 16.96 ? 35  LYS A O     1 
ATOM   29   C  CB    . LYS A 1 22  ? 1.143   -9.011  8.912   1.00 17.54 ? 35  LYS A CB    1 
ATOM   30   C  CG    . LYS A 1 22  ? -0.224  -8.432  8.585   1.00 17.11 ? 35  LYS A CG    1 
ATOM   31   C  CD    . LYS A 1 22  ? -1.307  -8.938  9.518   1.00 17.43 ? 35  LYS A CD    1 
ATOM   32   C  CE    . LYS A 1 22  ? -2.587  -8.168  9.318   1.00 16.92 ? 35  LYS A CE    1 
ATOM   33   N  NZ    . LYS A 1 22  ? -3.725  -8.708  10.096  1.00 15.98 ? 35  LYS A NZ    1 
ATOM   34   N  N     . ILE A 1 23  ? 2.046   -6.935  6.261   1.00 17.45 ? 36  ILE A N     1 
ATOM   35   C  CA    . ILE A 1 23  ? 2.023   -5.569  5.766   1.00 17.65 ? 36  ILE A CA    1 
ATOM   36   C  C     . ILE A 1 23  ? 0.631   -5.325  5.236   1.00 17.41 ? 36  ILE A C     1 
ATOM   37   O  O     . ILE A 1 23  ? 0.181   -6.054  4.362   1.00 16.98 ? 36  ILE A O     1 
ATOM   38   C  CB    . ILE A 1 23  ? 3.027   -5.344  4.620   1.00 17.80 ? 36  ILE A CB    1 
ATOM   39   C  CG1   . ILE A 1 23  ? 4.423   -5.778  5.040   1.00 18.66 ? 36  ILE A CG1   1 
ATOM   40   C  CG2   . ILE A 1 23  ? 3.032   -3.884  4.203   1.00 18.14 ? 36  ILE A CG2   1 
ATOM   41   C  CD1   . ILE A 1 23  ? 5.483   -5.619  3.948   1.00 19.26 ? 36  ILE A CD1   1 
ATOM   42   N  N     . ILE A 1 24  ? -0.062  -4.336  5.779   1.00 16.97 ? 37  ILE A N     1 
ATOM   43   C  CA    . ILE A 1 24  ? -1.397  -4.030  5.286   1.00 17.32 ? 37  ILE A CA    1 
ATOM   44   C  C     . ILE A 1 24  ? -1.327  -2.854  4.332   1.00 16.66 ? 37  ILE A C     1 
ATOM   45   O  O     . ILE A 1 24  ? -0.506  -1.953  4.496   1.00 15.94 ? 37  ILE A O     1 
ATOM   46   C  CB    . ILE A 1 24  ? -2.412  -3.805  6.424   1.00 17.70 ? 37  ILE A CB    1 
ATOM   47   C  CG1   . ILE A 1 24  ? -2.127  -2.507  7.187   1.00 17.99 ? 37  ILE A CG1   1 
ATOM   48   C  CG2   . ILE A 1 24  ? -2.416  -5.022  7.336   1.00 17.77 ? 37  ILE A CG2   1 
ATOM   49   C  CD1   . ILE A 1 24  ? -3.121  -2.216  8.293   1.00 19.30 ? 37  ILE A CD1   1 
ATOM   50   N  N     . VAL A 1 25  ? -2.175  -2.890  3.309   1.00 16.15 ? 38  VAL A N     1 
ATOM   51   C  CA    . VAL A 1 25  ? -2.153  -1.890  2.262   1.00 15.81 ? 38  VAL A CA    1 
ATOM   52   C  C     . VAL A 1 25  ? -3.505  -1.194  2.301   1.00 15.55 ? 38  VAL A C     1 
ATOM   53   O  O     . VAL A 1 25  ? -4.532  -1.830  2.044   1.00 15.30 ? 38  VAL A O     1 
ATOM   54   C  CB    . VAL A 1 25  ? -1.863  -2.526  0.885   1.00 15.48 ? 38  VAL A CB    1 
ATOM   55   C  CG1   . VAL A 1 25  ? -1.740  -1.453  -0.192  1.00 15.22 ? 38  VAL A CG1   1 
ATOM   56   C  CG2   . VAL A 1 25  ? -0.577  -3.340  0.961   1.00 15.83 ? 38  VAL A CG2   1 
ATOM   57   N  N     . ILE A 1 26  ? -3.474  0.093   2.664   1.00 15.62 ? 39  ILE A N     1 
ATOM   58   C  CA    . ILE A 1 26  ? -4.665  0.885   2.986   1.00 15.99 ? 39  ILE A CA    1 
ATOM   59   C  C     . ILE A 1 26  ? -4.829  2.036   1.986   1.00 16.31 ? 39  ILE A C     1 
ATOM   60   O  O     . ILE A 1 26  ? -3.847  2.647   1.574   1.00 16.78 ? 39  ILE A O     1 
ATOM   61   C  CB    . ILE A 1 26  ? -4.537  1.497   4.409   1.00 16.04 ? 39  ILE A CB    1 
ATOM   62   C  CG1   . ILE A 1 26  ? -4.521  0.403   5.483   1.00 16.92 ? 39  ILE A CG1   1 
ATOM   63   C  CG2   . ILE A 1 26  ? -5.632  2.523   4.657   1.00 16.14 ? 39  ILE A CG2   1 
ATOM   64   C  CD1   . ILE A 1 26  ? -5.875  -0.106  5.917   1.00 17.29 ? 39  ILE A CD1   1 
ATOM   65   N  N     . GLY A 1 27  ? -6.073  2.334   1.614   1.00 16.13 ? 40  GLY A N     1 
ATOM   66   C  CA    . GLY A 1 27  ? -6.366  3.457   0.725   1.00 16.45 ? 40  GLY A CA    1 
ATOM   67   C  C     . GLY A 1 27  ? -7.709  3.360   0.022   1.00 16.09 ? 40  GLY A C     1 
ATOM   68   O  O     . GLY A 1 27  ? -8.395  2.346   0.112   1.00 15.83 ? 40  GLY A O     1 
ATOM   69   N  N     . ASP A 1 28  ? -8.082  4.437   -0.676  1.00 16.78 ? 41  ASP A N     1 
ATOM   70   C  CA    . ASP A 1 28  ? -9.361  4.530   -1.391  1.00 17.24 ? 41  ASP A CA    1 
ATOM   71   C  C     . ASP A 1 28  ? -9.542  3.403   -2.409  1.00 17.67 ? 41  ASP A C     1 
ATOM   72   O  O     . ASP A 1 28  ? -8.572  2.873   -2.948  1.00 16.94 ? 41  ASP A O     1 
ATOM   73   C  CB    . ASP A 1 28  ? -9.471  5.859   -2.159  1.00 17.05 ? 41  ASP A CB    1 
ATOM   74   C  CG    . ASP A 1 28  ? -9.765  7.060   -1.264  1.00 18.40 ? 41  ASP A CG    1 
ATOM   75   O  OD1   . ASP A 1 28  ? -9.849  6.911   -0.029  1.00 18.58 ? 41  ASP A OD1   1 
ATOM   76   O  OD2   . ASP A 1 28  ? -9.931  8.179   -1.815  1.00 18.45 ? 41  ASP A OD2   1 
ATOM   77   N  N     . SER A 1 29  ? -10.800 3.056   -2.666  1.00 17.94 ? 42  SER A N     1 
ATOM   78   C  CA    . SER A 1 29  ? -11.135 2.140   -3.742  1.00 18.35 ? 42  SER A CA    1 
ATOM   79   C  C     . SER A 1 29  ? -10.587 2.687   -5.061  1.00 18.63 ? 42  SER A C     1 
ATOM   80   O  O     . SER A 1 29  ? -10.653 3.883   -5.313  1.00 18.97 ? 42  SER A O     1 
ATOM   81   C  CB    . SER A 1 29  ? -12.658 1.943   -3.817  1.00 18.74 ? 42  SER A CB    1 
ATOM   82   O  OG    . SER A 1 29  ? -13.009 0.950   -4.759  1.00 19.07 ? 42  SER A OG    1 
ATOM   83   N  N     . ASN A 1 30  ? -9.980  1.791   -5.838  1.00 19.09 ? 43  ASN A N     1 
ATOM   84   C  CA    . ASN A 1 30  ? -9.508  2.015   -7.218  1.00 18.81 ? 43  ASN A CA    1 
ATOM   85   C  C     . ASN A 1 30  ? -8.093  2.578   -7.343  1.00 18.53 ? 43  ASN A C     1 
ATOM   86   O  O     . ASN A 1 30  ? -7.644  2.857   -8.451  1.00 18.63 ? 43  ASN A O     1 
ATOM   87   C  CB    . ASN A 1 30  ? -10.493 2.859   -8.057  1.00 19.57 ? 43  ASN A CB    1 
ATOM   88   C  CG    . ASN A 1 30  ? -10.415 2.529   -9.552  1.00 20.31 ? 43  ASN A CG    1 
ATOM   89   O  OD1   . ASN A 1 30  ? -10.594 1.374   -9.949  1.00 25.20 ? 43  ASN A OD1   1 
ATOM   90   N  ND2   . ASN A 1 30  ? -10.139 3.530   -10.375 1.00 24.90 ? 43  ASN A ND2   1 
ATOM   91   N  N     . VAL A 1 31  ? -7.376  2.723   -6.226  1.00 17.65 ? 44  VAL A N     1 
ATOM   92   C  CA    . VAL A 1 31  ? -6.018  3.269   -6.272  1.00 17.47 ? 44  VAL A CA    1 
ATOM   93   C  C     . VAL A 1 31  ? -4.990  2.239   -6.753  1.00 16.95 ? 44  VAL A C     1 
ATOM   94   O  O     . VAL A 1 31  ? -3.898  2.603   -7.170  1.00 17.06 ? 44  VAL A O     1 
ATOM   95   C  CB    . VAL A 1 31  ? -5.560  3.893   -4.927  1.00 17.40 ? 44  VAL A CB    1 
ATOM   96   C  CG1   . VAL A 1 31  ? -6.536  4.997   -4.474  1.00 17.83 ? 44  VAL A CG1   1 
ATOM   97   C  CG2   . VAL A 1 31  ? -5.386  2.829   -3.860  1.00 18.19 ? 44  VAL A CG2   1 
ATOM   98   N  N     . GLY A 1 32  ? -5.347  0.960   -6.700  1.00 17.03 ? 45  GLY A N     1 
ATOM   99   C  CA    . GLY A 1 32  ? -4.475  -0.109  -7.194  1.00 17.02 ? 45  GLY A CA    1 
ATOM   100  C  C     . GLY A 1 32  ? -3.876  -1.010  -6.127  1.00 17.01 ? 45  GLY A C     1 
ATOM   101  O  O     . GLY A 1 32  ? -2.841  -1.635  -6.363  1.00 16.72 ? 45  GLY A O     1 
ATOM   102  N  N     . LYS A 1 33  ? -4.511  -1.104  -4.956  1.00 17.12 ? 46  LYS A N     1 
ATOM   103  C  CA    . LYS A 1 33  ? -3.953  -1.914  -3.859  1.00 17.10 ? 46  LYS A CA    1 
ATOM   104  C  C     . LYS A 1 33  ? -3.850  -3.396  -4.238  1.00 17.24 ? 46  LYS A C     1 
ATOM   105  O  O     . LYS A 1 33  ? -2.813  -4.038  -4.017  1.00 17.13 ? 46  LYS A O     1 
ATOM   106  C  CB    . LYS A 1 33  ? -4.797  -1.734  -2.586  1.00 17.19 ? 46  LYS A CB    1 
ATOM   107  C  CG    . LYS A 1 33  ? -4.893  -0.285  -2.143  1.00 16.82 ? 46  LYS A CG    1 
ATOM   108  C  CD    . LYS A 1 33  ? -5.666  -0.119  -0.855  1.00 15.84 ? 46  LYS A CD    1 
ATOM   109  C  CE    . LYS A 1 33  ? -7.126  -0.525  -0.983  1.00 15.68 ? 46  LYS A CE    1 
ATOM   110  N  NZ    . LYS A 1 33  ? -7.837  0.179   -2.104  1.00 16.00 ? 46  LYS A NZ    1 
ATOM   111  N  N     . THR A 1 34  ? -4.913  -3.934  -4.829  1.00 17.41 ? 47  THR A N     1 
ATOM   112  C  CA    . THR A 1 34  ? -4.927  -5.326  -5.297  1.00 17.69 ? 47  THR A CA    1 
ATOM   113  C  C     . THR A 1 34  ? -3.833  -5.560  -6.351  1.00 17.94 ? 47  THR A C     1 
ATOM   114  O  O     . THR A 1 34  ? -3.092  -6.554  -6.303  1.00 17.90 ? 47  THR A O     1 
ATOM   115  C  CB    . THR A 1 34  ? -6.354  -5.713  -5.798  1.00 17.62 ? 47  THR A CB    1 
ATOM   116  O  OG1   . THR A 1 34  ? -7.276  -5.646  -4.691  1.00 18.22 ? 47  THR A OG1   1 
ATOM   117  C  CG2   . THR A 1 34  ? -6.397  -7.127  -6.407  1.00 17.97 ? 47  THR A CG2   1 
ATOM   118  N  N     . CYS A 1 35  ? -3.695  -4.624  -7.278  1.00 18.37 ? 48  CYS A N     1 
ATOM   119  C  CA    . CYS A 1 35  ? -2.661  -4.730  -8.309  1.00 18.55 ? 48  CYS A CA    1 
ATOM   120  C  C     . CYS A 1 35  ? -1.238  -4.671  -7.754  1.00 18.58 ? 48  CYS A C     1 
ATOM   121  O  O     . CYS A 1 35  ? -0.367  -5.411  -8.213  1.00 18.41 ? 48  CYS A O     1 
ATOM   122  C  CB    . CYS A 1 35  ? -2.868  -3.674  -9.391  1.00 18.46 ? 48  CYS A CB    1 
ATOM   123  S  SG    . CYS A 1 35  ? -4.327  -3.993  -10.405 1.00 20.00 ? 48  CYS A SG    1 
ATOM   124  N  N     . LEU A 1 36  ? -1.006  -3.813  -6.763  1.00 18.45 ? 49  LEU A N     1 
ATOM   125  C  CA    . LEU A 1 36  ? 0.305   -3.709  -6.115  1.00 18.38 ? 49  LEU A CA    1 
ATOM   126  C  C     . LEU A 1 36  ? 0.661   -4.967  -5.349  1.00 18.48 ? 49  LEU A C     1 
ATOM   127  O  O     . LEU A 1 36  ? 1.785   -5.470  -5.454  1.00 18.47 ? 49  LEU A O     1 
ATOM   128  C  CB    . LEU A 1 36  ? 0.355   -2.518  -5.160  1.00 18.24 ? 49  LEU A CB    1 
ATOM   129  C  CG    . LEU A 1 36  ? 0.491   -1.150  -5.829  1.00 18.56 ? 49  LEU A CG    1 
ATOM   130  C  CD1   . LEU A 1 36  ? 0.054   -0.072  -4.849  1.00 19.34 ? 49  LEU A CD1   1 
ATOM   131  C  CD2   . LEU A 1 36  ? 1.927   -0.911  -6.314  1.00 19.35 ? 49  LEU A CD2   1 
ATOM   132  N  N     . THR A 1 37  ? -0.291  -5.478  -4.572  1.00 18.44 ? 50  THR A N     1 
ATOM   133  C  CA    . THR A 1 37  ? -0.024  -6.667  -3.767  1.00 19.01 ? 50  THR A CA    1 
ATOM   134  C  C     . THR A 1 37  ? 0.169   -7.883  -4.666  1.00 18.91 ? 50  THR A C     1 
ATOM   135  O  O     . THR A 1 37  ? 1.041   -8.707  -4.411  1.00 18.69 ? 50  THR A O     1 
ATOM   136  C  CB    . THR A 1 37  ? -1.126  -6.934  -2.721  1.00 19.63 ? 50  THR A CB    1 
ATOM   137  O  OG1   . THR A 1 37  ? -2.373  -7.110  -3.366  1.00 21.95 ? 50  THR A OG1   1 
ATOM   138  C  CG2   . THR A 1 37  ? -1.243  -5.789  -1.766  1.00 19.75 ? 50  THR A CG2   1 
ATOM   139  N  N     . TYR A 1 38  ? -0.620  -7.989  -5.732  1.00 19.36 ? 51  TYR A N     1 
ATOM   140  C  CA    . TYR A 1 38  ? -0.481  -9.119  -6.649  1.00 19.84 ? 51  TYR A CA    1 
ATOM   141  C  C     . TYR A 1 38  ? 0.833   -9.021  -7.434  1.00 20.16 ? 51  TYR A C     1 
ATOM   142  O  O     . TYR A 1 38  ? 1.540   -10.021 -7.604  1.00 20.24 ? 51  TYR A O     1 
ATOM   143  C  CB    . TYR A 1 38  ? -1.683  -9.208  -7.591  1.00 20.25 ? 51  TYR A CB    1 
ATOM   144  C  CG    . TYR A 1 38  ? -1.712  -10.493 -8.393  1.00 19.72 ? 51  TYR A CG    1 
ATOM   145  C  CD1   . TYR A 1 38  ? -2.207  -11.673 -7.847  1.00 21.03 ? 51  TYR A CD1   1 
ATOM   146  C  CD2   . TYR A 1 38  ? -1.251  -10.526 -9.701  1.00 20.54 ? 51  TYR A CD2   1 
ATOM   147  C  CE1   . TYR A 1 38  ? -2.238  -12.855 -8.590  1.00 21.53 ? 51  TYR A CE1   1 
ATOM   148  C  CE2   . TYR A 1 38  ? -1.268  -11.705 -10.444 1.00 20.32 ? 51  TYR A CE2   1 
ATOM   149  C  CZ    . TYR A 1 38  ? -1.767  -12.858 -9.890  1.00 21.73 ? 51  TYR A CZ    1 
ATOM   150  O  OH    . TYR A 1 38  ? -1.776  -14.035 -10.630 1.00 22.26 ? 51  TYR A OH    1 
ATOM   151  N  N     . ARG A 1 39  ? 1.162   -7.818  -7.896  1.00 20.79 ? 52  ARG A N     1 
ATOM   152  C  CA    . ARG A 1 39  ? 2.447   -7.568  -8.551  1.00 20.86 ? 52  ARG A CA    1 
ATOM   153  C  C     . ARG A 1 39  ? 3.623   -8.008  -7.673  1.00 21.22 ? 52  ARG A C     1 
ATOM   154  O  O     . ARG A 1 39  ? 4.547   -8.682  -8.148  1.00 20.96 ? 52  ARG A O     1 
ATOM   155  C  CB    . ARG A 1 39  ? 2.579   -6.089  -8.923  1.00 21.46 ? 52  ARG A CB    1 
ATOM   156  C  CG    . ARG A 1 39  ? 3.974   -5.644  -9.379  1.00 22.62 ? 52  ARG A CG    1 
ATOM   157  C  CD    . ARG A 1 39  ? 4.433   -6.373  -10.608 1.00 27.65 ? 52  ARG A CD    1 
ATOM   158  N  NE    . ARG A 1 39  ? 3.826   -5.797  -11.795 1.00 30.28 ? 52  ARG A NE    1 
ATOM   159  C  CZ    . ARG A 1 39  ? 4.171   -6.101  -13.043 1.00 31.27 ? 52  ARG A CZ    1 
ATOM   160  N  NH1   . ARG A 1 39  ? 5.106   -7.012  -13.291 1.00 31.69 ? 52  ARG A NH1   1 
ATOM   161  N  NH2   . ARG A 1 39  ? 3.554   -5.498  -14.051 1.00 30.30 ? 52  ARG A NH2   1 
ATOM   162  N  N     . PHE A 1 40  ? 3.595   -7.647  -6.391  1.00 20.65 ? 53  PHE A N     1 
ATOM   163  C  CA    . PHE A 1 40  ? 4.655   -8.076  -5.481  1.00 20.98 ? 53  PHE A CA    1 
ATOM   164  C  C     . PHE A 1 40  ? 4.664   -9.591  -5.272  1.00 21.34 ? 53  PHE A C     1 
ATOM   165  O  O     . PHE A 1 40  ? 5.708   -10.221 -5.379  1.00 20.84 ? 53  PHE A O     1 
ATOM   166  C  CB    . PHE A 1 40  ? 4.557   -7.395  -4.117  1.00 20.84 ? 53  PHE A CB    1 
ATOM   167  C  CG    . PHE A 1 40  ? 5.701   -7.741  -3.202  1.00 20.31 ? 53  PHE A CG    1 
ATOM   168  C  CD1   . PHE A 1 40  ? 6.944   -7.165  -3.402  1.00 19.94 ? 53  PHE A CD1   1 
ATOM   169  C  CD2   . PHE A 1 40  ? 5.547   -8.669  -2.174  1.00 21.20 ? 53  PHE A CD2   1 
ATOM   170  C  CE1   . PHE A 1 40  ? 8.020   -7.480  -2.572  1.00 20.07 ? 53  PHE A CE1   1 
ATOM   171  C  CE2   . PHE A 1 40  ? 6.624   -8.987  -1.334  1.00 20.94 ? 53  PHE A CE2   1 
ATOM   172  C  CZ    . PHE A 1 40  ? 7.852   -8.395  -1.542  1.00 20.64 ? 53  PHE A CZ    1 
ATOM   173  N  N     . CYS A 1 41  ? 3.515   -10.181 -4.950  1.00 21.58 ? 54  CYS A N     1 
ATOM   174  C  CA    . CYS A 1 41  ? 3.516   -11.586 -4.544  1.00 22.41 ? 54  CYS A CA    1 
ATOM   175  C  C     . CYS A 1 41  ? 3.648   -12.551 -5.723  1.00 23.23 ? 54  CYS A C     1 
ATOM   176  O  O     . CYS A 1 41  ? 4.343   -13.571 -5.608  1.00 23.52 ? 54  CYS A O     1 
ATOM   177  C  CB    . CYS A 1 41  ? 2.287   -11.917 -3.690  1.00 21.86 ? 54  CYS A CB    1 
ATOM   178  S  SG    . CYS A 1 41  ? 2.262   -11.058 -2.115  1.00 21.53 ? 54  CYS A SG    1 
ATOM   179  N  N     . ALA A 1 42  ? 3.007   -12.228 -6.848  1.00 23.76 ? 55  ALA A N     1 
ATOM   180  C  CA    . ALA A 1 42  ? 2.958   -13.125 -8.022  1.00 24.45 ? 55  ALA A CA    1 
ATOM   181  C  C     . ALA A 1 42  ? 3.939   -12.741 -9.126  1.00 25.04 ? 55  ALA A C     1 
ATOM   182  O  O     . ALA A 1 42  ? 4.165   -13.517 -10.062 1.00 25.88 ? 55  ALA A O     1 
ATOM   183  C  CB    . ALA A 1 42  ? 1.549   -13.173 -8.596  1.00 24.51 ? 55  ALA A CB    1 
ATOM   184  N  N     . GLY A 1 43  ? 4.498   -11.541 -9.037  1.00 25.28 ? 56  GLY A N     1 
ATOM   185  C  CA    . GLY A 1 43  ? 5.484   -11.078 -10.006 1.00 25.62 ? 56  GLY A CA    1 
ATOM   186  C  C     . GLY A 1 43  ? 4.907   -10.577 -11.318 1.00 25.89 ? 56  GLY A C     1 
ATOM   187  O  O     . GLY A 1 43  ? 5.656   -10.340 -12.265 1.00 26.70 ? 56  GLY A O     1 
ATOM   188  N  N     . ARG A 1 44  ? 3.589   -10.407 -11.383 1.00 25.78 ? 57  ARG A N     1 
ATOM   189  C  CA    . ARG A 1 44  ? 2.947   -9.853  -12.571 1.00 25.56 ? 57  ARG A CA    1 
ATOM   190  C  C     . ARG A 1 44  ? 1.671   -9.088  -12.225 1.00 24.81 ? 57  ARG A C     1 
ATOM   191  O  O     . ARG A 1 44  ? 1.124   -9.235  -11.142 1.00 24.21 ? 57  ARG A O     1 
ATOM   192  C  CB    . ARG A 1 44  ? 2.655   -10.957 -13.591 1.00 26.29 ? 57  ARG A CB    1 
ATOM   193  C  CG    . ARG A 1 44  ? 1.701   -12.033 -13.142 1.00 26.88 ? 57  ARG A CG    1 
ATOM   194  C  CD    . ARG A 1 44  ? 1.591   -13.142 -14.194 1.00 27.88 ? 57  ARG A CD    1 
ATOM   195  N  NE    . ARG A 1 44  ? 0.717   -14.220 -13.738 1.00 29.44 ? 57  ARG A NE    1 
ATOM   196  C  CZ    . ARG A 1 44  ? 1.134   -15.371 -13.209 1.00 30.38 ? 57  ARG A CZ    1 
ATOM   197  N  NH1   . ARG A 1 44  ? 2.428   -15.662 -13.107 1.00 31.69 ? 57  ARG A NH1   1 
ATOM   198  N  NH2   . ARG A 1 44  ? 0.237   -16.261 -12.809 1.00 29.93 ? 57  ARG A NH2   1 
ATOM   199  N  N     . PHE A 1 45  ? 1.222   -8.264  -13.163 1.00 23.69 ? 58  PHE A N     1 
ATOM   200  C  CA    . PHE A 1 45  ? 0.038   -7.426  -12.985 1.00 23.32 ? 58  PHE A CA    1 
ATOM   201  C  C     . PHE A 1 45  ? -1.213  -8.267  -13.201 1.00 23.23 ? 58  PHE A C     1 
ATOM   202  O  O     . PHE A 1 45  ? -1.269  -9.067  -14.144 1.00 23.21 ? 58  PHE A O     1 
ATOM   203  C  CB    . PHE A 1 45  ? 0.100   -6.274  -13.996 1.00 23.20 ? 58  PHE A CB    1 
ATOM   204  C  CG    . PHE A 1 45  ? -0.990  -5.250  -13.854 1.00 22.37 ? 58  PHE A CG    1 
ATOM   205  C  CD1   . PHE A 1 45  ? -0.880  -4.221  -12.929 1.00 22.46 ? 58  PHE A CD1   1 
ATOM   206  C  CD2   . PHE A 1 45  ? -2.103  -5.281  -14.679 1.00 22.11 ? 58  PHE A CD2   1 
ATOM   207  C  CE1   . PHE A 1 45  ? -1.874  -3.258  -12.819 1.00 22.71 ? 58  PHE A CE1   1 
ATOM   208  C  CE2   . PHE A 1 45  ? -3.091  -4.326  -14.583 1.00 22.11 ? 58  PHE A CE2   1 
ATOM   209  C  CZ    . PHE A 1 45  ? -2.981  -3.311  -13.640 1.00 22.79 ? 58  PHE A CZ    1 
ATOM   210  N  N     . PRO A 1 46  ? -2.227  -8.111  -12.324 1.00 22.71 ? 59  PRO A N     1 
ATOM   211  C  CA    . PRO A 1 46  ? -3.480  -8.808  -12.525 1.00 22.95 ? 59  PRO A CA    1 
ATOM   212  C  C     . PRO A 1 46  ? -4.396  -8.004  -13.432 1.00 23.16 ? 59  PRO A C     1 
ATOM   213  O  O     . PRO A 1 46  ? -4.803  -6.899  -13.085 1.00 22.52 ? 59  PRO A O     1 
ATOM   214  C  CB    . PRO A 1 46  ? -4.055  -8.909  -11.108 1.00 22.58 ? 59  PRO A CB    1 
ATOM   215  C  CG    . PRO A 1 46  ? -3.543  -7.722  -10.417 1.00 21.87 ? 59  PRO A CG    1 
ATOM   216  C  CD    . PRO A 1 46  ? -2.259  -7.288  -11.095 1.00 22.63 ? 59  PRO A CD    1 
ATOM   217  N  N     . ASP A 1 47  ? -4.708  -8.568  -14.597 1.00 24.22 ? 60  ASP A N     1 
ATOM   218  C  CA    . ASP A 1 47  ? -5.510  -7.875  -15.599 1.00 25.04 ? 60  ASP A CA    1 
ATOM   219  C  C     . ASP A 1 47  ? -7.023  -7.997  -15.421 1.00 26.29 ? 60  ASP A C     1 
ATOM   220  O  O     . ASP A 1 47  ? -7.782  -7.298  -16.109 1.00 27.20 ? 60  ASP A O     1 
ATOM   221  C  CB    . ASP A 1 47  ? -5.112  -8.366  -16.989 1.00 25.04 ? 60  ASP A CB    1 
ATOM   222  C  CG    . ASP A 1 47  ? -3.686  -8.016  -17.328 1.00 24.31 ? 60  ASP A CG    1 
ATOM   223  O  OD1   . ASP A 1 47  ? -3.380  -6.807  -17.434 1.00 25.11 ? 60  ASP A OD1   1 
ATOM   224  O  OD2   . ASP A 1 47  ? -2.872  -8.943  -17.484 1.00 22.86 ? 60  ASP A OD2   1 
ATOM   225  N  N     . ARG A 1 48  ? -7.473  -8.880  -14.530 1.00 27.08 ? 61  ARG A N     1 
ATOM   226  C  CA    . ARG A 1 48  ? -8.882  -8.911  -14.147 1.00 27.47 ? 61  ARG A CA    1 
ATOM   227  C  C     . ARG A 1 48  ? -8.977  -8.631  -12.660 1.00 27.57 ? 61  ARG A C     1 
ATOM   228  O  O     . ARG A 1 48  ? -8.594  -9.468  -11.846 1.00 27.25 ? 61  ARG A O     1 
ATOM   229  C  CB    . ARG A 1 48  ? -9.536  -10.259 -14.480 1.00 28.09 ? 61  ARG A CB    1 
ATOM   230  C  CG    . ARG A 1 48  ? -11.028 -10.343 -14.121 1.00 28.72 ? 61  ARG A CG    1 
ATOM   231  C  CD    . ARG A 1 48  ? -11.673 -11.583 -14.739 1.00 29.88 ? 61  ARG A CD    1 
ATOM   232  N  NE    . ARG A 1 48  ? -13.080 -11.745 -14.372 1.00 32.42 ? 61  ARG A NE    1 
ATOM   233  C  CZ    . ARG A 1 48  ? -13.874 -12.709 -14.852 1.00 33.90 ? 61  ARG A CZ    1 
ATOM   234  N  NH1   . ARG A 1 48  ? -13.408 -13.602 -15.725 1.00 36.00 ? 61  ARG A NH1   1 
ATOM   235  N  NH2   . ARG A 1 48  ? -15.147 -12.777 -14.473 1.00 36.47 ? 61  ARG A NH2   1 
ATOM   236  N  N     . THR A 1 49  ? -9.460  -7.441  -12.311 1.00 27.58 ? 62  THR A N     1 
ATOM   237  C  CA    . THR A 1 49  ? -9.715  -7.123  -10.911 1.00 27.33 ? 62  THR A CA    1 
ATOM   238  C  C     . THR A 1 49  ? -11.085 -6.496  -10.735 1.00 27.13 ? 62  THR A C     1 
ATOM   239  O  O     . THR A 1 49  ? -11.602 -5.832  -11.637 1.00 27.30 ? 62  THR A O     1 
ATOM   240  C  CB    . THR A 1 49  ? -8.655  -6.172  -10.336 1.00 27.70 ? 62  THR A CB    1 
ATOM   241  O  OG1   . THR A 1 49  ? -8.595  -4.988  -11.134 1.00 30.03 ? 62  THR A OG1   1 
ATOM   242  C  CG2   . THR A 1 49  ? -7.280  -6.835  -10.312 1.00 27.93 ? 62  THR A CG2   1 
ATOM   243  N  N     . GLU A 1 50  ? -11.670 -6.729  -9.565  1.00 26.13 ? 63  GLU A N     1 
ATOM   244  C  CA    . GLU A 1 50  ? -12.914 -6.088  -9.169  1.00 25.77 ? 63  GLU A CA    1 
ATOM   245  C  C     . GLU A 1 50  ? -12.717 -5.548  -7.765  1.00 25.33 ? 63  GLU A C     1 
ATOM   246  O  O     . GLU A 1 50  ? -11.731 -5.880  -7.108  1.00 24.98 ? 63  GLU A O     1 
ATOM   247  C  CB    . GLU A 1 50  ? -14.049 -7.091  -9.194  1.00 25.92 ? 63  GLU A CB    1 
ATOM   248  N  N     . ALA A 1 51  ? -13.652 -4.730  -7.298  1.00 24.94 ? 64  ALA A N     1 
ATOM   249  C  CA    . ALA A 1 51  ? -13.548 -4.170  -5.951  1.00 24.69 ? 64  ALA A CA    1 
ATOM   250  C  C     . ALA A 1 51  ? -13.394 -5.305  -4.965  1.00 24.01 ? 64  ALA A C     1 
ATOM   251  O  O     . ALA A 1 51  ? -14.113 -6.305  -5.033  1.00 23.61 ? 64  ALA A O     1 
ATOM   252  C  CB    . ALA A 1 51  ? -14.767 -3.332  -5.605  1.00 24.84 ? 64  ALA A CB    1 
ATOM   253  N  N     . THR A 1 52  ? -12.437 -5.157  -4.059  1.00 23.81 ? 65  THR A N     1 
ATOM   254  C  CA    . THR A 1 52  ? -12.117 -6.207  -3.105  1.00 23.92 ? 65  THR A CA    1 
ATOM   255  C  C     . THR A 1 52  ? -13.143 -6.199  -1.984  1.00 24.71 ? 65  THR A C     1 
ATOM   256  O  O     . THR A 1 52  ? -13.524 -5.147  -1.487  1.00 24.52 ? 65  THR A O     1 
ATOM   257  C  CB    . THR A 1 52  ? -10.715 -6.000  -2.540  1.00 23.61 ? 65  THR A CB    1 
ATOM   258  O  OG1   . THR A 1 52  ? -9.779  -5.989  -3.625  1.00 20.04 ? 65  THR A OG1   1 
ATOM   259  C  CG2   . THR A 1 52  ? -10.343 -7.090  -1.545  1.00 23.56 ? 65  THR A CG2   1 
ATOM   260  N  N     . ILE A 1 53  ? -13.605 -7.381  -1.606  1.00 25.85 ? 66  ILE A N     1 
ATOM   261  C  CA    . ILE A 1 53  ? -14.660 -7.484  -0.607  1.00 26.42 ? 66  ILE A CA    1 
ATOM   262  C  C     . ILE A 1 53  ? -14.181 -8.380  0.509   1.00 27.01 ? 66  ILE A C     1 
ATOM   263  O  O     . ILE A 1 53  ? -13.816 -9.519  0.261   1.00 28.36 ? 66  ILE A O     1 
ATOM   264  C  CB    . ILE A 1 53  ? -15.928 -8.019  -1.232  1.00 26.87 ? 66  ILE A CB    1 
ATOM   265  N  N     . GLY A 1 54  ? -14.139 -7.843  1.731   1.00 27.15 ? 67  GLY A N     1 
ATOM   266  C  CA    . GLY A 1 54  ? -13.842 -8.627  2.928   1.00 26.65 ? 67  GLY A CA    1 
ATOM   267  C  C     . GLY A 1 54  ? -12.370 -8.681  3.320   1.00 26.63 ? 67  GLY A C     1 
ATOM   268  O  O     . GLY A 1 54  ? -11.729 -7.635  3.546   1.00 27.67 ? 67  GLY A O     1 
ATOM   269  N  N     . VAL A 1 55  ? -11.841 -9.901  3.413   1.00 25.53 ? 68  VAL A N     1 
ATOM   270  C  CA    . VAL A 1 55  ? -10.466 -10.142 3.854   1.00 24.52 ? 68  VAL A CA    1 
ATOM   271  C  C     . VAL A 1 55  ? -9.713  -10.934 2.797   1.00 23.67 ? 68  VAL A C     1 
ATOM   272  O  O     . VAL A 1 55  ? -9.998  -12.105 2.573   1.00 23.88 ? 68  VAL A O     1 
ATOM   273  C  CB    . VAL A 1 55  ? -10.414 -10.945 5.190   1.00 24.57 ? 68  VAL A CB    1 
ATOM   274  C  CG1   . VAL A 1 55  ? -8.998  -11.440 5.481   1.00 24.70 ? 68  VAL A CG1   1 
ATOM   275  C  CG2   . VAL A 1 55  ? -10.904 -10.105 6.337   1.00 25.08 ? 68  VAL A CG2   1 
ATOM   276  N  N     . ASP A 1 56  ? -8.735  -10.288 2.175   1.00 22.65 ? 69  ASP A N     1 
ATOM   277  C  CA    . ASP A 1 56  ? -7.889  -10.909 1.180   1.00 22.47 ? 69  ASP A CA    1 
ATOM   278  C  C     . ASP A 1 56  ? -6.441  -10.639 1.575   1.00 21.28 ? 69  ASP A C     1 
ATOM   279  O  O     . ASP A 1 56  ? -6.099  -9.521  1.942   1.00 20.47 ? 69  ASP A O     1 
ATOM   280  C  CB    . ASP A 1 56  ? -8.148  -10.242 -0.175  1.00 22.90 ? 69  ASP A CB    1 
ATOM   281  C  CG    . ASP A 1 56  ? -8.445  -11.219 -1.267  1.00 27.86 ? 69  ASP A CG    1 
ATOM   282  O  OD1   . ASP A 1 56  ? -7.769  -12.277 -1.336  1.00 32.15 ? 69  ASP A OD1   1 
ATOM   283  O  OD2   . ASP A 1 56  ? -9.362  -10.900 -2.070  1.00 30.53 ? 69  ASP A OD2   1 
ATOM   284  N  N     . PHE A 1 57  ? -5.595  -11.658 1.498   1.00 20.52 ? 70  PHE A N     1 
ATOM   285  C  CA    . PHE A 1 57  ? -4.151  -11.445 1.626   1.00 20.44 ? 70  PHE A CA    1 
ATOM   286  C  C     . PHE A 1 57  ? -3.413  -12.417 0.721   1.00 20.24 ? 70  PHE A C     1 
ATOM   287  O  O     . PHE A 1 57  ? -3.950  -13.469 0.339   1.00 19.51 ? 70  PHE A O     1 
ATOM   288  C  CB    . PHE A 1 57  ? -3.685  -11.562 3.089   1.00 20.13 ? 70  PHE A CB    1 
ATOM   289  C  CG    . PHE A 1 57  ? -3.893  -12.913 3.687   1.00 20.30 ? 70  PHE A CG    1 
ATOM   290  C  CD1   . PHE A 1 57  ? -2.942  -13.913 3.526   1.00 20.48 ? 70  PHE A CD1   1 
ATOM   291  C  CD2   . PHE A 1 57  ? -5.040  -13.196 4.420   1.00 20.23 ? 70  PHE A CD2   1 
ATOM   292  C  CE1   . PHE A 1 57  ? -3.143  -15.167 4.064   1.00 20.01 ? 70  PHE A CE1   1 
ATOM   293  C  CE2   . PHE A 1 57  ? -5.243  -14.448 4.961   1.00 20.14 ? 70  PHE A CE2   1 
ATOM   294  C  CZ    . PHE A 1 57  ? -4.296  -15.435 4.783   1.00 20.07 ? 70  PHE A CZ    1 
ATOM   295  N  N     . ARG A 1 58  ? -2.180  -12.053 0.382   1.00 20.50 ? 71  ARG A N     1 
ATOM   296  C  CA    . ARG A 1 58  ? -1.329  -12.873 -0.468  1.00 21.42 ? 71  ARG A CA    1 
ATOM   297  C  C     . ARG A 1 58  ? 0.047   -12.902 0.163   1.00 20.39 ? 71  ARG A C     1 
ATOM   298  O  O     . ARG A 1 58  ? 0.383   -12.023 0.961   1.00 19.26 ? 71  ARG A O     1 
ATOM   299  C  CB    . ARG A 1 58  ? -1.254  -12.285 -1.868  1.00 21.93 ? 71  ARG A CB    1 
ATOM   300  C  CG    . ARG A 1 58  ? -2.597  -12.153 -2.544  1.00 24.71 ? 71  ARG A CG    1 
ATOM   301  C  CD    . ARG A 1 58  ? -2.453  -11.957 -4.024  1.00 26.58 ? 71  ARG A CD    1 
ATOM   302  N  NE    . ARG A 1 58  ? -2.148  -13.220 -4.684  1.00 31.42 ? 71  ARG A NE    1 
ATOM   303  C  CZ    . ARG A 1 58  ? -3.045  -14.062 -5.195  1.00 31.34 ? 71  ARG A CZ    1 
ATOM   304  N  NH1   . ARG A 1 58  ? -4.348  -13.798 -5.162  1.00 34.07 ? 71  ARG A NH1   1 
ATOM   305  N  NH2   . ARG A 1 58  ? -2.622  -15.184 -5.761  1.00 33.40 ? 71  ARG A NH2   1 
ATOM   306  N  N     . GLU A 1 59  ? 0.828   -13.917 -0.186  1.00 20.28 ? 72  GLU A N     1 
ATOM   307  C  CA    . GLU A 1 59  ? 2.110   -14.166 0.472   1.00 20.95 ? 72  GLU A CA    1 
ATOM   308  C  C     . GLU A 1 59  ? 3.256   -14.370 -0.503  1.00 20.57 ? 72  GLU A C     1 
ATOM   309  O  O     . GLU A 1 59  ? 3.053   -14.803 -1.640  1.00 19.47 ? 72  GLU A O     1 
ATOM   310  C  CB    . GLU A 1 59  ? 2.000   -15.404 1.356   1.00 20.98 ? 72  GLU A CB    1 
ATOM   311  C  CG    . GLU A 1 59  ? 0.968   -15.257 2.449   1.00 22.56 ? 72  GLU A CG    1 
ATOM   312  C  CD    . GLU A 1 59  ? 0.765   -16.532 3.240   1.00 23.69 ? 72  GLU A CD    1 
ATOM   313  O  OE1   . GLU A 1 59  ? 1.004   -17.633 2.680   1.00 27.73 ? 72  GLU A OE1   1 
ATOM   314  O  OE2   . GLU A 1 59  ? 0.367   -16.429 4.415   1.00 25.69 ? 72  GLU A OE2   1 
ATOM   315  N  N     . ARG A 1 60  ? 4.458   -14.050 -0.038  1.00 20.64 ? 73  ARG A N     1 
ATOM   316  C  CA    . ARG A 1 60  ? 5.675   -14.296 -0.806  1.00 21.19 ? 73  ARG A CA    1 
ATOM   317  C  C     . ARG A 1 60  ? 6.816   -14.595 0.152   1.00 20.99 ? 73  ARG A C     1 
ATOM   318  O  O     . ARG A 1 60  ? 7.076   -13.823 1.061   1.00 20.62 ? 73  ARG A O     1 
ATOM   319  C  CB    . ARG A 1 60  ? 6.032   -13.086 -1.662  1.00 20.86 ? 73  ARG A CB    1 
ATOM   320  C  CG    . ARG A 1 60  ? 7.317   -13.264 -2.483  1.00 21.39 ? 73  ARG A CG    1 
ATOM   321  C  CD    . ARG A 1 60  ? 7.565   -12.089 -3.380  1.00 22.26 ? 73  ARG A CD    1 
ATOM   322  N  NE    . ARG A 1 60  ? 8.904   -12.133 -3.980  1.00 22.02 ? 73  ARG A NE    1 
ATOM   323  C  CZ    . ARG A 1 60  ? 9.358   -11.244 -4.852  1.00 24.22 ? 73  ARG A CZ    1 
ATOM   324  N  NH1   . ARG A 1 60  ? 8.596   -10.227 -5.239  1.00 24.37 ? 73  ARG A NH1   1 
ATOM   325  N  NH2   . ARG A 1 60  ? 10.591  -11.368 -5.340  1.00 23.57 ? 73  ARG A NH2   1 
ATOM   326  N  N     . ALA A 1 61  ? 7.498   -15.711 -0.075  1.00 21.26 ? 74  ALA A N     1 
ATOM   327  C  CA    . ALA A 1 61  ? 8.643   -16.074 0.740   1.00 21.74 ? 74  ALA A CA    1 
ATOM   328  C  C     . ALA A 1 61  ? 9.866   -15.368 0.176   1.00 22.01 ? 74  ALA A C     1 
ATOM   329  O  O     . ALA A 1 61  ? 10.160  -15.478 -1.015  1.00 22.13 ? 74  ALA A O     1 
ATOM   330  C  CB    . ALA A 1 61  ? 8.835   -17.575 0.755   1.00 21.97 ? 74  ALA A CB    1 
ATOM   331  N  N     . VAL A 1 62  ? 10.535  -14.612 1.037   1.00 22.24 ? 75  VAL A N     1 
ATOM   332  C  CA    . VAL A 1 62  ? 11.706  -13.827 0.677   1.00 22.80 ? 75  VAL A CA    1 
ATOM   333  C  C     . VAL A 1 62  ? 12.851  -14.213 1.601   1.00 23.30 ? 75  VAL A C     1 
ATOM   334  O  O     . VAL A 1 62  ? 12.638  -14.906 2.593   1.00 23.29 ? 75  VAL A O     1 
ATOM   335  C  CB    . VAL A 1 62  ? 11.436  -12.301 0.776   1.00 22.70 ? 75  VAL A CB    1 
ATOM   336  C  CG1   . VAL A 1 62  ? 10.249  -11.920 -0.101  1.00 22.30 ? 75  VAL A CG1   1 
ATOM   337  C  CG2   . VAL A 1 62  ? 11.182  -11.862 2.233   1.00 23.02 ? 75  VAL A CG2   1 
ATOM   338  N  N     . ASP A 1 63  ? 14.056  -13.771 1.253   1.00 23.87 ? 76  ASP A N     1 
ATOM   339  C  CA    . ASP A 1 63  ? 15.238  -13.938 2.095   1.00 24.49 ? 76  ASP A CA    1 
ATOM   340  C  C     . ASP A 1 63  ? 15.841  -12.564 2.293   1.00 25.07 ? 76  ASP A C     1 
ATOM   341  O  O     . ASP A 1 63  ? 16.240  -11.910 1.326   1.00 24.99 ? 76  ASP A O     1 
ATOM   342  C  CB    . ASP A 1 63  ? 16.258  -14.865 1.427   1.00 24.52 ? 76  ASP A CB    1 
ATOM   343  C  CG    . ASP A 1 63  ? 17.538  -15.022 2.245   1.00 24.69 ? 76  ASP A CG    1 
ATOM   344  O  OD1   . ASP A 1 63  ? 18.186  -14.008 2.581   1.00 28.04 ? 76  ASP A OD1   1 
ATOM   345  O  OD2   . ASP A 1 63  ? 17.894  -16.160 2.552   1.00 25.96 ? 76  ASP A OD2   1 
ATOM   346  N  N     . ILE A 1 64  ? 15.887  -12.116 3.546   1.00 26.06 ? 77  ILE A N     1 
ATOM   347  C  CA    . ILE A 1 64  ? 16.506  -10.853 3.905   1.00 26.43 ? 77  ILE A CA    1 
ATOM   348  C  C     . ILE A 1 64  ? 17.668  -11.146 4.854   1.00 27.18 ? 77  ILE A C     1 
ATOM   349  O  O     . ILE A 1 64  ? 17.461  -11.638 5.959   1.00 27.05 ? 77  ILE A O     1 
ATOM   350  C  CB    . ILE A 1 64  ? 15.504  -9.908  4.603   1.00 26.87 ? 77  ILE A CB    1 
ATOM   351  C  CG1   . ILE A 1 64  ? 14.251  -9.693  3.739   1.00 27.72 ? 77  ILE A CG1   1 
ATOM   352  C  CG2   . ILE A 1 64  ? 16.157  -8.573  4.926   1.00 26.58 ? 77  ILE A CG2   1 
ATOM   353  C  CD1   . ILE A 1 64  ? 14.502  -9.019  2.401   1.00 29.76 ? 77  ILE A CD1   1 
ATOM   354  N  N     . ASP A 1 65  ? 18.888  -10.859 4.407   1.00 27.82 ? 78  ASP A N     1 
ATOM   355  C  CA    . ASP A 1 65  ? 20.093  -11.035 5.234   1.00 28.08 ? 78  ASP A CA    1 
ATOM   356  C  C     . ASP A 1 65  ? 20.232  -12.453 5.760   1.00 28.08 ? 78  ASP A C     1 
ATOM   357  O  O     . ASP A 1 65  ? 20.704  -12.664 6.880   1.00 28.56 ? 78  ASP A O     1 
ATOM   358  C  CB    . ASP A 1 65  ? 20.094  -10.047 6.410   1.00 28.86 ? 78  ASP A CB    1 
ATOM   359  C  CG    . ASP A 1 65  ? 20.111  -8.603  5.966   1.00 30.85 ? 78  ASP A CG    1 
ATOM   360  O  OD1   . ASP A 1 65  ? 20.684  -8.305  4.893   1.00 32.96 ? 78  ASP A OD1   1 
ATOM   361  O  OD2   . ASP A 1 65  ? 19.569  -7.754  6.711   1.00 35.95 ? 78  ASP A OD2   1 
ATOM   362  N  N     . GLY A 1 66  ? 19.817  -13.430 4.960   1.00 27.78 ? 79  GLY A N     1 
ATOM   363  C  CA    . GLY A 1 66  ? 19.927  -14.830 5.336   1.00 27.68 ? 79  GLY A CA    1 
ATOM   364  C  C     . GLY A 1 66  ? 18.710  -15.440 6.006   1.00 27.59 ? 79  GLY A C     1 
ATOM   365  O  O     . GLY A 1 66  ? 18.645  -16.655 6.162   1.00 28.41 ? 79  GLY A O     1 
ATOM   366  N  N     . GLU A 1 67  ? 17.739  -14.611 6.389   1.00 27.22 ? 80  GLU A N     1 
ATOM   367  C  CA    . GLU A 1 67  ? 16.552  -15.070 7.096   1.00 26.98 ? 80  GLU A CA    1 
ATOM   368  C  C     . GLU A 1 67  ? 15.392  -15.252 6.136   1.00 26.63 ? 80  GLU A C     1 
ATOM   369  O  O     . GLU A 1 67  ? 15.024  -14.321 5.438   1.00 25.89 ? 80  GLU A O     1 
ATOM   370  C  CB    . GLU A 1 67  ? 16.128  -14.057 8.157   1.00 26.85 ? 80  GLU A CB    1 
ATOM   371  C  CG    . GLU A 1 67  ? 15.043  -14.599 9.084   1.00 27.62 ? 80  GLU A CG    1 
ATOM   372  C  CD    . GLU A 1 67  ? 14.467  -13.565 10.021  1.00 27.64 ? 80  GLU A CD    1 
ATOM   373  O  OE1   . GLU A 1 67  ? 14.958  -12.418 10.061  1.00 29.50 ? 80  GLU A OE1   1 
ATOM   374  O  OE2   . GLU A 1 67  ? 13.501  -13.905 10.734  1.00 29.51 ? 80  GLU A OE2   1 
ATOM   375  N  N     . ARG A 1 68  ? 14.807  -16.443 6.119   1.00 26.54 ? 81  ARG A N     1 
ATOM   376  C  CA    . ARG A 1 68  ? 13.609  -16.672 5.326   1.00 26.47 ? 81  ARG A CA    1 
ATOM   377  C  C     . ARG A 1 68  ? 12.407  -16.065 6.044   1.00 25.54 ? 81  ARG A C     1 
ATOM   378  O  O     . ARG A 1 68  ? 12.165  -16.335 7.213   1.00 25.69 ? 81  ARG A O     1 
ATOM   379  C  CB    . ARG A 1 68  ? 13.391  -18.157 5.053   1.00 27.03 ? 81  ARG A CB    1 
ATOM   380  C  CG    . ARG A 1 68  ? 12.453  -18.410 3.877   1.00 27.74 ? 81  ARG A CG    1 
ATOM   381  C  CD    . ARG A 1 68  ? 12.277  -19.895 3.648   1.00 29.58 ? 81  ARG A CD    1 
ATOM   382  N  NE    . ARG A 1 68  ? 11.316  -20.220 2.595   1.00 31.65 ? 81  ARG A NE    1 
ATOM   383  C  CZ    . ARG A 1 68  ? 9.993   -20.281 2.755   1.00 34.32 ? 81  ARG A CZ    1 
ATOM   384  N  NH1   . ARG A 1 68  ? 9.427   -19.998 3.928   1.00 35.98 ? 81  ARG A NH1   1 
ATOM   385  N  NH2   . ARG A 1 68  ? 9.223   -20.616 1.725   1.00 34.57 ? 81  ARG A NH2   1 
ATOM   386  N  N     . ILE A 1 69  ? 11.667  -15.222 5.334   1.00 24.06 ? 82  ILE A N     1 
ATOM   387  C  CA    . ILE A 1 69  ? 10.553  -14.481 5.905   1.00 23.21 ? 82  ILE A CA    1 
ATOM   388  C  C     . ILE A 1 69  ? 9.382   -14.627 4.956   1.00 22.36 ? 82  ILE A C     1 
ATOM   389  O  O     . ILE A 1 69  ? 9.561   -14.573 3.738   1.00 21.47 ? 82  ILE A O     1 
ATOM   390  C  CB    . ILE A 1 69  ? 10.917  -12.988 6.066   1.00 23.06 ? 82  ILE A CB    1 
ATOM   391  C  CG1   . ILE A 1 69  ? 12.026  -12.822 7.119   1.00 22.80 ? 82  ILE A CG1   1 
ATOM   392  C  CG2   . ILE A 1 69  ? 9.679   -12.144 6.444   1.00 23.28 ? 82  ILE A CG2   1 
ATOM   393  C  CD1   . ILE A 1 69  ? 12.736  -11.511 7.049   1.00 23.57 ? 82  ILE A CD1   1 
ATOM   394  N  N     . LYS A 1 70  ? 8.190   -14.844 5.501   1.00 21.65 ? 83  LYS A N     1 
ATOM   395  C  CA    . LYS A 1 70  ? 6.996   -14.859 4.670   1.00 21.33 ? 83  LYS A CA    1 
ATOM   396  C  C     . LYS A 1 70  ? 6.339   -13.486 4.753   1.00 20.51 ? 83  LYS A C     1 
ATOM   397  O  O     . LYS A 1 70  ? 5.776   -13.121 5.777   1.00 20.33 ? 83  LYS A O     1 
ATOM   398  C  CB    . LYS A 1 70  ? 6.004   -15.943 5.107   1.00 21.21 ? 83  LYS A CB    1 
ATOM   399  C  CG    . LYS A 1 70  ? 4.812   -16.083 4.146   1.00 22.43 ? 83  LYS A CG    1 
ATOM   400  C  CD    . LYS A 1 70  ? 4.069   -17.417 4.280   1.00 23.19 ? 83  LYS A CD    1 
ATOM   401  C  CE    . LYS A 1 70  ? 3.225   -17.496 5.545   1.00 24.28 ? 83  LYS A CE    1 
ATOM   402  N  NZ    . LYS A 1 70  ? 2.227   -18.618 5.468   1.00 23.91 ? 83  LYS A NZ    1 
ATOM   403  N  N     . ILE A 1 71  ? 6.435   -12.716 3.678   1.00 19.69 ? 84  ILE A N     1 
ATOM   404  C  CA    . ILE A 1 71  ? 5.779   -11.420 3.636   1.00 19.44 ? 84  ILE A CA    1 
ATOM   405  C  C     . ILE A 1 71  ? 4.320   -11.692 3.287   1.00 18.76 ? 84  ILE A C     1 
ATOM   406  O  O     . ILE A 1 71  ? 4.026   -12.416 2.337   1.00 18.40 ? 84  ILE A O     1 
ATOM   407  C  CB    . ILE A 1 71  ? 6.460   -10.450 2.639   1.00 19.55 ? 84  ILE A CB    1 
ATOM   408  C  CG1   . ILE A 1 71  ? 7.837   -10.051 3.190   1.00 19.83 ? 84  ILE A CG1   1 
ATOM   409  C  CG2   . ILE A 1 71  ? 5.597   -9.207  2.428   1.00 19.56 ? 84  ILE A CG2   1 
ATOM   410  C  CD1   . ILE A 1 71  ? 8.632   -9.113  2.306   1.00 20.58 ? 84  ILE A CD1   1 
ATOM   411  N  N     . GLN A 1 72  ? 3.416   -11.141 4.085   1.00 18.09 ? 85  GLN A N     1 
ATOM   412  C  CA    . GLN A 1 72  ? 1.985   -11.384 3.908   1.00 18.16 ? 85  GLN A CA    1 
ATOM   413  C  C     . GLN A 1 72  ? 1.326   -10.029 3.718   1.00 17.70 ? 85  GLN A C     1 
ATOM   414  O  O     . GLN A 1 72  ? 1.282   -9.221  4.659   1.00 18.04 ? 85  GLN A O     1 
ATOM   415  C  CB    . GLN A 1 72  ? 1.436   -12.215 5.068   1.00 18.16 ? 85  GLN A CB    1 
ATOM   416  C  CG    . GLN A 1 72  ? 0.018   -12.718 4.853   1.00 18.35 ? 85  GLN A CG    1 
ATOM   417  C  CD    . GLN A 1 72  ? -0.623  -13.216 6.133   1.00 18.57 ? 85  GLN A CD    1 
ATOM   418  O  OE1   . GLN A 1 72  ? -0.515  -14.393 6.475   1.00 17.76 ? 85  GLN A OE1   1 
ATOM   419  N  NE2   . GLN A 1 72  ? -1.333  -12.494 6.990   1.00 20.00 ? 85  GLN A NE2   1 
ATOM   420  N  N     . LEU A 1 73  ? 0.841   -9.763  2.498   1.00 17.60 ? 86  LEU A N     1 
ATOM   421  C  CA    . LEU A 1 73  ? 0.294   -8.459  2.128   1.00 17.59 ? 86  LEU A CA    1 
ATOM   422  C  C     . LEU A 1 73  ? -1.229  -8.504  2.171   1.00 17.62 ? 86  LEU A C     1 
ATOM   423  O  O     . LEU A 1 73  ? -1.850  -9.307  1.457   1.00 16.89 ? 86  LEU A O     1 
ATOM   424  C  CB    . LEU A 1 73  ? 0.730   -8.050  0.715   1.00 18.01 ? 86  LEU A CB    1 
ATOM   425  C  CG    . LEU A 1 73  ? 2.224   -7.926  0.397   1.00 19.66 ? 86  LEU A CG    1 
ATOM   426  C  CD1   . LEU A 1 73  ? 2.402   -7.217  -0.950  1.00 20.62 ? 86  LEU A CD1   1 
ATOM   427  C  CD2   . LEU A 1 73  ? 3.011   -7.208  1.467   1.00 21.03 ? 86  LEU A CD2   1 
ATOM   428  N  N     . TRP A 1 74  ? -1.807  -7.658  3.020   1.00 17.43 ? 87  TRP A N     1 
ATOM   429  C  CA    . TRP A 1 74  ? -3.242  -7.595  3.191   1.00 17.54 ? 87  TRP A CA    1 
ATOM   430  C  C     . TRP A 1 74  ? -3.777  -6.499  2.295   1.00 17.76 ? 87  TRP A C     1 
ATOM   431  O  O     . TRP A 1 74  ? -3.516  -5.308  2.469   1.00 17.41 ? 87  TRP A O     1 
ATOM   432  C  CB    . TRP A 1 74  ? -3.603  -7.367  4.648   1.00 17.85 ? 87  TRP A CB    1 
ATOM   433  C  CG    . TRP A 1 74  ? -3.437  -8.598  5.474   1.00 17.65 ? 87  TRP A CG    1 
ATOM   434  C  CD1   . TRP A 1 74  ? -2.301  -9.336  5.642   1.00 18.20 ? 87  TRP A CD1   1 
ATOM   435  C  CD2   . TRP A 1 74  ? -4.454  -9.241  6.244   1.00 18.12 ? 87  TRP A CD2   1 
ATOM   436  N  NE1   . TRP A 1 74  ? -2.552  -10.407 6.473   1.00 18.43 ? 87  TRP A NE1   1 
ATOM   437  C  CE2   . TRP A 1 74  ? -3.871  -10.374 6.848   1.00 18.38 ? 87  TRP A CE2   1 
ATOM   438  C  CE3   . TRP A 1 74  ? -5.806  -8.971  6.480   1.00 18.60 ? 87  TRP A CE3   1 
ATOM   439  C  CZ2   . TRP A 1 74  ? -4.593  -11.226 7.682   1.00 18.68 ? 87  TRP A CZ2   1 
ATOM   440  C  CZ3   . TRP A 1 74  ? -6.520  -9.829  7.303   1.00 18.20 ? 87  TRP A CZ3   1 
ATOM   441  C  CH2   . TRP A 1 74  ? -5.913  -10.936 7.892   1.00 18.26 ? 87  TRP A CH2   1 
ATOM   442  N  N     . ASP A 1 75  ? -4.529  -6.958  1.317   1.00 18.44 ? 88  ASP A N     1 
ATOM   443  C  CA    . ASP A 1 75  ? -5.059  -6.160  0.278   1.00 18.49 ? 88  ASP A CA    1 
ATOM   444  C  C     . ASP A 1 75  ? -6.426  -5.627  0.731   1.00 18.65 ? 88  ASP A C     1 
ATOM   445  O  O     . ASP A 1 75  ? -7.456  -6.161  0.319   1.00 18.34 ? 88  ASP A O     1 
ATOM   446  C  CB    . ASP A 1 75  ? -5.229  -7.104  -0.914  1.00 19.59 ? 88  ASP A CB    1 
ATOM   447  C  CG    . ASP A 1 75  ? -5.774  -6.430  -2.079  1.00 20.73 ? 88  ASP A CG    1 
ATOM   448  O  OD1   . ASP A 1 75  ? -6.354  -7.152  -2.924  1.00 20.36 ? 88  ASP A OD1   1 
ATOM   449  O  OD2   . ASP A 1 75  ? -5.636  -5.186  -2.136  1.00 23.85 ? 88  ASP A OD2   1 
ATOM   450  N  N     . THR A 1 76  ? -6.437  -4.581  1.563   1.00 18.12 ? 89  THR A N     1 
ATOM   451  C  CA    . THR A 1 76  ? -7.677  -4.125  2.212   1.00 17.95 ? 89  THR A CA    1 
ATOM   452  C  C     . THR A 1 76  ? -8.718  -3.578  1.242   1.00 18.15 ? 89  THR A C     1 
ATOM   453  O  O     . THR A 1 76  ? -8.388  -3.158  0.133   1.00 17.83 ? 89  THR A O     1 
ATOM   454  C  CB    . THR A 1 76  ? -7.426  -3.062  3.317   1.00 17.63 ? 89  THR A CB    1 
ATOM   455  O  OG1   . THR A 1 76  ? -7.043  -1.806  2.739   1.00 16.83 ? 89  THR A OG1   1 
ATOM   456  C  CG2   . THR A 1 76  ? -6.349  -3.544  4.302   1.00 18.05 ? 89  THR A CG2   1 
ATOM   457  N  N     . ALA A 1 77  ? -9.981  -3.610  1.664   1.00 18.27 ? 90  ALA A N     1 
ATOM   458  C  CA    . ALA A 1 77  ? -11.080 -3.079  0.845   1.00 18.79 ? 90  ALA A CA    1 
ATOM   459  C  C     . ALA A 1 77  ? -11.130 -1.561  1.005   1.00 18.88 ? 90  ALA A C     1 
ATOM   460  O  O     . ALA A 1 77  ? -11.037 -1.034  2.121   1.00 18.46 ? 90  ALA A O     1 
ATOM   461  C  CB    . ALA A 1 77  ? -12.414 -3.719  1.256   1.00 18.63 ? 90  ALA A CB    1 
ATOM   462  N  N     . GLY A 1 78  ? -11.257 -0.858  -0.116  1.00 19.30 ? 91  GLY A N     1 
ATOM   463  C  CA    . GLY A 1 78  ? -11.396 0.592   -0.120  1.00 19.96 ? 91  GLY A CA    1 
ATOM   464  C  C     . GLY A 1 78  ? -12.848 1.005   0.031   1.00 20.72 ? 91  GLY A C     1 
ATOM   465  O  O     . GLY A 1 78  ? -13.140 2.086   0.550   1.00 20.81 ? 91  GLY A O     1 
ATOM   466  N  N     . GLN A 1 79  ? -13.763 0.155   -0.441  1.00 21.45 ? 92  GLN A N     1 
ATOM   467  C  CA    . GLN A 1 79  ? -15.188 0.458   -0.360  1.00 22.40 ? 92  GLN A CA    1 
ATOM   468  C  C     . GLN A 1 79  ? -15.743 0.260   1.045   1.00 22.46 ? 92  GLN A C     1 
ATOM   469  O  O     . GLN A 1 79  ? -15.530 -0.767  1.673   1.00 21.44 ? 92  GLN A O     1 
ATOM   470  C  CB    . GLN A 1 79  ? -15.965 -0.358  -1.386  1.00 22.75 ? 92  GLN A CB    1 
ATOM   471  C  CG    . GLN A 1 79  ? -15.600 0.047   -2.823  1.00 24.00 ? 92  GLN A CG    1 
ATOM   472  C  CD    . GLN A 1 79  ? -16.616 -0.396  -3.856  1.00 25.48 ? 92  GLN A CD    1 
ATOM   473  O  OE1   . GLN A 1 79  ? -17.783 -0.617  -3.546  1.00 31.46 ? 92  GLN A OE1   1 
ATOM   474  N  NE2   . GLN A 1 79  ? -16.173 -0.524  -5.095  1.00 29.48 ? 92  GLN A NE2   1 
ATOM   475  N  N     . GLU A 1 80  ? -16.482 1.258   1.524   1.00 23.06 ? 93  GLU A N     1 
ATOM   476  C  CA    . GLU A 1 80  ? -16.940 1.279   2.912   1.00 23.85 ? 93  GLU A CA    1 
ATOM   477  C  C     . GLU A 1 80  ? -17.793 0.072   3.265   1.00 24.48 ? 93  GLU A C     1 
ATOM   478  O  O     . GLU A 1 80  ? -17.650 -0.491  4.349   1.00 24.55 ? 93  GLU A O     1 
ATOM   479  C  CB    . GLU A 1 80  ? -17.717 2.571   3.194   1.00 23.72 ? 93  GLU A CB    1 
ATOM   480  C  CG    . GLU A 1 80  ? -17.819 2.925   4.672   1.00 23.64 ? 93  GLU A CG    1 
ATOM   481  C  CD    . GLU A 1 80  ? -16.475 3.239   5.303   1.00 24.01 ? 93  GLU A CD    1 
ATOM   482  O  OE1   . GLU A 1 80  ? -15.511 3.546   4.566   1.00 23.96 ? 93  GLU A OE1   1 
ATOM   483  O  OE2   . GLU A 1 80  ? -16.382 3.179   6.544   1.00 23.98 ? 93  GLU A OE2   1 
ATOM   484  N  N     . ARG A 1 81  ? -18.673 -0.335  2.347   1.00 25.71 ? 94  ARG A N     1 
ATOM   485  C  CA    . ARG A 1 81  ? -19.570 -1.467  2.586   1.00 26.39 ? 94  ARG A CA    1 
ATOM   486  C  C     . ARG A 1 81  ? -18.807 -2.759  2.840   1.00 27.34 ? 94  ARG A C     1 
ATOM   487  O  O     . ARG A 1 81  ? -19.239 -3.590  3.642   1.00 28.45 ? 94  ARG A O     1 
ATOM   488  C  CB    . ARG A 1 81  ? -20.522 -1.655  1.402   1.00 26.73 ? 94  ARG A CB    1 
ATOM   489  N  N     . PHE A 1 82  ? -17.667 -2.916  2.171   1.00 27.88 ? 95  PHE A N     1 
ATOM   490  C  CA    . PHE A 1 82  ? -16.886 -4.150  2.241   1.00 27.76 ? 95  PHE A CA    1 
ATOM   491  C  C     . PHE A 1 82  ? -15.797 -4.165  3.316   1.00 27.72 ? 95  PHE A C     1 
ATOM   492  O  O     . PHE A 1 82  ? -15.303 -5.241  3.667   1.00 28.74 ? 95  PHE A O     1 
ATOM   493  C  CB    . PHE A 1 82  ? -16.223 -4.431  0.895   1.00 29.45 ? 95  PHE A CB    1 
ATOM   494  C  CG    . PHE A 1 82  ? -17.178 -4.467  -0.275  1.00 29.92 ? 95  PHE A CG    1 
ATOM   495  C  CD1   . PHE A 1 82  ? -16.795 -3.940  -1.502  1.00 31.54 ? 95  PHE A CD1   1 
ATOM   496  C  CD2   . PHE A 1 82  ? -18.447 -5.020  -0.154  1.00 31.71 ? 95  PHE A CD2   1 
ATOM   497  C  CE1   . PHE A 1 82  ? -17.657 -3.966  -2.600  1.00 32.19 ? 95  PHE A CE1   1 
ATOM   498  C  CE2   . PHE A 1 82  ? -19.320 -5.047  -1.247  1.00 31.46 ? 95  PHE A CE2   1 
ATOM   499  C  CZ    . PHE A 1 82  ? -18.925 -4.515  -2.465  1.00 31.70 ? 95  PHE A CZ    1 
ATOM   500  N  N     . ARG A 1 83  ? -15.403 -2.997  3.822   1.00 26.23 ? 96  ARG A N     1 
ATOM   501  C  CA    . ARG A 1 83  ? -14.329 -2.919  4.829   1.00 25.45 ? 96  ARG A CA    1 
ATOM   502  C  C     . ARG A 1 83  ? -14.803 -2.660  6.260   1.00 25.34 ? 96  ARG A C     1 
ATOM   503  O  O     . ARG A 1 83  ? -14.062 -2.894  7.216   1.00 23.98 ? 96  ARG A O     1 
ATOM   504  C  CB    . ARG A 1 83  ? -13.337 -1.819  4.448   1.00 24.70 ? 96  ARG A CB    1 
ATOM   505  C  CG    . ARG A 1 83  ? -13.798 -0.429  4.814   1.00 24.17 ? 96  ARG A CG    1 
ATOM   506  C  CD    . ARG A 1 83  ? -12.946 0.628   4.148   1.00 22.60 ? 96  ARG A CD    1 
ATOM   507  N  NE    . ARG A 1 83  ? -11.522 0.523   4.468   1.00 20.12 ? 96  ARG A NE    1 
ATOM   508  C  CZ    . ARG A 1 83  ? -10.977 0.837   5.645   1.00 19.68 ? 96  ARG A CZ    1 
ATOM   509  N  NH1   . ARG A 1 83  ? -11.723 1.275   6.649   1.00 18.67 ? 96  ARG A NH1   1 
ATOM   510  N  NH2   . ARG A 1 83  ? -9.670  0.731   5.813   1.00 17.19 ? 96  ARG A NH2   1 
ATOM   511  N  N     . LYS A 1 84  ? -16.026 -2.160  6.406   1.00 26.16 ? 97  LYS A N     1 
ATOM   512  C  CA    . LYS A 1 84  ? -16.460 -1.530  7.662   1.00 26.29 ? 97  LYS A CA    1 
ATOM   513  C  C     . LYS A 1 84  ? -16.232 -2.383  8.924   1.00 25.80 ? 97  LYS A C     1 
ATOM   514  O  O     . LYS A 1 84  ? -15.800 -1.860  9.955   1.00 26.32 ? 97  LYS A O     1 
ATOM   515  C  CB    . LYS A 1 84  ? -17.938 -1.140  7.543   1.00 27.14 ? 97  LYS A CB    1 
ATOM   516  C  CG    . LYS A 1 84  ? -18.485 -0.331  8.690   1.00 28.11 ? 97  LYS A CG    1 
ATOM   517  C  CD    . LYS A 1 84  ? -19.978 -0.112  8.508   1.00 28.29 ? 97  LYS A CD    1 
ATOM   518  C  CE    . LYS A 1 84  ? -20.616 0.445   9.775   1.00 30.34 ? 97  LYS A CE    1 
ATOM   519  N  NZ    . LYS A 1 84  ? -21.889 1.164   9.494   1.00 29.85 ? 97  LYS A NZ    1 
ATOM   520  N  N     . SER A 1 85  ? -16.536 -3.676  8.842   1.00 24.89 ? 98  SER A N     1 
ATOM   521  C  CA    . SER A 1 85  ? -16.432 -4.594  9.993   1.00 24.49 ? 98  SER A CA    1 
ATOM   522  C  C     . SER A 1 85  ? -15.113 -5.375  10.010  1.00 23.79 ? 98  SER A C     1 
ATOM   523  O  O     . SER A 1 85  ? -14.913 -6.264  10.843  1.00 23.27 ? 98  SER A O     1 
ATOM   524  C  CB    . SER A 1 85  ? -17.602 -5.579  9.960   1.00 24.99 ? 98  SER A CB    1 
ATOM   525  O  OG    . SER A 1 85  ? -18.828 -4.870  10.058  1.00 27.17 ? 98  SER A OG    1 
ATOM   526  N  N     . MET A 1 86  ? -14.215 -5.027  9.093   1.00 22.39 ? 99  MET A N     1 
ATOM   527  C  CA    . MET A 1 86  ? -13.008 -5.810  8.848   1.00 21.89 ? 99  MET A CA    1 
ATOM   528  C  C     . MET A 1 86  ? -11.749 -5.173  9.429   1.00 21.30 ? 99  MET A C     1 
ATOM   529  O  O     . MET A 1 86  ? -10.686 -5.780  9.395   1.00 20.24 ? 99  MET A O     1 
ATOM   530  C  CB    . MET A 1 86  ? -12.799 -5.972  7.330   1.00 21.63 ? 99  MET A CB    1 
ATOM   531  C  CG    . MET A 1 86  ? -13.946 -6.609  6.562   1.00 22.20 ? 99  MET A CG    1 
ATOM   532  S  SD    . MET A 1 86  ? -14.129 -8.341  6.977   1.00 24.93 ? 99  MET A SD    1 
ATOM   533  C  CE    . MET A 1 86  ? -15.504 -8.303  8.093   1.00 23.66 ? 99  MET A CE    1 
ATOM   534  N  N     . VAL A 1 87  ? -11.853 -3.957  9.960   1.00 20.97 ? 100 VAL A N     1 
ATOM   535  C  CA    . VAL A 1 87  ? -10.662 -3.171  10.275  1.00 21.10 ? 100 VAL A CA    1 
ATOM   536  C  C     . VAL A 1 87  ? -9.836  -3.786  11.414  1.00 20.80 ? 100 VAL A C     1 
ATOM   537  O  O     . VAL A 1 87  ? -8.606  -3.695  11.412  1.00 21.12 ? 100 VAL A O     1 
ATOM   538  C  CB    . VAL A 1 87  ? -11.023 -1.696  10.560  1.00 20.94 ? 100 VAL A CB    1 
ATOM   539  C  CG1   . VAL A 1 87  ? -9.785  -0.891  10.852  1.00 22.12 ? 100 VAL A CG1   1 
ATOM   540  C  CG2   . VAL A 1 87  ? -11.742 -1.101  9.362   1.00 21.07 ? 100 VAL A CG2   1 
ATOM   541  N  N     . GLN A 1 88  ? -10.484 -4.432  12.372  1.00 21.04 ? 101 GLN A N     1 
ATOM   542  C  CA    . GLN A 1 88  ? -9.712  -5.071  13.422  1.00 21.43 ? 101 GLN A CA    1 
ATOM   543  C  C     . GLN A 1 88  ? -8.995  -6.331  12.911  1.00 20.40 ? 101 GLN A C     1 
ATOM   544  O  O     . GLN A 1 88  ? -7.937  -6.661  13.436  1.00 20.45 ? 101 GLN A O     1 
ATOM   545  C  CB    . GLN A 1 88  ? -10.541 -5.289  14.686  1.00 22.28 ? 101 GLN A CB    1 
ATOM   546  C  CG    . GLN A 1 88  ? -10.851 -3.935  15.316  1.00 24.12 ? 101 GLN A CG    1 
ATOM   547  C  CD    . GLN A 1 88  ? -11.533 -4.014  16.648  1.00 25.22 ? 101 GLN A CD    1 
ATOM   548  O  OE1   . GLN A 1 88  ? -11.061 -3.434  17.624  1.00 30.79 ? 101 GLN A OE1   1 
ATOM   549  N  NE2   . GLN A 1 88  ? -12.663 -4.700  16.695  1.00 28.63 ? 101 GLN A NE2   1 
ATOM   550  N  N     . HIS A 1 89  ? -9.515  -6.980  11.862  1.00 19.09 ? 102 HIS A N     1 
ATOM   551  C  CA    . HIS A 1 89  ? -8.765  -8.067  11.198  1.00 18.79 ? 102 HIS A CA    1 
ATOM   552  C  C     . HIS A 1 89  ? -7.524  -7.501  10.531  1.00 18.29 ? 102 HIS A C     1 
ATOM   553  O  O     . HIS A 1 89  ? -6.425  -8.064  10.638  1.00 17.22 ? 102 HIS A O     1 
ATOM   554  C  CB    . HIS A 1 89  ? -9.569  -8.767  10.101  1.00 18.50 ? 102 HIS A CB    1 
ATOM   555  C  CG    . HIS A 1 89  ? -10.809 -9.450  10.578  1.00 18.47 ? 102 HIS A CG    1 
ATOM   556  N  ND1   . HIS A 1 89  ? -10.826 -10.305 11.660  1.00 17.51 ? 102 HIS A ND1   1 
ATOM   557  C  CD2   . HIS A 1 89  ? -12.074 -9.418  10.102  1.00 17.42 ? 102 HIS A CD2   1 
ATOM   558  C  CE1   . HIS A 1 89  ? -12.054 -10.759 11.834  1.00 18.32 ? 102 HIS A CE1   1 
ATOM   559  N  NE2   . HIS A 1 89  ? -12.833 -10.229 10.908  1.00 17.66 ? 102 HIS A NE2   1 
ATOM   560  N  N     . TYR A 1 90  ? -7.715  -6.391  9.816   1.00 18.43 ? 103 TYR A N     1 
ATOM   561  C  CA    . TYR A 1 90  ? -6.593  -5.742  9.132   1.00 18.41 ? 103 TYR A CA    1 
ATOM   562  C  C     . TYR A 1 90  ? -5.491  -5.422  10.120  1.00 18.33 ? 103 TYR A C     1 
ATOM   563  O  O     . TYR A 1 90  ? -4.328  -5.679  9.846   1.00 18.40 ? 103 TYR A O     1 
ATOM   564  C  CB    . TYR A 1 90  ? -7.009  -4.442  8.436   1.00 18.40 ? 103 TYR A CB    1 
ATOM   565  C  CG    . TYR A 1 90  ? -8.072  -4.553  7.363   1.00 18.08 ? 103 TYR A CG    1 
ATOM   566  C  CD1   . TYR A 1 90  ? -8.792  -3.422  6.979   1.00 18.70 ? 103 TYR A CD1   1 
ATOM   567  C  CD2   . TYR A 1 90  ? -8.364  -5.761  6.729   1.00 18.12 ? 103 TYR A CD2   1 
ATOM   568  C  CE1   . TYR A 1 90  ? -9.772  -3.487  6.004   1.00 18.37 ? 103 TYR A CE1   1 
ATOM   569  C  CE2   . TYR A 1 90  ? -9.341  -5.831  5.745   1.00 17.62 ? 103 TYR A CE2   1 
ATOM   570  C  CZ    . TYR A 1 90  ? -10.041 -4.693  5.394   1.00 18.03 ? 103 TYR A CZ    1 
ATOM   571  O  OH    . TYR A 1 90  ? -10.999 -4.743  4.417   1.00 18.17 ? 103 TYR A OH    1 
ATOM   572  N  N     . TYR A 1 91  ? -5.853  -4.856  11.272  1.00 18.68 ? 104 TYR A N     1 
ATOM   573  C  CA    . TYR A 1 91  ? -4.841  -4.388  12.218  1.00 19.04 ? 104 TYR A CA    1 
ATOM   574  C  C     . TYR A 1 91  ? -4.353  -5.430  13.232  1.00 19.44 ? 104 TYR A C     1 
ATOM   575  O  O     . TYR A 1 91  ? -3.467  -5.126  14.026  1.00 21.00 ? 104 TYR A O     1 
ATOM   576  C  CB    . TYR A 1 91  ? -5.301  -3.086  12.888  1.00 19.21 ? 104 TYR A CB    1 
ATOM   577  C  CG    . TYR A 1 91  ? -5.043  -1.909  11.986  1.00 19.71 ? 104 TYR A CG    1 
ATOM   578  C  CD1   . TYR A 1 91  ? -6.005  -1.465  11.095  1.00 19.86 ? 104 TYR A CD1   1 
ATOM   579  C  CD2   . TYR A 1 91  ? -3.806  -1.269  11.990  1.00 19.99 ? 104 TYR A CD2   1 
ATOM   580  C  CE1   . TYR A 1 91  ? -5.753  -0.398  10.246  1.00 19.23 ? 104 TYR A CE1   1 
ATOM   581  C  CE2   . TYR A 1 91  ? -3.550  -0.198  11.146  1.00 20.20 ? 104 TYR A CE2   1 
ATOM   582  C  CZ    . TYR A 1 91  ? -4.530  0.222   10.280  1.00 19.18 ? 104 TYR A CZ    1 
ATOM   583  O  OH    . TYR A 1 91  ? -4.266  1.273   9.436   1.00 20.49 ? 104 TYR A OH    1 
ATOM   584  N  N     . ARG A 1 92  ? -4.876  -6.657  13.191  1.00 19.29 ? 105 ARG A N     1 
ATOM   585  C  CA    . ARG A 1 92  ? -4.406  -7.717  14.102  1.00 19.19 ? 105 ARG A CA    1 
ATOM   586  C  C     . ARG A 1 92  ? -2.985  -8.168  13.752  1.00 19.07 ? 105 ARG A C     1 
ATOM   587  O  O     . ARG A 1 92  ? -2.744  -8.636  12.633  1.00 18.58 ? 105 ARG A O     1 
ATOM   588  C  CB    . ARG A 1 92  ? -5.343  -8.925  14.059  1.00 19.14 ? 105 ARG A CB    1 
ATOM   589  C  CG    . ARG A 1 92  ? -5.100  -9.943  15.162  1.00 19.41 ? 105 ARG A CG    1 
ATOM   590  C  CD    . ARG A 1 92  ? -6.170  -11.038 15.184  1.00 20.40 ? 105 ARG A CD    1 
ATOM   591  N  NE    . ARG A 1 92  ? -7.510  -10.474 15.363  1.00 21.58 ? 105 ARG A NE    1 
ATOM   592  C  CZ    . ARG A 1 92  ? -8.489  -10.467 14.452  1.00 21.33 ? 105 ARG A CZ    1 
ATOM   593  N  NH1   . ARG A 1 92  ? -8.343  -11.045 13.269  1.00 20.48 ? 105 ARG A NH1   1 
ATOM   594  N  NH2   . ARG A 1 92  ? -9.651  -9.899  14.750  1.00 22.86 ? 105 ARG A NH2   1 
ATOM   595  N  N     . ASN A 1 93  ? -2.064  -8.035  14.710  1.00 18.77 ? 106 ASN A N     1 
ATOM   596  C  CA    . ASN A 1 93  ? -0.660  -8.459  14.533  1.00 19.37 ? 106 ASN A CA    1 
ATOM   597  C  C     . ASN A 1 93  ? -0.016  -7.883  13.275  1.00 19.05 ? 106 ASN A C     1 
ATOM   598  O  O     . ASN A 1 93  ? 0.719   -8.570  12.571  1.00 19.25 ? 106 ASN A O     1 
ATOM   599  C  CB    . ASN A 1 93  ? -0.534  -9.990  14.528  1.00 19.80 ? 106 ASN A CB    1 
ATOM   600  C  CG    . ASN A 1 93  ? -1.015  -10.625 15.816  1.00 20.63 ? 106 ASN A CG    1 
ATOM   601  O  OD1   . ASN A 1 93  ? -0.814  -10.076 16.893  1.00 25.40 ? 106 ASN A OD1   1 
ATOM   602  N  ND2   . ASN A 1 93  ? -1.658  -11.784 15.709  1.00 24.29 ? 106 ASN A ND2   1 
ATOM   603  N  N     . VAL A 1 94  ? -0.279  -6.609  13.007  1.00 19.29 ? 107 VAL A N     1 
ATOM   604  C  CA    . VAL A 1 94  ? 0.300   -5.935  11.848  1.00 19.51 ? 107 VAL A CA    1 
ATOM   605  C  C     . VAL A 1 94  ? 1.744   -5.484  12.150  1.00 19.55 ? 107 VAL A C     1 
ATOM   606  O  O     . VAL A 1 94  ? 2.064   -5.106  13.292  1.00 20.08 ? 107 VAL A O     1 
ATOM   607  C  CB    . VAL A 1 94  ? -0.593  -4.741  11.386  1.00 19.37 ? 107 VAL A CB    1 
ATOM   608  C  CG1   . VAL A 1 94  ? -0.749  -3.697  12.482  1.00 21.08 ? 107 VAL A CG1   1 
ATOM   609  C  CG2   . VAL A 1 94  ? -0.017  -4.113  10.127  1.00 20.25 ? 107 VAL A CG2   1 
ATOM   610  N  N     . HIS A 1 95  ? 2.613   -5.547  11.141  1.00 19.25 ? 108 HIS A N     1 
ATOM   611  C  CA    . HIS A 1 95  ? 4.034   -5.192  11.304  1.00 19.29 ? 108 HIS A CA    1 
ATOM   612  C  C     . HIS A 1 95  ? 4.435   -3.922  10.548  1.00 19.61 ? 108 HIS A C     1 
ATOM   613  O  O     . HIS A 1 95  ? 5.391   -3.236  10.939  1.00 20.04 ? 108 HIS A O     1 
ATOM   614  C  CB    . HIS A 1 95  ? 4.932   -6.385  10.935  1.00 19.36 ? 108 HIS A CB    1 
ATOM   615  C  CG    . HIS A 1 95  ? 4.604   -7.632  11.696  1.00 19.29 ? 108 HIS A CG    1 
ATOM   616  N  ND1   . HIS A 1 95  ? 4.565   -7.675  13.074  1.00 22.17 ? 108 HIS A ND1   1 
ATOM   617  C  CD2   . HIS A 1 95  ? 4.271   -8.872  11.276  1.00 18.97 ? 108 HIS A CD2   1 
ATOM   618  C  CE1   . HIS A 1 95  ? 4.237   -8.895  13.464  1.00 19.42 ? 108 HIS A CE1   1 
ATOM   619  N  NE2   . HIS A 1 95  ? 4.034   -9.635  12.390  1.00 21.44 ? 108 HIS A NE2   1 
ATOM   620  N  N     . ALA A 1 96  ? 3.716   -3.601  9.470   1.00 18.98 ? 109 ALA A N     1 
ATOM   621  C  CA    . ALA A 1 96  ? 3.956   -2.376  8.702   1.00 18.12 ? 109 ALA A CA    1 
ATOM   622  C  C     . ALA A 1 96  ? 2.686   -1.972  7.955   1.00 17.69 ? 109 ALA A C     1 
ATOM   623  O  O     . ALA A 1 96  ? 1.827   -2.811  7.688   1.00 16.26 ? 109 ALA A O     1 
ATOM   624  C  CB    . ALA A 1 96  ? 5.082   -2.582  7.718   1.00 18.54 ? 109 ALA A CB    1 
ATOM   625  N  N     . VAL A 1 97  ? 2.591   -0.688  7.614   1.00 17.46 ? 110 VAL A N     1 
ATOM   626  C  CA    . VAL A 1 97  ? 1.416   -0.144  6.936   1.00 17.76 ? 110 VAL A CA    1 
ATOM   627  C  C     . VAL A 1 97  ? 1.837   0.645   5.695   1.00 17.75 ? 110 VAL A C     1 
ATOM   628  O  O     . VAL A 1 97  ? 2.750   1.484   5.750   1.00 17.81 ? 110 VAL A O     1 
ATOM   629  C  CB    . VAL A 1 97  ? 0.580   0.768   7.864   1.00 18.06 ? 110 VAL A CB    1 
ATOM   630  C  CG1   . VAL A 1 97  ? -0.679  1.254   7.130   1.00 18.99 ? 110 VAL A CG1   1 
ATOM   631  C  CG2   . VAL A 1 97  ? 0.198   0.042   9.136   1.00 19.55 ? 110 VAL A CG2   1 
ATOM   632  N  N     . VAL A 1 98  ? 1.179   0.350   4.573   1.00 17.45 ? 111 VAL A N     1 
ATOM   633  C  CA    . VAL A 1 98  ? 1.396   1.066   3.312   1.00 17.28 ? 111 VAL A CA    1 
ATOM   634  C  C     . VAL A 1 98  ? 0.112   1.814   2.954   1.00 16.88 ? 111 VAL A C     1 
ATOM   635  O  O     . VAL A 1 98  ? -0.918  1.186   2.725   1.00 16.57 ? 111 VAL A O     1 
ATOM   636  C  CB    . VAL A 1 98  ? 1.755   0.097   2.162   1.00 17.49 ? 111 VAL A CB    1 
ATOM   637  C  CG1   . VAL A 1 98  ? 1.966   0.859   0.845   1.00 18.44 ? 111 VAL A CG1   1 
ATOM   638  C  CG2   . VAL A 1 98  ? 2.995   -0.707  2.511   1.00 18.46 ? 111 VAL A CG2   1 
ATOM   639  N  N     . PHE A 1 99  ? 0.184   3.142   2.926   1.00 16.49 ? 112 PHE A N     1 
ATOM   640  C  CA    . PHE A 1 99  ? -0.928  3.983   2.478   1.00 16.72 ? 112 PHE A CA    1 
ATOM   641  C  C     . PHE A 1 99  ? -0.752  4.249   0.990   1.00 16.48 ? 112 PHE A C     1 
ATOM   642  O  O     . PHE A 1 99  ? 0.327   4.648   0.553   1.00 16.56 ? 112 PHE A O     1 
ATOM   643  C  CB    . PHE A 1 99  ? -0.942  5.313   3.223   1.00 17.14 ? 112 PHE A CB    1 
ATOM   644  C  CG    . PHE A 1 99  ? -1.125  5.174   4.703   1.00 16.92 ? 112 PHE A CG    1 
ATOM   645  C  CD1   . PHE A 1 99  ? -0.051  5.327   5.567   1.00 17.94 ? 112 PHE A CD1   1 
ATOM   646  C  CD2   . PHE A 1 99  ? -2.368  4.868   5.233   1.00 17.38 ? 112 PHE A CD2   1 
ATOM   647  C  CE1   . PHE A 1 99  ? -0.221  5.177   6.945   1.00 17.16 ? 112 PHE A CE1   1 
ATOM   648  C  CE2   . PHE A 1 99  ? -2.539  4.726   6.599   1.00 16.93 ? 112 PHE A CE2   1 
ATOM   649  C  CZ    . PHE A 1 99  ? -1.466  4.883   7.452   1.00 17.73 ? 112 PHE A CZ    1 
ATOM   650  N  N     . VAL A 1 100 ? -1.818  4.058   0.222   1.00 16.02 ? 113 VAL A N     1 
ATOM   651  C  CA    . VAL A 1 100 ? -1.744  4.214   -1.224  1.00 16.62 ? 113 VAL A CA    1 
ATOM   652  C  C     . VAL A 1 100 ? -2.730  5.277   -1.698  1.00 16.97 ? 113 VAL A C     1 
ATOM   653  O  O     . VAL A 1 100 ? -3.884  5.301   -1.268  1.00 16.58 ? 113 VAL A O     1 
ATOM   654  C  CB    . VAL A 1 100 ? -2.002  2.864   -1.947  1.00 15.91 ? 113 VAL A CB    1 
ATOM   655  C  CG1   . VAL A 1 100 ? -1.821  2.991   -3.459  1.00 16.58 ? 113 VAL A CG1   1 
ATOM   656  C  CG2   . VAL A 1 100 ? -1.065  1.789   -1.415  1.00 16.45 ? 113 VAL A CG2   1 
ATOM   657  N  N     . TYR A 1 101 ? -2.254  6.158   -2.580  1.00 17.92 ? 114 TYR A N     1 
ATOM   658  C  CA    . TYR A 1 101 ? -3.118  7.037   -3.356  1.00 18.13 ? 114 TYR A CA    1 
ATOM   659  C  C     . TYR A 1 101 ? -2.837  6.830   -4.845  1.00 18.65 ? 114 TYR A C     1 
ATOM   660  O  O     . TYR A 1 101 ? -1.819  6.247   -5.224  1.00 18.07 ? 114 TYR A O     1 
ATOM   661  C  CB    . TYR A 1 101 ? -2.922  8.505   -2.956  1.00 18.65 ? 114 TYR A CB    1 
ATOM   662  C  CG    . TYR A 1 101 ? -1.588  9.096   -3.353  1.00 18.98 ? 114 TYR A CG    1 
ATOM   663  C  CD1   . TYR A 1 101 ? -1.448  9.828   -4.534  1.00 18.67 ? 114 TYR A CD1   1 
ATOM   664  C  CD2   . TYR A 1 101 ? -0.462  8.923   -2.552  1.00 18.16 ? 114 TYR A CD2   1 
ATOM   665  C  CE1   . TYR A 1 101 ? -0.218  10.364  -4.899  1.00 19.70 ? 114 TYR A CE1   1 
ATOM   666  C  CE2   . TYR A 1 101 ? 0.761   9.454   -2.907  1.00 18.61 ? 114 TYR A CE2   1 
ATOM   667  C  CZ    . TYR A 1 101 ? 0.882   10.180  -4.077  1.00 19.57 ? 114 TYR A CZ    1 
ATOM   668  O  OH    . TYR A 1 101 ? 2.112   10.700  -4.429  1.00 20.06 ? 114 TYR A OH    1 
ATOM   669  N  N     . ASP A 1 102 ? -3.765  7.297   -5.667  1.00 19.38 ? 115 ASP A N     1 
ATOM   670  C  CA    . ASP A 1 102 ? -3.661  7.234   -7.124  1.00 20.18 ? 115 ASP A CA    1 
ATOM   671  C  C     . ASP A 1 102 ? -3.140  8.588   -7.606  1.00 20.75 ? 115 ASP A C     1 
ATOM   672  O  O     . ASP A 1 102 ? -3.777  9.628   -7.370  1.00 20.79 ? 115 ASP A O     1 
ATOM   673  C  CB    . ASP A 1 102 ? -5.047  6.911   -7.683  1.00 19.79 ? 115 ASP A CB    1 
ATOM   674  C  CG    . ASP A 1 102 ? -5.118  6.921   -9.194  1.00 19.78 ? 115 ASP A CG    1 
ATOM   675  O  OD1   . ASP A 1 102 ? -4.182  7.417   -9.864  1.00 20.84 ? 115 ASP A OD1   1 
ATOM   676  O  OD2   . ASP A 1 102 ? -6.148  6.427   -9.703  1.00 20.71 ? 115 ASP A OD2   1 
ATOM   677  N  N     . MET A 1 103 ? -1.984  8.577   -8.277  1.00 21.45 ? 116 MET A N     1 
ATOM   678  C  CA    . MET A 1 103 ? -1.333  9.818   -8.728  1.00 22.29 ? 116 MET A CA    1 
ATOM   679  C  C     . MET A 1 103 ? -2.174  10.595  -9.748  1.00 22.50 ? 116 MET A C     1 
ATOM   680  O  O     . MET A 1 103 ? -1.988  11.810  -9.927  1.00 23.17 ? 116 MET A O     1 
ATOM   681  C  CB    . MET A 1 103 ? 0.046   9.519   -9.316  1.00 22.26 ? 116 MET A CB    1 
ATOM   682  C  CG    . MET A 1 103 ? 1.057   9.011   -8.295  1.00 23.13 ? 116 MET A CG    1 
ATOM   683  S  SD    . MET A 1 103 ? 2.649   8.524   -8.998  1.00 23.92 ? 116 MET A SD    1 
ATOM   684  C  CE    . MET A 1 103 ? 3.197   10.076  -9.708  1.00 24.38 ? 116 MET A CE    1 
ATOM   685  N  N     . THR A 1 104 ? -3.088  9.893   -10.407 1.00 23.08 ? 117 THR A N     1 
ATOM   686  C  CA    . THR A 1 104 ? -4.015  10.501  -11.358 1.00 23.38 ? 117 THR A CA    1 
ATOM   687  C  C     . THR A 1 104 ? -5.318  10.991  -10.719 1.00 23.66 ? 117 THR A C     1 
ATOM   688  O  O     . THR A 1 104 ? -6.180  11.493  -11.424 1.00 23.51 ? 117 THR A O     1 
ATOM   689  C  CB    . THR A 1 104 ? -4.380  9.514   -12.499 1.00 23.63 ? 117 THR A CB    1 
ATOM   690  O  OG1   . THR A 1 104 ? -5.246  8.479   -12.012 1.00 23.72 ? 117 THR A OG1   1 
ATOM   691  C  CG2   . THR A 1 104 ? -3.135  8.897   -13.110 1.00 23.56 ? 117 THR A CG2   1 
ATOM   692  N  N     . ASN A 1 105 ? -5.475  10.838  -9.397  1.00 23.85 ? 118 ASN A N     1 
ATOM   693  C  CA    . ASN A 1 105 ? -6.733  11.181  -8.720  1.00 23.95 ? 118 ASN A CA    1 
ATOM   694  C  C     . ASN A 1 105 ? -6.453  11.953  -7.435  1.00 24.13 ? 118 ASN A C     1 
ATOM   695  O  O     . ASN A 1 105 ? -6.143  11.366  -6.391  1.00 23.86 ? 118 ASN A O     1 
ATOM   696  C  CB    . ASN A 1 105 ? -7.544  9.908   -8.435  1.00 24.46 ? 118 ASN A CB    1 
ATOM   697  C  CG    . ASN A 1 105 ? -8.907  10.187  -7.824  1.00 24.96 ? 118 ASN A CG    1 
ATOM   698  O  OD1   . ASN A 1 105 ? -9.144  11.240  -7.247  1.00 30.91 ? 118 ASN A OD1   1 
ATOM   699  N  ND2   . ASN A 1 105 ? -9.813  9.224   -7.948  1.00 29.68 ? 118 ASN A ND2   1 
ATOM   700  N  N     . MET A 1 106 ? -6.566  13.275  -7.512  1.00 24.18 ? 119 MET A N     1 
ATOM   701  C  CA    . MET A 1 106 ? -6.274  14.130  -6.369  1.00 23.88 ? 119 MET A CA    1 
ATOM   702  C  C     . MET A 1 106 ? -7.153  13.799  -5.160  1.00 23.53 ? 119 MET A C     1 
ATOM   703  O  O     . MET A 1 106 ? -6.682  13.861  -4.023  1.00 24.10 ? 119 MET A O     1 
ATOM   704  C  CB    . MET A 1 106 ? -6.424  15.606  -6.755  1.00 24.60 ? 119 MET A CB    1 
ATOM   705  C  CG    . MET A 1 106 ? -6.201  16.586  -5.612  1.00 25.49 ? 119 MET A CG    1 
ATOM   706  S  SD    . MET A 1 106 ? -4.552  16.579  -4.894  1.00 29.02 ? 119 MET A SD    1 
ATOM   707  C  CE    . MET A 1 106 ? -3.660  17.551  -6.104  1.00 30.08 ? 119 MET A CE    1 
ATOM   708  N  N     . ALA A 1 107 ? -8.412  13.438  -5.400  1.00 22.97 ? 120 ALA A N     1 
ATOM   709  C  CA    . ALA A 1 107 ? -9.316  13.053  -4.310  1.00 22.32 ? 120 ALA A CA    1 
ATOM   710  C  C     . ALA A 1 107 ? -8.718  11.928  -3.462  1.00 21.79 ? 120 ALA A C     1 
ATOM   711  O  O     . ALA A 1 107 ? -8.760  11.991  -2.226  1.00 21.09 ? 120 ALA A O     1 
ATOM   712  C  CB    . ALA A 1 107 ? -10.671 12.661  -4.842  1.00 22.86 ? 120 ALA A CB    1 
ATOM   713  N  N     . SER A 1 108 ? -8.107  10.941  -4.117  1.00 21.03 ? 121 SER A N     1 
ATOM   714  C  CA    . SER A 1 108 ? -7.501  9.807   -3.406  1.00 20.53 ? 121 SER A CA    1 
ATOM   715  C  C     . SER A 1 108 ? -6.333  10.235  -2.520  1.00 20.43 ? 121 SER A C     1 
ATOM   716  O  O     . SER A 1 108 ? -6.032  9.586   -1.517  1.00 18.95 ? 121 SER A O     1 
ATOM   717  C  CB    . SER A 1 108 ? -7.058  8.710   -4.383  1.00 20.37 ? 121 SER A CB    1 
ATOM   718  O  OG    . SER A 1 108 ? -5.925  9.099   -5.128  1.00 19.00 ? 121 SER A OG    1 
ATOM   719  N  N     . PHE A 1 109 ? -5.670  11.323  -2.909  1.00 20.72 ? 122 PHE A N     1 
ATOM   720  C  CA    . PHE A 1 109 ? -4.616  11.909  -2.105  1.00 20.81 ? 122 PHE A CA    1 
ATOM   721  C  C     . PHE A 1 109 ? -5.239  12.663  -0.928  1.00 20.96 ? 122 PHE A C     1 
ATOM   722  O  O     . PHE A 1 109 ? -4.764  12.549  0.212   1.00 20.40 ? 122 PHE A O     1 
ATOM   723  C  CB    . PHE A 1 109 ? -3.733  12.824  -2.972  1.00 21.29 ? 122 PHE A CB    1 
ATOM   724  C  CG    . PHE A 1 109 ? -2.664  13.536  -2.203  1.00 21.04 ? 122 PHE A CG    1 
ATOM   725  C  CD1   . PHE A 1 109 ? -1.520  12.859  -1.783  1.00 22.19 ? 122 PHE A CD1   1 
ATOM   726  C  CD2   . PHE A 1 109 ? -2.800  14.881  -1.885  1.00 22.11 ? 122 PHE A CD2   1 
ATOM   727  C  CE1   . PHE A 1 109 ? -0.538  13.512  -1.062  1.00 21.88 ? 122 PHE A CE1   1 
ATOM   728  C  CE2   . PHE A 1 109 ? -1.831  15.535  -1.157  1.00 21.98 ? 122 PHE A CE2   1 
ATOM   729  C  CZ    . PHE A 1 109 ? -0.692  14.855  -0.750  1.00 22.24 ? 122 PHE A CZ    1 
ATOM   730  N  N     . HIS A 1 110 ? -6.310  13.417  -1.185  1.00 21.14 ? 123 HIS A N     1 
ATOM   731  C  CA    . HIS A 1 110 ? -6.997  14.140  -0.095  1.00 21.10 ? 123 HIS A CA    1 
ATOM   732  C  C     . HIS A 1 110 ? -7.585  13.234  0.996   1.00 20.45 ? 123 HIS A C     1 
ATOM   733  O  O     . HIS A 1 110 ? -7.764  13.673  2.136   1.00 20.25 ? 123 HIS A O     1 
ATOM   734  C  CB    . HIS A 1 110 ? -8.074  15.073  -0.650  1.00 21.77 ? 123 HIS A CB    1 
ATOM   735  C  CG    . HIS A 1 110 ? -7.513  16.320  -1.262  1.00 22.89 ? 123 HIS A CG    1 
ATOM   736  N  ND1   . HIS A 1 110 ? -8.122  16.985  -2.301  1.00 24.47 ? 123 HIS A ND1   1 
ATOM   737  C  CD2   . HIS A 1 110 ? -6.378  17.007  -0.992  1.00 23.52 ? 123 HIS A CD2   1 
ATOM   738  C  CE1   . HIS A 1 110 ? -7.396  18.038  -2.634  1.00 25.03 ? 123 HIS A CE1   1 
ATOM   739  N  NE2   . HIS A 1 110 ? -6.335  18.077  -1.852  1.00 24.84 ? 123 HIS A NE2   1 
ATOM   740  N  N     . SER A 1 111 ? -7.868  11.980  0.646   1.00 19.53 ? 124 SER A N     1 
ATOM   741  C  CA    . SER A 1 111 ? -8.363  10.982  1.599   1.00 19.07 ? 124 SER A CA    1 
ATOM   742  C  C     . SER A 1 111 ? -7.364  10.572  2.689   1.00 18.78 ? 124 SER A C     1 
ATOM   743  O  O     . SER A 1 111 ? -7.760  10.074  3.747   1.00 18.62 ? 124 SER A O     1 
ATOM   744  C  CB    . SER A 1 111 ? -8.792  9.720   0.841   1.00 18.74 ? 124 SER A CB    1 
ATOM   745  O  OG    . SER A 1 111 ? -9.965  9.941   0.076   1.00 18.13 ? 124 SER A OG    1 
ATOM   746  N  N     . LEU A 1 112 ? -6.077  10.760  2.423   1.00 18.63 ? 125 LEU A N     1 
ATOM   747  C  CA    . LEU A 1 112 ? -5.018  10.156  3.247   1.00 18.46 ? 125 LEU A CA    1 
ATOM   748  C  C     . LEU A 1 112 ? -5.074  10.451  4.749   1.00 18.36 ? 125 LEU A C     1 
ATOM   749  O  O     . LEU A 1 112 ? -4.869  9.538   5.552   1.00 18.12 ? 125 LEU A O     1 
ATOM   750  C  CB    . LEU A 1 112 ? -3.636  10.500  2.675   1.00 18.51 ? 125 LEU A CB    1 
ATOM   751  C  CG    . LEU A 1 112 ? -3.312  9.833   1.328   1.00 18.54 ? 125 LEU A CG    1 
ATOM   752  C  CD1   . LEU A 1 112 ? -2.048  10.445  0.742   1.00 18.21 ? 125 LEU A CD1   1 
ATOM   753  C  CD2   . LEU A 1 112 ? -3.181  8.319   1.465   1.00 18.54 ? 125 LEU A CD2   1 
ATOM   754  N  N     . PRO A 1 113 ? -5.339  11.713  5.146   1.00 18.18 ? 126 PRO A N     1 
ATOM   755  C  CA    . PRO A 1 113 ? -5.453  11.992  6.581   1.00 18.16 ? 126 PRO A CA    1 
ATOM   756  C  C     . PRO A 1 113 ? -6.465  11.095  7.311   1.00 17.99 ? 126 PRO A C     1 
ATOM   757  O  O     . PRO A 1 113 ? -6.253  10.758  8.474   1.00 18.56 ? 126 PRO A O     1 
ATOM   758  C  CB    . PRO A 1 113 ? -5.880  13.465  6.613   1.00 18.52 ? 126 PRO A CB    1 
ATOM   759  C  CG    . PRO A 1 113 ? -5.320  14.028  5.373   1.00 18.13 ? 126 PRO A CG    1 
ATOM   760  C  CD    . PRO A 1 113 ? -5.511  12.939  4.351   1.00 18.40 ? 126 PRO A CD    1 
ATOM   761  N  N     . ALA A 1 114 ? -7.531  10.688  6.624   1.00 17.72 ? 127 ALA A N     1 
ATOM   762  C  CA    . ALA A 1 114 ? -8.549  9.830   7.217   1.00 17.05 ? 127 ALA A CA    1 
ATOM   763  C  C     . ALA A 1 114 ? -8.035  8.405   7.437   1.00 17.10 ? 127 ALA A C     1 
ATOM   764  O  O     . ALA A 1 114 ? -8.305  7.790   8.478   1.00 16.35 ? 127 ALA A O     1 
ATOM   765  C  CB    . ALA A 1 114 ? -9.807  9.832   6.376   1.00 17.38 ? 127 ALA A CB    1 
ATOM   766  N  N     . TRP A 1 115 ? -7.266  7.894   6.479   1.00 17.15 ? 128 TRP A N     1 
ATOM   767  C  CA    . TRP A 1 115 ? -6.656  6.574   6.622   1.00 16.90 ? 128 TRP A CA    1 
ATOM   768  C  C     . TRP A 1 115 ? -5.556  6.584   7.671   1.00 17.32 ? 128 TRP A C     1 
ATOM   769  O  O     . TRP A 1 115 ? -5.421  5.631   8.442   1.00 17.08 ? 128 TRP A O     1 
ATOM   770  C  CB    . TRP A 1 115 ? -6.086  6.080   5.294   1.00 17.04 ? 128 TRP A CB    1 
ATOM   771  C  CG    . TRP A 1 115 ? -7.096  5.964   4.211   1.00 16.66 ? 128 TRP A CG    1 
ATOM   772  C  CD1   . TRP A 1 115 ? -7.010  6.498   2.953   1.00 17.52 ? 128 TRP A CD1   1 
ATOM   773  C  CD2   . TRP A 1 115 ? -8.351  5.271   4.267   1.00 15.51 ? 128 TRP A CD2   1 
ATOM   774  N  NE1   . TRP A 1 115 ? -8.125  6.185   2.232   1.00 17.38 ? 128 TRP A NE1   1 
ATOM   775  C  CE2   . TRP A 1 115 ? -8.966  5.427   3.005   1.00 16.60 ? 128 TRP A CE2   1 
ATOM   776  C  CE3   . TRP A 1 115 ? -9.023  4.543   5.261   1.00 17.16 ? 128 TRP A CE3   1 
ATOM   777  C  CZ2   . TRP A 1 115 ? -10.213 4.873   2.708   1.00 16.40 ? 128 TRP A CZ2   1 
ATOM   778  C  CZ3   . TRP A 1 115 ? -10.261 4.001   4.964   1.00 16.82 ? 128 TRP A CZ3   1 
ATOM   779  C  CH2   . TRP A 1 115 ? -10.840 4.163   3.690   1.00 16.88 ? 128 TRP A CH2   1 
ATOM   780  N  N     . ILE A 1 116 ? -4.762  7.650   7.691   1.00 17.47 ? 129 ILE A N     1 
ATOM   781  C  CA    . ILE A 1 116 ? -3.672  7.783   8.656   1.00 17.86 ? 129 ILE A CA    1 
ATOM   782  C  C     . ILE A 1 116 ? -4.237  7.810   10.083  1.00 17.84 ? 129 ILE A C     1 
ATOM   783  O  O     . ILE A 1 116 ? -3.680  7.185   10.988  1.00 18.37 ? 129 ILE A O     1 
ATOM   784  C  CB    . ILE A 1 116 ? -2.776  9.014   8.338   1.00 18.05 ? 129 ILE A CB    1 
ATOM   785  C  CG1   . ILE A 1 116 ? -2.047  8.804   7.006   1.00 18.24 ? 129 ILE A CG1   1 
ATOM   786  C  CG2   . ILE A 1 116 ? -1.728  9.247   9.435   1.00 18.03 ? 129 ILE A CG2   1 
ATOM   787  C  CD1   . ILE A 1 116 ? -1.558  10.074  6.367   1.00 18.49 ? 129 ILE A CD1   1 
ATOM   788  N  N     . GLU A 1 117 ? -5.382  8.466   10.274  1.00 18.15 ? 130 GLU A N     1 
ATOM   789  C  CA    . GLU A 1 117 ? -6.005  8.560   11.601  1.00 17.87 ? 130 GLU A CA    1 
ATOM   790  C  C     . GLU A 1 117 ? -6.617  7.225   12.027  1.00 17.97 ? 130 GLU A C     1 
ATOM   791  O  O     . GLU A 1 117 ? -6.509  6.823   13.194  1.00 17.96 ? 130 GLU A O     1 
ATOM   792  C  CB    . GLU A 1 117 ? -7.057  9.680   11.618  1.00 17.65 ? 130 GLU A CB    1 
ATOM   793  C  CG    . GLU A 1 117 ? -7.833  9.857   12.937  1.00 17.78 ? 130 GLU A CG    1 
ATOM   794  C  CD    . GLU A 1 117 ? -6.965  10.160  14.153  1.00 17.15 ? 130 GLU A CD    1 
ATOM   795  O  OE1   . GLU A 1 117 ? -5.814  10.616  13.989  1.00 19.21 ? 130 GLU A OE1   1 
ATOM   796  O  OE2   . GLU A 1 117 ? -7.453  9.941   15.289  1.00 16.61 ? 130 GLU A OE2   1 
ATOM   797  N  N     . GLU A 1 118 ? -7.239  6.516   11.088  1.00 18.04 ? 131 GLU A N     1 
ATOM   798  C  CA    . GLU A 1 118 ? -7.702  5.168   11.369  1.00 18.22 ? 131 GLU A CA    1 
ATOM   799  C  C     . GLU A 1 118 ? -6.553  4.301   11.861  1.00 18.48 ? 131 GLU A C     1 
ATOM   800  O  O     . GLU A 1 118 ? -6.688  3.577   12.839  1.00 18.46 ? 131 GLU A O     1 
ATOM   801  C  CB    . GLU A 1 118 ? -8.325  4.533   10.128  1.00 18.29 ? 131 GLU A CB    1 
ATOM   802  C  CG    . GLU A 1 118 ? -8.702  3.075   10.325  1.00 18.04 ? 131 GLU A CG    1 
ATOM   803  C  CD    . GLU A 1 118 ? -9.338  2.494   9.098   1.00 18.55 ? 131 GLU A CD    1 
ATOM   804  O  OE1   . GLU A 1 118 ? -8.575  2.091   8.196   1.00 20.01 ? 131 GLU A OE1   1 
ATOM   805  O  OE2   . GLU A 1 118 ? -10.585 2.442   9.049   1.00 19.06 ? 131 GLU A OE2   1 
ATOM   806  N  N     . CYS A 1 119 ? -5.420  4.385   11.172  1.00 19.19 ? 132 CYS A N     1 
ATOM   807  C  CA    . CYS A 1 119 ? -4.227  3.652   11.561  1.00 19.77 ? 132 CYS A CA    1 
ATOM   808  C  C     . CYS A 1 119 ? -3.763  4.037   12.975  1.00 20.22 ? 132 CYS A C     1 
ATOM   809  O  O     . CYS A 1 119 ? -3.510  3.162   13.815  1.00 20.62 ? 132 CYS A O     1 
ATOM   810  C  CB    . CYS A 1 119 ? -3.119  3.889   10.536  1.00 19.76 ? 132 CYS A CB    1 
ATOM   811  S  SG    . CYS A 1 119 ? -1.582  3.053   10.922  1.00 20.21 ? 132 CYS A SG    1 
ATOM   812  N  N     . LYS A 1 120 ? -3.685  5.335   13.251  1.00 20.92 ? 133 LYS A N     1 
ATOM   813  C  CA    . LYS A 1 120 ? -3.260  5.814   14.575  1.00 21.25 ? 133 LYS A CA    1 
ATOM   814  C  C     . LYS A 1 120 ? -4.115  5.192   15.682  1.00 21.67 ? 133 LYS A C     1 
ATOM   815  O  O     . LYS A 1 120 ? -3.597  4.744   16.706  1.00 21.29 ? 133 LYS A O     1 
ATOM   816  C  CB    . LYS A 1 120 ? -3.348  7.337   14.647  1.00 21.53 ? 133 LYS A CB    1 
ATOM   817  C  CG    . LYS A 1 120 ? -2.860  7.930   15.975  1.00 21.50 ? 133 LYS A CG    1 
ATOM   818  C  CD    . LYS A 1 120 ? -2.857  9.452   15.924  1.00 21.50 ? 133 LYS A CD    1 
ATOM   819  C  CE    . LYS A 1 120 ? -2.643  10.061  17.312  1.00 22.73 ? 133 LYS A CE    1 
ATOM   820  N  NZ    . LYS A 1 120 ? -2.544  11.556  17.226  1.00 22.39 ? 133 LYS A NZ    1 
ATOM   821  N  N     . GLN A 1 121 ? -5.423  5.162   15.459  1.00 22.18 ? 134 GLN A N     1 
ATOM   822  C  CA    . GLN A 1 121 ? -6.367  4.613   16.430  1.00 23.39 ? 134 GLN A CA    1 
ATOM   823  C  C     . GLN A 1 121 ? -6.248  3.104   16.631  1.00 24.58 ? 134 GLN A C     1 
ATOM   824  O  O     . GLN A 1 121 ? -6.601  2.592   17.692  1.00 24.03 ? 134 GLN A O     1 
ATOM   825  C  CB    . GLN A 1 121 ? -7.798  4.958   16.014  1.00 23.10 ? 134 GLN A CB    1 
ATOM   826  C  CG    . GLN A 1 121 ? -8.094  6.446   16.076  1.00 22.45 ? 134 GLN A CG    1 
ATOM   827  C  CD    . GLN A 1 121 ? -9.494  6.787   15.602  1.00 23.48 ? 134 GLN A CD    1 
ATOM   828  O  OE1   . GLN A 1 121 ? -10.348 5.904   15.470  1.00 27.57 ? 134 GLN A OE1   1 
ATOM   829  N  NE2   . GLN A 1 121 ? -9.739  8.064   15.337  1.00 20.08 ? 134 GLN A NE2   1 
ATOM   830  N  N     . HIS A 1 122 ? -5.776  2.394   15.615  1.00 25.83 ? 135 HIS A N     1 
ATOM   831  C  CA    . HIS A 1 122 ? -5.720  0.938   15.681  1.00 27.27 ? 135 HIS A CA    1 
ATOM   832  C  C     . HIS A 1 122 ? -4.359  0.410   16.080  1.00 28.80 ? 135 HIS A C     1 
ATOM   833  O  O     . HIS A 1 122 ? -4.275  -0.735  16.508  1.00 29.80 ? 135 HIS A O     1 
ATOM   834  C  CB    . HIS A 1 122 ? -6.172  0.301   14.368  1.00 27.05 ? 135 HIS A CB    1 
ATOM   835  C  CG    . HIS A 1 122 ? -7.654  0.286   14.190  1.00 26.61 ? 135 HIS A CG    1 
ATOM   836  N  ND1   . HIS A 1 122 ? -8.346  1.340   13.638  1.00 25.97 ? 135 HIS A ND1   1 
ATOM   837  C  CD2   . HIS A 1 122 ? -8.582  -0.647  14.507  1.00 25.92 ? 135 HIS A CD2   1 
ATOM   838  C  CE1   . HIS A 1 122 ? -9.634  1.052   13.611  1.00 26.22 ? 135 HIS A CE1   1 
ATOM   839  N  NE2   . HIS A 1 122 ? -9.804  -0.147  14.136  1.00 27.38 ? 135 HIS A NE2   1 
ATOM   840  N  N     . LEU A 1 123 ? -3.304  1.216   15.941  1.00 30.72 ? 136 LEU A N     1 
ATOM   841  C  CA    . LEU A 1 123 ? -1.956  0.770   16.308  1.00 32.30 ? 136 LEU A CA    1 
ATOM   842  C  C     . LEU A 1 123 ? -1.682  0.982   17.783  1.00 33.81 ? 136 LEU A C     1 
ATOM   843  O  O     . LEU A 1 123 ? -2.008  2.032   18.339  1.00 34.20 ? 136 LEU A O     1 
ATOM   844  C  CB    . LEU A 1 123 ? -0.878  1.500   15.505  1.00 32.45 ? 136 LEU A CB    1 
ATOM   845  C  CG    . LEU A 1 123 ? -0.772  1.188   14.014  1.00 32.60 ? 136 LEU A CG    1 
ATOM   846  C  CD1   . LEU A 1 123 ? 0.429   1.919   13.437  1.00 32.81 ? 136 LEU A CD1   1 
ATOM   847  C  CD2   . LEU A 1 123 ? -0.674  -0.306  13.741  1.00 32.68 ? 136 LEU A CD2   1 
ATOM   848  N  N     . LEU A 1 124 ? -1.075  -0.025  18.405  1.00 35.48 ? 137 LEU A N     1 
ATOM   849  C  CA    . LEU A 1 124 ? -0.616  0.067   19.790  1.00 36.70 ? 137 LEU A CA    1 
ATOM   850  C  C     . LEU A 1 124 ? 0.854   0.429   19.824  1.00 37.98 ? 137 LEU A C     1 
ATOM   851  O  O     . LEU A 1 124 ? 1.261   1.369   20.523  1.00 39.01 ? 137 LEU A O     1 
ATOM   852  N  N     . ALA A 1 125 ? 1.652   -0.315  19.060  1.00 38.97 ? 138 ALA A N     1 
ATOM   853  C  CA    . ALA A 1 125 ? 3.087   -0.077  18.977  1.00 39.19 ? 138 ALA A CA    1 
ATOM   854  C  C     . ALA A 1 125 ? 3.359   1.195   18.189  1.00 39.87 ? 138 ALA A C     1 
ATOM   855  O  O     . ALA A 1 125 ? 2.848   1.364   17.080  1.00 40.83 ? 138 ALA A O     1 
ATOM   856  C  CB    . ALA A 1 125 ? 3.781   -1.263  18.317  1.00 39.67 ? 138 ALA A CB    1 
ATOM   857  N  N     . ASN A 1 126 ? 4.162   2.085   18.771  1.00 40.05 ? 139 ASN A N     1 
ATOM   858  C  CA    . ASN A 1 126 ? 4.542   3.350   18.136  1.00 39.47 ? 139 ASN A CA    1 
ATOM   859  C  C     . ASN A 1 126 ? 5.794   3.166   17.268  1.00 39.28 ? 139 ASN A C     1 
ATOM   860  O  O     . ASN A 1 126 ? 6.331   4.135   16.713  1.00 39.62 ? 139 ASN A O     1 
ATOM   861  C  CB    . ASN A 1 126 ? 4.787   4.422   19.204  1.00 39.90 ? 139 ASN A CB    1 
ATOM   862  N  N     . ASP A 1 127 ? 6.252   1.921   17.154  1.00 38.55 ? 140 ASP A N     1 
ATOM   863  C  CA    . ASP A 1 127 ? 7.451   1.608   16.392  1.00 37.39 ? 140 ASP A CA    1 
ATOM   864  C  C     . ASP A 1 127 ? 7.173   1.284   14.921  1.00 36.77 ? 140 ASP A C     1 
ATOM   865  O  O     . ASP A 1 127 ? 8.080   1.428   14.089  1.00 37.56 ? 140 ASP A O     1 
ATOM   866  C  CB    . ASP A 1 127 ? 8.188   0.441   17.050  1.00 37.88 ? 140 ASP A CB    1 
ATOM   867  N  N     . ILE A 1 128 ? 5.944   0.869   14.586  1.00 34.90 ? 141 ILE A N     1 
ATOM   868  C  CA    . ILE A 1 128 ? 5.724   0.170   13.309  1.00 33.04 ? 141 ILE A CA    1 
ATOM   869  C  C     . ILE A 1 128 ? 5.842   1.108   12.090  1.00 31.34 ? 141 ILE A C     1 
ATOM   870  O  O     . ILE A 1 128 ? 5.234   2.182   12.060  1.00 30.88 ? 141 ILE A O     1 
ATOM   871  C  CB    . ILE A 1 128 ? 4.408   -0.710  13.245  1.00 33.18 ? 141 ILE A CB    1 
ATOM   872  C  CG1   . ILE A 1 128 ? 3.310   -0.068  12.391  1.00 33.02 ? 141 ILE A CG1   1 
ATOM   873  C  CG2   . ILE A 1 128 ? 3.894   -1.093  14.641  1.00 33.36 ? 141 ILE A CG2   1 
ATOM   874  C  CD1   . ILE A 1 128 ? 2.173   -1.013  12.082  1.00 33.41 ? 141 ILE A CD1   1 
ATOM   875  N  N     . PRO A 1 129 ? 6.659   0.708   11.103  1.00 29.42 ? 142 PRO A N     1 
ATOM   876  C  CA    . PRO A 1 129 ? 6.874   1.501   9.901   1.00 28.13 ? 142 PRO A CA    1 
ATOM   877  C  C     . PRO A 1 129 ? 5.618   1.743   9.080   1.00 26.64 ? 142 PRO A C     1 
ATOM   878  O  O     . PRO A 1 129 ? 4.807   0.835   8.895   1.00 25.88 ? 142 PRO A O     1 
ATOM   879  C  CB    . PRO A 1 129 ? 7.867   0.672   9.078   1.00 27.94 ? 142 PRO A CB    1 
ATOM   880  C  CG    . PRO A 1 129 ? 8.004   -0.612  9.736   1.00 29.09 ? 142 PRO A CG    1 
ATOM   881  C  CD    . PRO A 1 129 ? 7.479   -0.518  11.113  1.00 29.48 ? 142 PRO A CD    1 
ATOM   882  N  N     . ARG A 1 130 ? 5.484   2.976   8.607   1.00 24.91 ? 143 ARG A N     1 
ATOM   883  C  CA    . ARG A 1 130 ? 4.409   3.378   7.718   1.00 24.39 ? 143 ARG A CA    1 
ATOM   884  C  C     . ARG A 1 130 ? 5.049   4.093   6.531   1.00 23.34 ? 143 ARG A C     1 
ATOM   885  O  O     . ARG A 1 130 ? 5.964   4.903   6.719   1.00 22.88 ? 143 ARG A O     1 
ATOM   886  C  CB    . ARG A 1 130 ? 3.444   4.329   8.427   1.00 24.24 ? 143 ARG A CB    1 
ATOM   887  C  CG    . ARG A 1 130 ? 2.899   3.843   9.771   1.00 24.03 ? 143 ARG A CG    1 
ATOM   888  C  CD    . ARG A 1 130 ? 2.171   4.968   10.498  1.00 25.91 ? 143 ARG A CD    1 
ATOM   889  N  NE    . ARG A 1 130 ? 3.078   6.081   10.774  1.00 26.49 ? 143 ARG A NE    1 
ATOM   890  C  CZ    . ARG A 1 130 ? 2.752   7.374   10.762  1.00 28.81 ? 143 ARG A CZ    1 
ATOM   891  N  NH1   . ARG A 1 130 ? 1.514   7.774   10.508  1.00 29.98 ? 143 ARG A NH1   1 
ATOM   892  N  NH2   . ARG A 1 130 ? 3.683   8.288   11.005  1.00 29.00 ? 143 ARG A NH2   1 
ATOM   893  N  N     . ILE A 1 131 ? 4.585   3.790   5.319   1.00 22.05 ? 144 ILE A N     1 
ATOM   894  C  CA    . ILE A 1 131 ? 5.066   4.480   4.121   1.00 21.50 ? 144 ILE A CA    1 
ATOM   895  C  C     . ILE A 1 131 ? 3.893   4.957   3.262   1.00 20.47 ? 144 ILE A C     1 
ATOM   896  O  O     . ILE A 1 131 ? 2.768   4.477   3.392   1.00 19.17 ? 144 ILE A O     1 
ATOM   897  C  CB    . ILE A 1 131 ? 6.035   3.613   3.277   1.00 21.30 ? 144 ILE A CB    1 
ATOM   898  C  CG1   . ILE A 1 131 ? 5.308   2.423   2.640   1.00 21.64 ? 144 ILE A CG1   1 
ATOM   899  C  CG2   . ILE A 1 131 ? 7.204   3.138   4.143   1.00 21.67 ? 144 ILE A CG2   1 
ATOM   900  C  CD1   . ILE A 1 131 ? 6.108   1.716   1.572   1.00 21.55 ? 144 ILE A CD1   1 
ATOM   901  N  N     . LEU A 1 132 ? 4.174   5.925   2.405   1.00 19.81 ? 145 LEU A N     1 
ATOM   902  C  CA    . LEU A 1 132 ? 3.181   6.476   1.509   1.00 19.80 ? 145 LEU A CA    1 
ATOM   903  C  C     . LEU A 1 132 ? 3.584   6.134   0.080   1.00 19.67 ? 145 LEU A C     1 
ATOM   904  O  O     . LEU A 1 132 ? 4.726   6.379   -0.312  1.00 19.48 ? 145 LEU A O     1 
ATOM   905  C  CB    . LEU A 1 132 ? 3.095   7.993   1.670   1.00 19.97 ? 145 LEU A CB    1 
ATOM   906  C  CG    . LEU A 1 132 ? 2.062   8.691   0.779   1.00 19.71 ? 145 LEU A CG    1 
ATOM   907  C  CD1   . LEU A 1 132 ? 0.654   8.165   1.054   1.00 20.60 ? 145 LEU A CD1   1 
ATOM   908  C  CD2   . LEU A 1 132 ? 2.127   10.201  0.949   1.00 20.49 ? 145 LEU A CD2   1 
ATOM   909  N  N     . VAL A 1 133 ? 2.644   5.576   -0.682  1.00 19.08 ? 146 VAL A N     1 
ATOM   910  C  CA    . VAL A 1 133 ? 2.901   5.179   -2.063  1.00 18.98 ? 146 VAL A CA    1 
ATOM   911  C  C     . VAL A 1 133 ? 1.895   5.825   -3.007  1.00 18.96 ? 146 VAL A C     1 
ATOM   912  O  O     . VAL A 1 133 ? 0.695   5.664   -2.841  1.00 18.10 ? 146 VAL A O     1 
ATOM   913  C  CB    . VAL A 1 133 ? 2.832   3.639   -2.221  1.00 18.52 ? 146 VAL A CB    1 
ATOM   914  C  CG1   . VAL A 1 133 ? 2.939   3.224   -3.685  1.00 18.78 ? 146 VAL A CG1   1 
ATOM   915  C  CG2   . VAL A 1 133 ? 3.922   2.991   -1.401  1.00 19.08 ? 146 VAL A CG2   1 
ATOM   916  N  N     . GLY A 1 134 ? 2.396   6.554   -4.006  1.00 18.94 ? 147 GLY A N     1 
ATOM   917  C  CA    . GLY A 1 134 ? 1.565   7.024   -5.112  1.00 19.33 ? 147 GLY A CA    1 
ATOM   918  C  C     . GLY A 1 134 ? 1.658   6.020   -6.243  1.00 19.76 ? 147 GLY A C     1 
ATOM   919  O  O     . GLY A 1 134 ? 2.757   5.668   -6.663  1.00 20.48 ? 147 GLY A O     1 
ATOM   920  N  N     . ASN A 1 135 ? 0.510   5.553   -6.727  1.00 20.02 ? 148 ASN A N     1 
ATOM   921  C  CA    . ASN A 1 135 ? 0.464   4.524   -7.759  1.00 20.38 ? 148 ASN A CA    1 
ATOM   922  C  C     . ASN A 1 135 ? 0.021   5.107   -9.104  1.00 20.88 ? 148 ASN A C     1 
ATOM   923  O  O     . ASN A 1 135 ? -0.458  6.243   -9.163  1.00 20.33 ? 148 ASN A O     1 
ATOM   924  C  CB    . ASN A 1 135 ? -0.471  3.392   -7.314  1.00 20.23 ? 148 ASN A CB    1 
ATOM   925  C  CG    . ASN A 1 135 ? -0.372  2.155   -8.194  1.00 19.88 ? 148 ASN A CG    1 
ATOM   926  O  OD1   . ASN A 1 135 ? 0.706   1.797   -8.690  1.00 19.62 ? 148 ASN A OD1   1 
ATOM   927  N  ND2   . ASN A 1 135 ? -1.498  1.492   -8.388  1.00 17.59 ? 148 ASN A ND2   1 
ATOM   928  N  N     . LYS A 1 136 ? 0.205   4.314   -10.165 1.00 21.34 ? 149 LYS A N     1 
ATOM   929  C  CA    . LYS A 1 136 ? -0.226  4.644   -11.530 1.00 22.38 ? 149 LYS A CA    1 
ATOM   930  C  C     . LYS A 1 136 ? 0.641   5.741   -12.142 1.00 23.27 ? 149 LYS A C     1 
ATOM   931  O  O     . LYS A 1 136 ? 0.147   6.550   -12.928 1.00 24.03 ? 149 LYS A O     1 
ATOM   932  C  CB    . LYS A 1 136 ? -1.712  5.027   -11.598 1.00 22.24 ? 149 LYS A CB    1 
ATOM   933  C  CG    . LYS A 1 136 ? -2.646  4.065   -10.872 1.00 22.26 ? 149 LYS A CG    1 
ATOM   934  C  CD    . LYS A 1 136 ? -4.069  4.191   -11.351 1.00 21.89 ? 149 LYS A CD    1 
ATOM   935  C  CE    . LYS A 1 136 ? -5.005  3.356   -10.496 1.00 21.99 ? 149 LYS A CE    1 
ATOM   936  N  NZ    . LYS A 1 136 ? -6.450  3.591   -10.837 1.00 22.13 ? 149 LYS A NZ    1 
ATOM   937  N  N     . CYS A 1 137 ? 1.930   5.745   -11.810 1.00 24.07 ? 150 CYS A N     1 
ATOM   938  C  CA    . CYS A 1 137 ? 2.858   6.763   -12.333 1.00 25.05 ? 150 CYS A CA    1 
ATOM   939  C  C     . CYS A 1 137 ? 3.101   6.597   -13.830 1.00 26.04 ? 150 CYS A C     1 
ATOM   940  O  O     . CYS A 1 137 ? 3.660   7.490   -14.472 1.00 26.33 ? 150 CYS A O     1 
ATOM   941  C  CB    . CYS A 1 137 ? 4.190   6.752   -11.581 1.00 25.08 ? 150 CYS A CB    1 
ATOM   942  S  SG    . CYS A 1 137 ? 5.311   5.399   -11.958 1.00 26.53 ? 150 CYS A SG    1 
ATOM   943  N  N     . ASP A 1 138 ? 2.685   5.456   -14.374 1.00 26.81 ? 151 ASP A N     1 
ATOM   944  C  CA    . ASP A 1 138 ? 2.790   5.190   -15.818 1.00 27.52 ? 151 ASP A CA    1 
ATOM   945  C  C     . ASP A 1 138 ? 1.849   6.061   -16.648 1.00 28.42 ? 151 ASP A C     1 
ATOM   946  O  O     . ASP A 1 138 ? 2.102   6.308   -17.835 1.00 28.73 ? 151 ASP A O     1 
ATOM   947  C  CB    . ASP A 1 138 ? 2.518   3.717   -16.112 1.00 27.48 ? 151 ASP A CB    1 
ATOM   948  C  CG    . ASP A 1 138 ? 1.168   3.260   -15.614 1.00 27.28 ? 151 ASP A CG    1 
ATOM   949  O  OD1   . ASP A 1 138 ? 0.968   3.269   -14.377 1.00 27.02 ? 151 ASP A OD1   1 
ATOM   950  O  OD2   . ASP A 1 138 ? 0.309   2.893   -16.444 1.00 26.06 ? 151 ASP A OD2   1 
ATOM   951  N  N     . LEU A 1 139 ? 0.764   6.521   -16.032 1.00 28.89 ? 152 LEU A N     1 
ATOM   952  C  CA    . LEU A 1 139 ? -0.204  7.386   -16.697 1.00 29.50 ? 152 LEU A CA    1 
ATOM   953  C  C     . LEU A 1 139 ? 0.274   8.837   -16.621 1.00 29.95 ? 152 LEU A C     1 
ATOM   954  O  O     . LEU A 1 139 ? -0.388  9.696   -16.046 1.00 30.11 ? 152 LEU A O     1 
ATOM   955  C  CB    . LEU A 1 139 ? -1.581  7.219   -16.047 1.00 29.41 ? 152 LEU A CB    1 
ATOM   956  C  CG    . LEU A 1 139 ? -2.122  5.788   -15.983 1.00 29.41 ? 152 LEU A CG    1 
ATOM   957  C  CD1   . LEU A 1 139 ? -3.465  5.746   -15.266 1.00 30.19 ? 152 LEU A CD1   1 
ATOM   958  C  CD2   . LEU A 1 139 ? -2.233  5.184   -17.381 1.00 30.13 ? 152 LEU A CD2   1 
ATOM   959  N  N     . ARG A 1 140 ? 1.424   9.096   -17.240 1.00 30.77 ? 153 ARG A N     1 
ATOM   960  C  CA    . ARG A 1 140 ? 2.129   10.373  -17.125 1.00 31.21 ? 153 ARG A CA    1 
ATOM   961  C  C     . ARG A 1 140 ? 1.261   11.580  -17.460 1.00 31.73 ? 153 ARG A C     1 
ATOM   962  O  O     . ARG A 1 140 ? 1.282   12.577  -16.747 1.00 32.42 ? 153 ARG A O     1 
ATOM   963  C  CB    . ARG A 1 140 ? 3.375   10.368  -18.009 1.00 31.40 ? 153 ARG A CB    1 
ATOM   964  N  N     . SER A 1 141 ? 0.487   11.484  -18.535 1.00 32.29 ? 154 SER A N     1 
ATOM   965  C  CA    . SER A 1 141 ? -0.325  12.611  -18.985 1.00 32.21 ? 154 SER A CA    1 
ATOM   966  C  C     . SER A 1 141 ? -1.461  12.934  -18.013 1.00 32.39 ? 154 SER A C     1 
ATOM   967  O  O     . SER A 1 141 ? -1.916  14.077  -17.959 1.00 32.77 ? 154 SER A O     1 
ATOM   968  C  CB    . SER A 1 141 ? -0.895  12.338  -20.377 1.00 32.39 ? 154 SER A CB    1 
ATOM   969  O  OG    . SER A 1 141 ? -1.908  11.351  -20.344 1.00 32.35 ? 154 SER A OG    1 
ATOM   970  N  N     . ALA A 1 142 ? -1.893  11.939  -17.233 1.00 32.26 ? 155 ALA A N     1 
ATOM   971  C  CA    . ALA A 1 142 ? -3.049  12.083  -16.340 1.00 31.82 ? 155 ALA A CA    1 
ATOM   972  C  C     . ALA A 1 142 ? -2.711  12.359  -14.864 1.00 31.65 ? 155 ALA A C     1 
ATOM   973  O  O     . ALA A 1 142 ? -3.614  12.449  -14.033 1.00 31.66 ? 155 ALA A O     1 
ATOM   974  C  CB    . ALA A 1 142 ? -3.923  10.847  -16.447 1.00 31.84 ? 155 ALA A CB    1 
ATOM   975  N  N     . ILE A 1 143 ? -1.431  12.502  -14.541 1.00 31.44 ? 156 ILE A N     1 
ATOM   976  C  CA    . ILE A 1 143 ? -1.007  12.737  -13.159 1.00 31.09 ? 156 ILE A CA    1 
ATOM   977  C  C     . ILE A 1 143 ? -1.612  14.047  -12.635 1.00 30.91 ? 156 ILE A C     1 
ATOM   978  O  O     . ILE A 1 143 ? -1.534  15.090  -13.301 1.00 30.80 ? 156 ILE A O     1 
ATOM   979  C  CB    . ILE A 1 143 ? 0.527   12.792  -13.041 1.00 31.05 ? 156 ILE A CB    1 
ATOM   980  C  CG1   . ILE A 1 143 ? 1.120   11.387  -13.156 1.00 31.06 ? 156 ILE A CG1   1 
ATOM   981  C  CG2   . ILE A 1 143 ? 0.937   13.447  -11.732 1.00 31.32 ? 156 ILE A CG2   1 
ATOM   982  C  CD1   . ILE A 1 143 ? 2.627   11.371  -13.290 1.00 20.00 ? 156 ILE A CD1   1 
ATOM   983  N  N     . GLN A 1 144 ? -2.243  13.971  -11.462 1.00 30.23 ? 157 GLN A N     1 
ATOM   984  C  CA    . GLN A 1 144 ? -2.879  15.125  -10.813 1.00 30.25 ? 157 GLN A CA    1 
ATOM   985  C  C     . GLN A 1 144 ? -2.181  15.566  -9.522  1.00 29.75 ? 157 GLN A C     1 
ATOM   986  O  O     . GLN A 1 144 ? -2.338  16.710  -9.105  1.00 29.30 ? 157 GLN A O     1 
ATOM   987  C  CB    . GLN A 1 144 ? -4.341  14.818  -10.487 1.00 30.15 ? 157 GLN A CB    1 
ATOM   988  C  CG    . GLN A 1 144 ? -5.189  14.483  -11.702 1.00 30.80 ? 157 GLN A CG    1 
ATOM   989  C  CD    . GLN A 1 144 ? -6.676  14.541  -11.407 1.00 31.66 ? 157 GLN A CD    1 
ATOM   990  O  OE1   . GLN A 1 144 ? -7.085  14.834  -10.286 1.00 33.20 ? 157 GLN A OE1   1 
ATOM   991  N  NE2   . GLN A 1 144 ? -7.658  14.299  -12.266 1.00 20.00 ? 157 GLN A NE2   1 
ATOM   992  N  N     . VAL A 1 145 ? -1.425  14.666  -8.894  1.00 28.94 ? 158 VAL A N     1 
ATOM   993  C  CA    . VAL A 1 145 ? -0.754  14.952  -7.631  1.00 29.17 ? 158 VAL A CA    1 
ATOM   994  C  C     . VAL A 1 145 ? 0.722   15.226  -7.875  1.00 29.22 ? 158 VAL A C     1 
ATOM   995  O  O     . VAL A 1 145 ? 1.479   14.298  -8.178  1.00 28.68 ? 158 VAL A O     1 
ATOM   996  C  CB    . VAL A 1 145 ? -0.896  13.767  -6.648  1.00 28.64 ? 158 VAL A CB    1 
ATOM   997  C  CG1   . VAL A 1 145 ? -0.343  14.135  -5.275  1.00 28.70 ? 158 VAL A CG1   1 
ATOM   998  C  CG2   . VAL A 1 145 ? -2.352  13.341  -6.557  1.00 28.14 ? 158 VAL A CG2   1 
ATOM   999  N  N     . PRO A 1 146 ? 1.144   16.504  -7.760  1.00 29.73 ? 159 PRO A N     1 
ATOM   1000 C  CA    . PRO A 1 146 ? 2.562   16.805  -7.945  1.00 30.00 ? 159 PRO A CA    1 
ATOM   1001 C  C     . PRO A 1 146 ? 3.437   16.172  -6.868  1.00 30.12 ? 159 PRO A C     1 
ATOM   1002 O  O     . PRO A 1 146 ? 3.033   16.106  -5.708  1.00 30.08 ? 159 PRO A O     1 
ATOM   1003 C  CB    . PRO A 1 146 ? 2.622   18.337  -7.829  1.00 30.08 ? 159 PRO A CB    1 
ATOM   1004 C  CG    . PRO A 1 146 ? 1.232   18.807  -8.021  1.00 30.36 ? 159 PRO A CG    1 
ATOM   1005 C  CD    . PRO A 1 146 ? 0.360   17.722  -7.489  1.00 29.90 ? 159 PRO A CD    1 
ATOM   1006 N  N     . THR A 1 147 ? 4.631   15.735  -7.256  1.00 30.21 ? 160 THR A N     1 
ATOM   1007 C  CA    . THR A 1 147 ? 5.571   15.109  -6.327  1.00 30.15 ? 160 THR A CA    1 
ATOM   1008 C  C     . THR A 1 147 ? 5.873   15.982  -5.103  1.00 30.02 ? 160 THR A C     1 
ATOM   1009 O  O     . THR A 1 147 ? 5.906   15.483  -3.980  1.00 29.75 ? 160 THR A O     1 
ATOM   1010 C  CB    . THR A 1 147 ? 6.887   14.726  -7.041  1.00 30.31 ? 160 THR A CB    1 
ATOM   1011 O  OG1   . THR A 1 147 ? 6.585   13.907  -8.178  1.00 31.19 ? 160 THR A OG1   1 
ATOM   1012 C  CG2   . THR A 1 147 ? 7.810   13.954  -6.110  1.00 30.52 ? 160 THR A CG2   1 
ATOM   1013 N  N     . ASP A 1 148 ? 6.084   17.281  -5.316  1.00 29.70 ? 161 ASP A N     1 
ATOM   1014 C  CA    . ASP A 1 148 ? 6.417   18.191  -4.218  1.00 29.62 ? 161 ASP A CA    1 
ATOM   1015 C  C     . ASP A 1 148 ? 5.318   18.246  -3.151  1.00 29.33 ? 161 ASP A C     1 
ATOM   1016 O  O     . ASP A 1 148 ? 5.607   18.247  -1.952  1.00 29.18 ? 161 ASP A O     1 
ATOM   1017 C  CB    . ASP A 1 148 ? 6.707   19.598  -4.761  1.00 29.68 ? 161 ASP A CB    1 
ATOM   1018 N  N     . LEU A 1 149 ? 4.066   18.284  -3.599  1.00 29.06 ? 162 LEU A N     1 
ATOM   1019 C  CA    . LEU A 1 149 ? 2.912   18.293  -2.703  1.00 29.02 ? 162 LEU A CA    1 
ATOM   1020 C  C     . LEU A 1 149 ? 2.876   17.029  -1.854  1.00 28.56 ? 162 LEU A C     1 
ATOM   1021 O  O     . LEU A 1 149 ? 2.728   17.088  -0.630  1.00 28.80 ? 162 LEU A O     1 
ATOM   1022 C  CB    . LEU A 1 149 ? 1.617   18.389  -3.515  1.00 29.11 ? 162 LEU A CB    1 
ATOM   1023 C  CG    . LEU A 1 149 ? 0.320   18.523  -2.717  1.00 29.44 ? 162 LEU A CG    1 
ATOM   1024 C  CD1   . LEU A 1 149 ? 0.219   19.923  -2.111  1.00 30.05 ? 162 LEU A CD1   1 
ATOM   1025 C  CD2   . LEU A 1 149 ? -0.876  18.223  -3.589  1.00 29.45 ? 162 LEU A CD2   1 
ATOM   1026 N  N     . ALA A 1 150 ? 3.014   15.889  -2.517  1.00 28.38 ? 163 ALA A N     1 
ATOM   1027 C  CA    . ALA A 1 150 ? 3.004   14.582  -1.845  1.00 28.13 ? 163 ALA A CA    1 
ATOM   1028 C  C     . ALA A 1 150 ? 4.173   14.427  -0.886  1.00 28.05 ? 163 ALA A C     1 
ATOM   1029 O  O     . ALA A 1 150 ? 4.029   13.830  0.187   1.00 27.67 ? 163 ALA A O     1 
ATOM   1030 C  CB    . ALA A 1 150 ? 3.026   13.465  -2.871  1.00 28.14 ? 163 ALA A CB    1 
ATOM   1031 N  N     . GLN A 1 151 ? 5.333   14.960  -1.272  1.00 27.76 ? 164 GLN A N     1 
ATOM   1032 C  CA    . GLN A 1 151 ? 6.527   14.882  -0.435  1.00 27.83 ? 164 GLN A CA    1 
ATOM   1033 C  C     . GLN A 1 151 ? 6.397   15.733  0.829   1.00 27.75 ? 164 GLN A C     1 
ATOM   1034 O  O     . GLN A 1 151 ? 6.804   15.314  1.914   1.00 27.68 ? 164 GLN A O     1 
ATOM   1035 C  CB    . GLN A 1 151 ? 7.760   15.331  -1.220  1.00 27.89 ? 164 GLN A CB    1 
ATOM   1036 C  CG    . GLN A 1 151 ? 9.077   15.059  -0.514  1.00 28.23 ? 164 GLN A CG    1 
ATOM   1037 C  CD    . GLN A 1 151 ? 9.410   13.582  -0.450  1.00 29.16 ? 164 GLN A CD    1 
ATOM   1038 O  OE1   . GLN A 1 151 ? 9.555   13.015  0.632   1.00 30.46 ? 164 GLN A OE1   1 
ATOM   1039 N  NE2   . GLN A 1 151 ? 9.576   12.766  -1.483  1.00 20.00 ? 164 GLN A NE2   1 
ATOM   1040 N  N     . LYS A 1 152 ? 5.845   16.935  0.673   1.00 27.66 ? 165 LYS A N     1 
ATOM   1041 C  CA    . LYS A 1 152 ? 5.567   17.822  1.797   1.00 27.72 ? 165 LYS A CA    1 
ATOM   1042 C  C     . LYS A 1 152 ? 4.633   17.164  2.811   1.00 27.64 ? 165 LYS A C     1 
ATOM   1043 O  O     . LYS A 1 152 ? 4.858   17.223  4.019   1.00 27.66 ? 165 LYS A O     1 
ATOM   1044 C  CB    . LYS A 1 152 ? 4.959   19.129  1.289   1.00 27.97 ? 165 LYS A CB    1 
ATOM   1045 N  N     . PHE A 1 153 ? 3.588   16.529  2.302   1.00 27.59 ? 166 PHE A N     1 
ATOM   1046 C  CA    . PHE A 1 153 ? 2.627   15.815  3.134   1.00 27.62 ? 166 PHE A CA    1 
ATOM   1047 C  C     . PHE A 1 153 ? 3.282   14.638  3.845   1.00 27.55 ? 166 PHE A C     1 
ATOM   1048 O  O     . PHE A 1 153 ? 3.090   14.450  5.045   1.00 27.53 ? 166 PHE A O     1 
ATOM   1049 C  CB    . PHE A 1 153 ? 1.452   15.346  2.275   1.00 27.17 ? 166 PHE A CB    1 
ATOM   1050 C  CG    . PHE A 1 153 ? 0.402   14.595  3.040   1.00 27.12 ? 166 PHE A CG    1 
ATOM   1051 C  CD1   . PHE A 1 153 ? -0.552  15.270  3.785   1.00 26.27 ? 166 PHE A CD1   1 
ATOM   1052 C  CD2   . PHE A 1 153 ? 0.375   13.205  3.022   1.00 26.39 ? 166 PHE A CD2   1 
ATOM   1053 C  CE1   . PHE A 1 153 ? -1.518  14.569  4.496   1.00 26.80 ? 166 PHE A CE1   1 
ATOM   1054 C  CE2   . PHE A 1 153 ? -0.581  12.500  3.734   1.00 26.42 ? 166 PHE A CE2   1 
ATOM   1055 C  CZ    . PHE A 1 153 ? -1.529  13.180  4.469   1.00 26.71 ? 166 PHE A CZ    1 
ATOM   1056 N  N     . ALA A 1 154 ? 4.060   13.850  3.106   1.00 27.83 ? 167 ALA A N     1 
ATOM   1057 C  CA    . ALA A 1 154 ? 4.757   12.700  3.686   1.00 28.31 ? 167 ALA A CA    1 
ATOM   1058 C  C     . ALA A 1 154 ? 5.694   13.147  4.807   1.00 28.65 ? 167 ALA A C     1 
ATOM   1059 O  O     . ALA A 1 154 ? 5.734   12.540  5.880   1.00 28.40 ? 167 ALA A O     1 
ATOM   1060 C  CB    . ALA A 1 154 ? 5.526   11.959  2.616   1.00 28.05 ? 167 ALA A CB    1 
ATOM   1061 N  N     . ASP A 1 155 ? 6.433   14.222  4.551   1.00 29.35 ? 168 ASP A N     1 
ATOM   1062 C  CA    . ASP A 1 155 ? 7.338   14.800  5.542   1.00 29.71 ? 168 ASP A CA    1 
ATOM   1063 C  C     . ASP A 1 155 ? 6.587   15.199  6.821   1.00 29.61 ? 168 ASP A C     1 
ATOM   1064 O  O     . ASP A 1 155 ? 7.067   14.949  7.922   1.00 29.79 ? 168 ASP A O     1 
ATOM   1065 C  CB    . ASP A 1 155 ? 8.055   16.027  4.963   1.00 30.16 ? 168 ASP A CB    1 
ATOM   1066 C  CG    . ASP A 1 155 ? 9.037   15.678  3.849   1.00 31.71 ? 168 ASP A CG    1 
ATOM   1067 O  OD1   . ASP A 1 155 ? 9.302   14.481  3.597   1.00 34.17 ? 168 ASP A OD1   1 
ATOM   1068 O  OD2   . ASP A 1 155 ? 9.546   16.620  3.211   1.00 33.69 ? 168 ASP A OD2   1 
ATOM   1069 N  N     . THR A 1 156 ? 5.410   15.806  6.669   1.00 29.97 ? 169 THR A N     1 
ATOM   1070 C  CA    . THR A 1 156 ? 4.589   16.225  7.809   1.00 29.87 ? 169 THR A CA    1 
ATOM   1071 C  C     . THR A 1 156 ? 4.190   15.036  8.696   1.00 29.74 ? 169 THR A C     1 
ATOM   1072 O  O     . THR A 1 156 ? 4.092   15.174  9.914   1.00 29.36 ? 169 THR A O     1 
ATOM   1073 C  CB    . THR A 1 156 ? 3.316   16.975  7.346   1.00 30.30 ? 169 THR A CB    1 
ATOM   1074 O  OG1   . THR A 1 156 ? 3.685   18.077  6.514   1.00 32.03 ? 169 THR A OG1   1 
ATOM   1075 C  CG2   . THR A 1 156 ? 2.543   17.514  8.526   1.00 30.84 ? 169 THR A CG2   1 
ATOM   1076 N  N     . HIS A 1 157 ? 3.984   13.876  8.075   1.00 29.03 ? 170 HIS A N     1 
ATOM   1077 C  CA    . HIS A 1 157 ? 3.617   12.652  8.791   1.00 28.86 ? 170 HIS A CA    1 
ATOM   1078 C  C     . HIS A 1 157 ? 4.792   11.719  9.065   1.00 28.54 ? 170 HIS A C     1 
ATOM   1079 O  O     . HIS A 1 157 ? 4.584   10.578  9.476   1.00 28.79 ? 170 HIS A O     1 
ATOM   1080 C  CB    . HIS A 1 157 ? 2.538   11.895  8.006   1.00 28.59 ? 170 HIS A CB    1 
ATOM   1081 C  CG    . HIS A 1 157 ? 1.206   12.569  8.028   1.00 28.17 ? 170 HIS A CG    1 
ATOM   1082 N  ND1   . HIS A 1 157 ? 0.320   12.418  9.069   1.00 27.34 ? 170 HIS A ND1   1 
ATOM   1083 C  CD2   . HIS A 1 157 ? 0.622   13.421  7.154   1.00 27.85 ? 170 HIS A CD2   1 
ATOM   1084 C  CE1   . HIS A 1 157 ? -0.761  13.137  8.829   1.00 28.34 ? 170 HIS A CE1   1 
ATOM   1085 N  NE2   . HIS A 1 157 ? -0.605  13.752  7.671   1.00 28.75 ? 170 HIS A NE2   1 
ATOM   1086 N  N     . SER A 1 158 ? 6.018   12.198  8.849   1.00 28.44 ? 171 SER A N     1 
ATOM   1087 C  CA    . SER A 1 158 ? 7.234   11.427  9.111   1.00 28.48 ? 171 SER A CA    1 
ATOM   1088 C  C     . SER A 1 158 ? 7.255   10.068  8.410   1.00 28.40 ? 171 SER A C     1 
ATOM   1089 O  O     . SER A 1 158 ? 7.664   9.060   9.007   1.00 28.58 ? 171 SER A O     1 
ATOM   1090 C  CB    . SER A 1 158 ? 7.447   11.251  10.622  1.00 28.76 ? 171 SER A CB    1 
ATOM   1091 O  OG    . SER A 1 158 ? 7.447   12.504  11.283  1.00 29.92 ? 171 SER A OG    1 
ATOM   1092 N  N     . MET A 1 159 ? 6.810   10.045  7.152   1.00 27.68 ? 172 MET A N     1 
ATOM   1093 C  CA    . MET A 1 159 ? 6.834   8.835   6.339   1.00 27.73 ? 172 MET A CA    1 
ATOM   1094 C  C     . MET A 1 159 ? 7.611   9.072   5.058   1.00 27.05 ? 172 MET A C     1 
ATOM   1095 O  O     . MET A 1 159 ? 7.524   10.151  4.480   1.00 27.37 ? 172 MET A O     1 
ATOM   1096 C  CB    . MET A 1 159 ? 5.426   8.426   5.913   1.00 27.54 ? 172 MET A CB    1 
ATOM   1097 C  CG    . MET A 1 159 ? 4.455   8.157   7.009   1.00 28.82 ? 172 MET A CG    1 
ATOM   1098 S  SD    . MET A 1 159 ? 2.932   7.501   6.282   1.00 30.17 ? 172 MET A SD    1 
ATOM   1099 C  CE    . MET A 1 159 ? 2.206   8.955   5.551   1.00 32.24 ? 172 MET A CE    1 
ATOM   1100 N  N     . PRO A 1 160 ? 8.329   8.046   4.577   1.00 26.34 ? 173 PRO A N     1 
ATOM   1101 C  CA    . PRO A 1 160 ? 8.887   8.183   3.231   1.00 25.84 ? 173 PRO A CA    1 
ATOM   1102 C  C     . PRO A 1 160 ? 7.794   8.136   2.154   1.00 25.22 ? 173 PRO A C     1 
ATOM   1103 O  O     . PRO A 1 160 ? 6.722   7.565   2.384   1.00 24.52 ? 173 PRO A O     1 
ATOM   1104 C  CB    . PRO A 1 160 ? 9.825   6.985   3.106   1.00 26.07 ? 173 PRO A CB    1 
ATOM   1105 C  CG    . PRO A 1 160 ? 9.402   6.020   4.133   1.00 26.58 ? 173 PRO A CG    1 
ATOM   1106 C  CD    . PRO A 1 160 ? 8.659   6.752   5.203   1.00 26.44 ? 173 PRO A CD    1 
ATOM   1107 N  N     . LEU A 1 161 ? 8.073   8.755   1.009   1.00 24.43 ? 174 LEU A N     1 
ATOM   1108 C  CA    . LEU A 1 161 ? 7.184   8.746   -0.149  1.00 24.53 ? 174 LEU A CA    1 
ATOM   1109 C  C     . LEU A 1 161 ? 7.813   7.960   -1.296  1.00 24.21 ? 174 LEU A C     1 
ATOM   1110 O  O     . LEU A 1 161 ? 8.995   8.137   -1.593  1.00 23.68 ? 174 LEU A O     1 
ATOM   1111 C  CB    . LEU A 1 161 ? 6.929   10.175  -0.639  1.00 24.34 ? 174 LEU A CB    1 
ATOM   1112 C  CG    . LEU A 1 161 ? 6.210   10.272  -1.989  1.00 24.29 ? 174 LEU A CG    1 
ATOM   1113 C  CD1   . LEU A 1 161 ? 4.747   9.876   -1.857  1.00 23.18 ? 174 LEU A CD1   1 
ATOM   1114 C  CD2   . LEU A 1 161 ? 6.340   11.665  -2.555  1.00 25.25 ? 174 LEU A CD2   1 
ATOM   1115 N  N     . PHE A 1 162 ? 7.014   7.116   -1.946  1.00 23.98 ? 175 PHE A N     1 
ATOM   1116 C  CA    . PHE A 1 162 ? 7.407   6.455   -3.183  1.00 24.20 ? 175 PHE A CA    1 
ATOM   1117 C  C     . PHE A 1 162 ? 6.356   6.693   -4.254  1.00 24.37 ? 175 PHE A C     1 
ATOM   1118 O  O     . PHE A 1 162 ? 5.156   6.687   -3.975  1.00 24.40 ? 175 PHE A O     1 
ATOM   1119 C  CB    . PHE A 1 162 ? 7.600   4.955   -2.960  1.00 24.46 ? 175 PHE A CB    1 
ATOM   1120 C  CG    . PHE A 1 162 ? 8.576   4.634   -1.866  1.00 24.85 ? 175 PHE A CG    1 
ATOM   1121 C  CD1   . PHE A 1 162 ? 8.133   4.414   -0.569  1.00 25.15 ? 175 PHE A CD1   1 
ATOM   1122 C  CD2   . PHE A 1 162 ? 9.939   4.573   -2.124  1.00 25.75 ? 175 PHE A CD2   1 
ATOM   1123 C  CE1   . PHE A 1 162 ? 9.024   4.132   0.448   1.00 25.14 ? 175 PHE A CE1   1 
ATOM   1124 C  CE2   . PHE A 1 162 ? 10.841  4.295   -1.106  1.00 25.52 ? 175 PHE A CE2   1 
ATOM   1125 C  CZ    . PHE A 1 162 ? 10.378  4.067   0.185   1.00 25.94 ? 175 PHE A CZ    1 
ATOM   1126 N  N     . GLU A 1 163 ? 6.808   6.933   -5.478  1.00 24.15 ? 176 GLU A N     1 
ATOM   1127 C  CA    . GLU A 1 163 ? 5.921   7.014   -6.632  1.00 24.22 ? 176 GLU A CA    1 
ATOM   1128 C  C     . GLU A 1 163 ? 6.242   5.811   -7.502  1.00 23.93 ? 176 GLU A C     1 
ATOM   1129 O  O     . GLU A 1 163 ? 7.393   5.603   -7.849  1.00 24.13 ? 176 GLU A O     1 
ATOM   1130 C  CB    . GLU A 1 163 ? 6.149   8.323   -7.397  1.00 24.33 ? 176 GLU A CB    1 
ATOM   1131 C  CG    . GLU A 1 163 ? 5.730   9.562   -6.603  1.00 25.59 ? 176 GLU A CG    1 
ATOM   1132 C  CD    . GLU A 1 163 ? 5.894   10.864  -7.377  1.00 25.90 ? 176 GLU A CD    1 
ATOM   1133 O  OE1   . GLU A 1 163 ? 6.877   10.991  -8.133  1.00 29.75 ? 176 GLU A OE1   1 
ATOM   1134 O  OE2   . GLU A 1 163 ? 5.036   11.755  -7.229  1.00 28.44 ? 176 GLU A OE2   1 
ATOM   1135 N  N     . THR A 1 164 ? 5.236   5.006   -7.829  1.00 23.47 ? 177 THR A N     1 
ATOM   1136 C  CA    . THR A 1 164 ? 5.465   3.768   -8.562  1.00 23.35 ? 177 THR A CA    1 
ATOM   1137 C  C     . THR A 1 164 ? 4.311   3.422   -9.507  1.00 22.95 ? 177 THR A C     1 
ATOM   1138 O  O     . THR A 1 164 ? 3.369   4.198   -9.677  1.00 22.22 ? 177 THR A O     1 
ATOM   1139 C  CB    . THR A 1 164 ? 5.729   2.593   -7.564  1.00 23.64 ? 177 THR A CB    1 
ATOM   1140 O  OG1   . THR A 1 164 ? 6.273   1.470   -8.257  1.00 24.14 ? 177 THR A OG1   1 
ATOM   1141 C  CG2   . THR A 1 164 ? 4.443   2.163   -6.841  1.00 23.53 ? 177 THR A CG2   1 
ATOM   1142 N  N     . SER A 1 165 ? 4.398   2.247   -10.118 1.00 22.99 ? 178 SER A N     1 
ATOM   1143 C  CA    . SER A 1 165 ? 3.333   1.722   -10.956 1.00 23.47 ? 178 SER A CA    1 
ATOM   1144 C  C     . SER A 1 165 ? 3.280   0.211   -10.796 1.00 23.73 ? 178 SER A C     1 
ATOM   1145 O  O     . SER A 1 165 ? 4.278   -0.477  -10.996 1.00 23.24 ? 178 SER A O     1 
ATOM   1146 C  CB    . SER A 1 165 ? 3.551   2.096   -12.428 1.00 23.81 ? 178 SER A CB    1 
ATOM   1147 O  OG    . SER A 1 165 ? 2.740   1.316   -13.298 1.00 23.47 ? 178 SER A OG    1 
ATOM   1148 N  N     . ALA A 1 166 ? 2.111   -0.301  -10.427 1.00 23.73 ? 179 ALA A N     1 
ATOM   1149 C  CA    . ALA A 1 166 ? 1.903   -1.739  -10.367 1.00 25.11 ? 179 ALA A CA    1 
ATOM   1150 C  C     . ALA A 1 166 ? 1.967   -2.341  -11.773 1.00 25.81 ? 179 ALA A C     1 
ATOM   1151 O  O     . ALA A 1 166 ? 2.373   -3.485  -11.952 1.00 25.46 ? 179 ALA A O     1 
ATOM   1152 C  CB    . ALA A 1 166 ? 0.554   -2.047  -9.727  1.00 24.61 ? 179 ALA A CB    1 
ATOM   1153 N  N     . LYS A 1 167 ? 1.574   -1.550  -12.762 1.00 27.63 ? 180 LYS A N     1 
ATOM   1154 C  CA    . LYS A 1 167 ? 1.426   -2.029  -14.131 1.00 29.41 ? 180 LYS A CA    1 
ATOM   1155 C  C     . LYS A 1 167 ? 2.722   -1.973  -14.945 1.00 31.25 ? 180 LYS A C     1 
ATOM   1156 O  O     . LYS A 1 167 ? 3.020   -2.929  -15.665 1.00 31.47 ? 180 LYS A O     1 
ATOM   1157 C  CB    . LYS A 1 167 ? 0.319   -1.233  -14.829 1.00 28.97 ? 180 LYS A CB    1 
ATOM   1158 C  CG    . LYS A 1 167 ? -0.219  -1.875  -16.116 1.00 28.45 ? 180 LYS A CG    1 
ATOM   1159 C  CD    . LYS A 1 167 ? -1.516  -1.215  -16.552 1.00 28.62 ? 180 LYS A CD    1 
ATOM   1160 C  CE    . LYS A 1 167 ? -2.187  -1.967  -17.698 1.00 28.56 ? 180 LYS A CE    1 
ATOM   1161 N  NZ    . LYS A 1 167 ? -3.521  -1.384  -18.045 1.00 27.78 ? 180 LYS A NZ    1 
ATOM   1162 N  N     . ASN A 1 168 ? 3.491   -0.890  -14.810 1.00 33.72 ? 181 ASN A N     1 
ATOM   1163 C  CA    . ASN A 1 168 ? 4.585   -0.577  -15.761 1.00 36.07 ? 181 ASN A CA    1 
ATOM   1164 C  C     . ASN A 1 168 ? 5.947   -0.126  -15.208 1.00 38.28 ? 181 ASN A C     1 
ATOM   1165 O  O     . ASN A 1 168 ? 6.932   -0.133  -15.963 1.00 39.83 ? 181 ASN A O     1 
ATOM   1166 C  CB    . ASN A 1 168 ? 4.094   0.474   -16.752 1.00 36.50 ? 181 ASN A CB    1 
ATOM   1167 N  N     . PRO A 1 169 ? 6.033   0.261   -13.934 1.00 40.37 ? 182 PRO A N     1 
ATOM   1168 C  CA    . PRO A 1 169 ? 7.255   0.904   -13.402 1.00 41.62 ? 182 PRO A CA    1 
ATOM   1169 C  C     . PRO A 1 169 ? 8.385   -0.070  -13.090 1.00 43.33 ? 182 PRO A C     1 
ATOM   1170 O  O     . PRO A 1 169 ? 9.526   0.361   -12.923 1.00 44.09 ? 182 PRO A O     1 
ATOM   1171 C  CB    . PRO A 1 169 ? 6.952   1.723   -12.154 1.00 42.12 ? 182 PRO A CB    1 
ATOM   1172 N  N     . ASN A 1 170 ? 8.076   -1.363  -12.986 1.00 44.63 ? 183 ASN A N     1 
ATOM   1173 C  CA    . ASN A 1 170 ? 9.092   -2.408  -12.781 1.00 45.27 ? 183 ASN A CA    1 
ATOM   1174 C  C     . ASN A 1 170 ? 10.395  -2.129  -13.540 1.00 46.19 ? 183 ASN A C     1 
ATOM   1175 O  O     . ASN A 1 170 ? 11.487  -2.218  -12.972 1.00 46.35 ? 183 ASN A O     1 
ATOM   1176 C  CB    . ASN A 1 170 ? 8.535   -3.768  -13.189 1.00 45.58 ? 183 ASN A CB    1 
ATOM   1177 N  N     . ASP A 1 171 ? 10.265  -1.768  -14.818 1.00 46.84 ? 184 ASP A N     1 
ATOM   1178 C  CA    . ASP A 1 171 ? 11.413  -1.383  -15.643 1.00 46.97 ? 184 ASP A CA    1 
ATOM   1179 C  C     . ASP A 1 171 ? 12.110  -0.113  -15.134 1.00 47.47 ? 184 ASP A C     1 
ATOM   1180 O  O     . ASP A 1 171 ? 13.097  0.333   -15.728 1.00 48.21 ? 184 ASP A O     1 
ATOM   1181 C  CB    . ASP A 1 171 ? 10.974  -1.204  -17.098 1.00 47.27 ? 184 ASP A CB    1 
ATOM   1182 N  N     . ASN A 1 172 ? 11.581  0.470   -14.053 1.00 47.45 ? 185 ASN A N     1 
ATOM   1183 C  CA    . ASN A 1 172 ? 12.230  1.552   -13.310 1.00 46.97 ? 185 ASN A CA    1 
ATOM   1184 C  C     . ASN A 1 172 ? 12.652  1.094   -11.899 1.00 46.85 ? 185 ASN A C     1 
ATOM   1185 O  O     . ASN A 1 172 ? 12.957  1.922   -11.032 1.00 47.31 ? 185 ASN A O     1 
ATOM   1186 C  CB    . ASN A 1 172 ? 11.295  2.758   -13.230 1.00 47.30 ? 185 ASN A CB    1 
ATOM   1187 N  N     . ASP A 1 173 ? 12.663  -0.227  -11.682 1.00 46.23 ? 186 ASP A N     1 
ATOM   1188 C  CA    . ASP A 1 173 ? 13.146  -0.846  -10.433 1.00 45.21 ? 186 ASP A CA    1 
ATOM   1189 C  C     . ASP A 1 173 ? 12.420  -0.408  -9.147  1.00 44.57 ? 186 ASP A C     1 
ATOM   1190 O  O     . ASP A 1 173 ? 13.093  0.039   -8.201  1.00 44.89 ? 186 ASP A O     1 
ATOM   1191 C  CB    . ASP A 1 173 ? 14.655  -0.590  -10.286 1.00 45.43 ? 186 ASP A CB    1 
ATOM   1192 N  N     . HIS A 1 174 ? 11.086  -0.560  -9.065  1.00 43.24 ? 187 HIS A N     1 
ATOM   1193 C  CA    . HIS A 1 174 ? 10.369  0.115   -7.966  1.00 41.67 ? 187 HIS A CA    1 
ATOM   1194 C  C     . HIS A 1 174 ? 9.420   -0.674  -7.009  1.00 40.06 ? 187 HIS A C     1 
ATOM   1195 O  O     . HIS A 1 174 ? 9.614   -0.585  -5.795  1.00 39.57 ? 187 HIS A O     1 
ATOM   1196 C  CB    . HIS A 1 174 ? 9.738   1.435   -8.467  1.00 41.87 ? 187 HIS A CB    1 
ATOM   1197 C  CG    . HIS A 1 174 ? 10.147  2.624   -7.654  1.00 42.40 ? 187 HIS A CG    1 
ATOM   1198 N  ND1   . HIS A 1 174 ? 9.316   3.698   -7.416  1.00 42.80 ? 187 HIS A ND1   1 
ATOM   1199 C  CD2   . HIS A 1 174 ? 11.298  2.885   -6.988  1.00 42.89 ? 187 HIS A CD2   1 
ATOM   1200 C  CE1   . HIS A 1 174 ? 9.945   4.575   -6.651  1.00 43.67 ? 187 HIS A CE1   1 
ATOM   1201 N  NE2   . HIS A 1 174 ? 11.149  4.106   -6.377  1.00 43.35 ? 187 HIS A NE2   1 
ATOM   1202 N  N     . VAL A 1 175 ? 8.446   -1.445  -7.503  1.00 38.10 ? 188 VAL A N     1 
ATOM   1203 C  CA    . VAL A 1 175 ? 7.450   -2.071  -6.595  1.00 36.90 ? 188 VAL A CA    1 
ATOM   1204 C  C     . VAL A 1 175 ? 8.066   -3.104  -5.634  1.00 35.63 ? 188 VAL A C     1 
ATOM   1205 O  O     . VAL A 1 175 ? 7.813   -3.081  -4.426  1.00 34.37 ? 188 VAL A O     1 
ATOM   1206 C  CB    . VAL A 1 175 ? 6.274   -2.727  -7.367  1.00 36.85 ? 188 VAL A CB    1 
ATOM   1207 C  CG1   . VAL A 1 175 ? 5.311   -3.441  -6.400  1.00 36.23 ? 188 VAL A CG1   1 
ATOM   1208 C  CG2   . VAL A 1 175 ? 5.529   -1.684  -8.179  1.00 36.72 ? 188 VAL A CG2   1 
ATOM   1209 N  N     . GLU A 1 176 ? 8.867   -4.015  -6.172  1.00 34.44 ? 189 GLU A N     1 
ATOM   1210 C  CA    . GLU A 1 176 ? 9.567   -4.978  -5.327  1.00 33.93 ? 189 GLU A CA    1 
ATOM   1211 C  C     . GLU A 1 176 ? 10.385  -4.299  -4.238  1.00 32.96 ? 189 GLU A C     1 
ATOM   1212 O  O     . GLU A 1 176 ? 10.308  -4.680  -3.076  1.00 31.93 ? 189 GLU A O     1 
ATOM   1213 C  CB    . GLU A 1 176 ? 10.465  -5.906  -6.152  1.00 33.93 ? 189 GLU A CB    1 
ATOM   1214 C  CG    . GLU A 1 176 ? 9.929   -7.317  -6.213  1.00 33.97 ? 189 GLU A CG    1 
ATOM   1215 C  CD    . GLU A 1 176 ? 10.961  -8.317  -6.646  1.00 34.74 ? 189 GLU A CD    1 
ATOM   1216 O  OE1   . GLU A 1 176 ? 12.053  -8.341  -6.052  1.00 36.79 ? 189 GLU A OE1   1 
ATOM   1217 O  OE2   . GLU A 1 176 ? 10.676  -9.098  -7.572  1.00 37.73 ? 189 GLU A OE2   1 
ATOM   1218 N  N     . ALA A 1 177 ? 11.149  -3.283  -4.623  1.00 32.31 ? 190 ALA A N     1 
ATOM   1219 C  CA    . ALA A 1 177 ? 12.028  -2.574  -3.695  1.00 32.14 ? 190 ALA A CA    1 
ATOM   1220 C  C     . ALA A 1 177 ? 11.253  -1.926  -2.560  1.00 31.75 ? 190 ALA A C     1 
ATOM   1221 O  O     . ALA A 1 177 ? 11.705  -1.909  -1.422  1.00 31.91 ? 190 ALA A O     1 
ATOM   1222 C  CB    . ALA A 1 177 ? 12.842  -1.522  -4.441  1.00 32.24 ? 190 ALA A CB    1 
ATOM   1223 N  N     . ILE A 1 178 ? 10.079  -1.391  -2.874  1.00 31.35 ? 191 ILE A N     1 
ATOM   1224 C  CA    . ILE A 1 178 ? 9.290   -0.671  -1.883  1.00 31.06 ? 191 ILE A CA    1 
ATOM   1225 C  C     . ILE A 1 178 ? 8.847   -1.591  -0.741  1.00 30.73 ? 191 ILE A C     1 
ATOM   1226 O  O     . ILE A 1 178 ? 8.967   -1.236  0.436   1.00 30.90 ? 191 ILE A O     1 
ATOM   1227 C  CB    . ILE A 1 178 ? 8.074   0.014   -2.544  1.00 30.85 ? 191 ILE A CB    1 
ATOM   1228 C  CG1   . ILE A 1 178 ? 8.545   1.216   -3.370  1.00 30.86 ? 191 ILE A CG1   1 
ATOM   1229 C  CG2   . ILE A 1 178 ? 7.056   0.448   -1.498  1.00 31.52 ? 191 ILE A CG2   1 
ATOM   1230 C  CD1   . ILE A 1 178 ? 7.549   1.672   -4.427  1.00 31.21 ? 191 ILE A CD1   1 
ATOM   1231 N  N     . PHE A 1 179 ? 8.341   -2.771  -1.085  1.00 30.23 ? 192 PHE A N     1 
ATOM   1232 C  CA    . PHE A 1 179 ? 7.881   -3.714  -0.072  1.00 30.16 ? 192 PHE A CA    1 
ATOM   1233 C  C     . PHE A 1 179 ? 9.048   -4.422  0.604   1.00 29.83 ? 192 PHE A C     1 
ATOM   1234 O  O     . PHE A 1 179 ? 9.035   -4.598  1.819   1.00 29.79 ? 192 PHE A O     1 
ATOM   1235 C  CB    . PHE A 1 179 ? 6.917   -4.744  -0.670  1.00 30.11 ? 192 PHE A CB    1 
ATOM   1236 C  CG    . PHE A 1 179 ? 5.555   -4.197  -0.956  1.00 30.14 ? 192 PHE A CG    1 
ATOM   1237 C  CD1   . PHE A 1 179 ? 5.159   -3.922  -2.252  1.00 30.77 ? 192 PHE A CD1   1 
ATOM   1238 C  CD2   . PHE A 1 179 ? 4.658   -3.955  0.079   1.00 30.99 ? 192 PHE A CD2   1 
ATOM   1239 C  CE1   . PHE A 1 179 ? 3.895   -3.417  -2.519  1.00 30.78 ? 192 PHE A CE1   1 
ATOM   1240 C  CE2   . PHE A 1 179 ? 3.391   -3.449  -0.182  1.00 30.32 ? 192 PHE A CE2   1 
ATOM   1241 C  CZ    . PHE A 1 179 ? 3.012   -3.181  -1.482  1.00 30.74 ? 192 PHE A CZ    1 
ATOM   1242 N  N     . MET A 1 180 ? 10.048  -4.823  -0.177  1.00 29.90 ? 193 MET A N     1 
ATOM   1243 C  CA    . MET A 1 180 ? 11.218  -5.528  0.368   1.00 30.18 ? 193 MET A CA    1 
ATOM   1244 C  C     . MET A 1 180 ? 11.894  -4.729  1.464   1.00 30.32 ? 193 MET A C     1 
ATOM   1245 O  O     . MET A 1 180 ? 12.237  -5.281  2.506   1.00 30.45 ? 193 MET A O     1 
ATOM   1246 C  CB    . MET A 1 180 ? 12.269  -5.804  -0.711  1.00 30.24 ? 193 MET A CB    1 
ATOM   1247 C  CG    . MET A 1 180 ? 11.978  -6.971  -1.604  1.00 30.59 ? 193 MET A CG    1 
ATOM   1248 S  SD    . MET A 1 180 ? 11.775  -8.551  -0.770  1.00 29.29 ? 193 MET A SD    1 
ATOM   1249 C  CE    . MET A 1 180 ? 11.409  -9.473  -2.255  1.00 29.49 ? 193 MET A CE    1 
ATOM   1250 N  N     . THR A 1 181 ? 12.095  -3.437  1.199   1.00 30.26 ? 194 THR A N     1 
ATOM   1251 C  CA    . THR A 1 181 ? 12.755  -2.522  2.139   1.00 30.31 ? 194 THR A CA    1 
ATOM   1252 C  C     . THR A 1 181 ? 12.029  -2.445  3.483   1.00 29.95 ? 194 THR A C     1 
ATOM   1253 O  O     . THR A 1 181 ? 12.675  -2.264  4.517   1.00 29.56 ? 194 THR A O     1 
ATOM   1254 C  CB    . THR A 1 181 ? 12.913  -1.105  1.524   1.00 30.43 ? 194 THR A CB    1 
ATOM   1255 O  OG1   . THR A 1 181 ? 13.725  -1.182  0.349   1.00 31.56 ? 194 THR A OG1   1 
ATOM   1256 C  CG2   . THR A 1 181 ? 13.569  -0.130  2.498   1.00 30.77 ? 194 THR A CG2   1 
ATOM   1257 N  N     . LEU A 1 182 ? 10.701  -2.592  3.482   1.00 29.81 ? 195 LEU A N     1 
ATOM   1258 C  CA    . LEU A 1 182 ? 9.950   -2.655  4.742   1.00 29.74 ? 195 LEU A CA    1 
ATOM   1259 C  C     . LEU A 1 182 ? 10.349  -3.850  5.600   1.00 29.80 ? 195 LEU A C     1 
ATOM   1260 O  O     . LEU A 1 182 ? 10.372  -3.748  6.815   1.00 29.71 ? 195 LEU A O     1 
ATOM   1261 C  CB    . LEU A 1 182 ? 8.438   -2.717  4.498   1.00 29.53 ? 195 LEU A CB    1 
ATOM   1262 C  CG    . LEU A 1 182 ? 7.740   -1.422  4.114   1.00 29.39 ? 195 LEU A CG    1 
ATOM   1263 C  CD1   . LEU A 1 182 ? 6.298   -1.720  3.739   1.00 29.05 ? 195 LEU A CD1   1 
ATOM   1264 C  CD2   . LEU A 1 182 ? 7.807   -0.409  5.261   1.00 29.57 ? 195 LEU A CD2   1 
ATOM   1265 N  N     . ALA A 1 183 ? 10.632  -4.985  4.966   1.00 29.80 ? 196 ALA A N     1 
ATOM   1266 C  CA    . ALA A 1 183 ? 11.013  -6.190  5.703   1.00 30.27 ? 196 ALA A CA    1 
ATOM   1267 C  C     . ALA A 1 183 ? 12.448  -6.070  6.215   1.00 30.42 ? 196 ALA A C     1 
ATOM   1268 O  O     . ALA A 1 183 ? 13.244  -5.308  5.646   1.00 31.42 ? 196 ALA A O     1 
ATOM   1269 C  CB    . ALA A 1 183 ? 10.866  -7.408  4.814   1.00 30.53 ? 196 ALA A CB    1 
HETATM 1270 MG MG    . MG  B 2 .   ? -8.777  -4.335  -4.370  1.00 16.67 ? 203 MG  A MG    1 
HETATM 1271 P  PG    . GNP C 3 .   ? -10.606 -1.778  -4.030  1.00 18.55 ? 204 GNP A PG    1 
HETATM 1272 O  O1G   . GNP C 3 .   ? -12.025 -1.341  -4.335  1.00 18.51 ? 204 GNP A O1G   1 
HETATM 1273 O  O2G   . GNP C 3 .   ? -10.427 -3.259  -3.916  1.00 17.16 ? 204 GNP A O2G   1 
HETATM 1274 O  O3G   . GNP C 3 .   ? -10.165 -0.996  -2.822  1.00 17.87 ? 204 GNP A O3G   1 
HETATM 1275 N  N3B   . GNP C 3 .   ? -9.687  -1.312  -5.273  1.00 17.31 ? 204 GNP A N3B   1 
HETATM 1276 P  PB    . GNP C 3 .   ? -8.081  -1.428  -5.447  1.00 17.60 ? 204 GNP A PB    1 
HETATM 1277 O  O1B   . GNP C 3 .   ? -7.336  -0.328  -4.795  1.00 16.85 ? 204 GNP A O1B   1 
HETATM 1278 O  O2B   . GNP C 3 .   ? -7.696  -2.807  -5.086  1.00 17.17 ? 204 GNP A O2B   1 
HETATM 1279 O  O3A   . GNP C 3 .   ? -7.805  -1.227  -6.982  1.00 17.84 ? 204 GNP A O3A   1 
HETATM 1280 P  PA    . GNP C 3 .   ? -7.355  -2.280  -8.067  1.00 18.95 ? 204 GNP A PA    1 
HETATM 1281 O  O1A   . GNP C 3 .   ? -6.028  -2.844  -7.726  1.00 18.78 ? 204 GNP A O1A   1 
HETATM 1282 O  O2A   . GNP C 3 .   ? -8.467  -3.201  -8.351  1.00 18.16 ? 204 GNP A O2A   1 
HETATM 1283 O  "O5'" . GNP C 3 .   ? -7.076  -1.439  -9.372  1.00 18.68 ? 204 GNP A "O5'" 1 
HETATM 1284 C  "C5'" . GNP C 3 .   ? -8.016  -0.444  -9.761  1.00 19.59 ? 204 GNP A "C5'" 1 
HETATM 1285 C  "C4'" . GNP C 3 .   ? -7.930  -0.133  -11.251 1.00 18.97 ? 204 GNP A "C4'" 1 
HETATM 1286 O  "O4'" . GNP C 3 .   ? -6.701  0.577   -11.521 1.00 20.32 ? 204 GNP A "O4'" 1 
HETATM 1287 C  "C3'" . GNP C 3 .   ? -7.914  -1.343  -12.175 1.00 19.86 ? 204 GNP A "C3'" 1 
HETATM 1288 O  "O3'" . GNP C 3 .   ? -8.624  -1.047  -13.400 1.00 20.74 ? 204 GNP A "O3'" 1 
HETATM 1289 C  "C2'" . GNP C 3 .   ? -6.437  -1.592  -12.441 1.00 20.44 ? 204 GNP A "C2'" 1 
HETATM 1290 O  "O2'" . GNP C 3 .   ? -6.204  -2.231  -13.694 1.00 21.28 ? 204 GNP A "O2'" 1 
HETATM 1291 C  "C1'" . GNP C 3 .   ? -5.905  -0.170  -12.428 1.00 20.66 ? 204 GNP A "C1'" 1 
HETATM 1292 N  N9    . GNP C 3 .   ? -4.529  -0.017  -11.990 1.00 20.09 ? 204 GNP A N9    1 
HETATM 1293 C  C8    . GNP C 3 .   ? -3.977  -0.414  -10.784 1.00 20.15 ? 204 GNP A C8    1 
HETATM 1294 N  N7    . GNP C 3 .   ? -2.718  -0.115  -10.672 1.00 19.52 ? 204 GNP A N7    1 
HETATM 1295 C  C5    . GNP C 3 .   ? -2.407  0.527   -11.868 1.00 19.61 ? 204 GNP A C5    1 
HETATM 1296 C  C6    . GNP C 3 .   ? -1.187  1.077   -12.332 1.00 20.73 ? 204 GNP A C6    1 
HETATM 1297 O  O6    . GNP C 3 .   ? -0.072  1.136   -11.779 1.00 21.47 ? 204 GNP A O6    1 
HETATM 1298 N  N1    . GNP C 3 .   ? -1.302  1.627   -13.609 1.00 21.37 ? 204 GNP A N1    1 
HETATM 1299 C  C2    . GNP C 3 .   ? -2.464  1.656   -14.335 1.00 20.91 ? 204 GNP A C2    1 
HETATM 1300 N  N2    . GNP C 3 .   ? -2.351  2.234   -15.547 1.00 20.80 ? 204 GNP A N2    1 
HETATM 1301 N  N3    . GNP C 3 .   ? -3.621  1.132   -13.932 1.00 20.45 ? 204 GNP A N3    1 
HETATM 1302 C  C4    . GNP C 3 .   ? -3.519  0.594   -12.685 1.00 20.30 ? 204 GNP A C4    1 
HETATM 1303 O  O     . HOH D 4 .   ? -1.383  -18.340 4.863   1.00 16.31 ? 205 HOH A O     1 
HETATM 1304 O  O     . HOH D 4 .   ? -6.025  2.718   8.149   1.00 20.50 ? 206 HOH A O     1 
HETATM 1305 O  O     . HOH D 4 .   ? -6.244  6.760   -0.782  1.00 17.49 ? 207 HOH A O     1 
HETATM 1306 O  O     . HOH D 4 .   ? -8.340  0.611   2.907   1.00 15.32 ? 208 HOH A O     1 
HETATM 1307 O  O     . HOH D 4 .   ? -4.202  12.063  9.882   1.00 19.89 ? 209 HOH A O     1 
HETATM 1308 O  O     . HOH D 4 .   ? -9.400  -4.865  -6.276  1.00 15.59 ? 210 HOH A O     1 
HETATM 1309 O  O     . HOH D 4 .   ? -11.896 9.442   14.347  1.00 16.32 ? 211 HOH A O     1 
HETATM 1310 O  O     . HOH D 4 .   ? 0.665   -18.611 7.595   1.00 22.28 ? 212 HOH A O     1 
HETATM 1311 O  O     . HOH D 4 .   ? -3.617  11.096  12.327  1.00 21.42 ? 213 HOH A O     1 
HETATM 1312 O  O     . HOH D 4 .   ? -14.521 1.558   7.549   1.00 22.65 ? 214 HOH A O     1 
HETATM 1313 O  O     . HOH D 4 .   ? -13.473 -2.482  -1.986  1.00 21.04 ? 215 HOH A O     1 
HETATM 1314 O  O     . HOH D 4 .   ? -3.406  -11.592 10.690  1.00 21.23 ? 216 HOH A O     1 
HETATM 1315 O  O     . HOH D 4 .   ? 0.860   -11.227 11.644  1.00 20.13 ? 217 HOH A O     1 
HETATM 1316 O  O     . HOH D 4 .   ? -8.120  -4.044  -2.432  1.00 19.06 ? 218 HOH A O     1 
HETATM 1317 O  O     . HOH D 4 .   ? -12.559 -6.581  12.248  1.00 29.32 ? 219 HOH A O     1 
HETATM 1318 O  O     . HOH D 4 .   ? -10.557 8.240   -4.485  1.00 24.29 ? 220 HOH A O     1 
HETATM 1319 O  O     . HOH D 4 .   ? -11.032 7.435   9.132   1.00 23.37 ? 221 HOH A O     1 
HETATM 1320 O  O     . HOH D 4 .   ? -17.471 3.297   -0.385  1.00 31.78 ? 222 HOH A O     1 
HETATM 1321 O  O     . HOH D 4 .   ? -0.982  10.148  12.965  1.00 26.88 ? 223 HOH A O     1 
HETATM 1322 O  O     . HOH D 4 .   ? -12.880 4.451   -1.398  1.00 23.56 ? 224 HOH A O     1 
HETATM 1323 O  O     . HOH D 4 .   ? -14.332 4.002   2.015   1.00 27.52 ? 225 HOH A O     1 
HETATM 1324 O  O     . HOH D 4 .   ? -7.022  16.165  2.809   1.00 24.57 ? 226 HOH A O     1 
HETATM 1325 O  O     . HOH D 4 .   ? -6.614  -4.970  -13.236 1.00 24.33 ? 227 HOH A O     1 
HETATM 1326 O  O     . HOH D 4 .   ? -18.573 3.881   7.782   1.00 26.76 ? 228 HOH A O     1 
HETATM 1327 O  O     . HOH D 4 .   ? -12.217 2.748   11.142  1.00 24.84 ? 229 HOH A O     1 
HETATM 1328 O  O     . HOH D 4 .   ? -6.890  -5.314  15.610  1.00 22.38 ? 230 HOH A O     1 
HETATM 1329 O  O     . HOH D 4 .   ? -12.459 6.546   0.083   1.00 22.29 ? 231 HOH A O     1 
HETATM 1330 O  O     . HOH D 4 .   ? -19.450 1.468   0.066   1.00 34.37 ? 232 HOH A O     1 
HETATM 1331 O  O     . HOH D 4 .   ? -6.910  3.357   -13.540 1.00 35.28 ? 233 HOH A O     1 
HETATM 1332 O  O     . HOH D 4 .   ? -0.833  6.561   11.544  1.00 31.62 ? 234 HOH A O     1 
HETATM 1333 O  O     . HOH D 4 .   ? -14.925 0.954   10.159  1.00 26.57 ? 235 HOH A O     1 
HETATM 1334 O  O     . HOH D 4 .   ? 14.203  -9.380  -4.999  1.00 23.37 ? 236 HOH A O     1 
HETATM 1335 O  O     . HOH D 4 .   ? -0.258  -9.123  -16.492 1.00 22.97 ? 237 HOH A O     1 
HETATM 1336 O  O     . HOH D 4 .   ? -2.958  -7.039  17.213  1.00 25.10 ? 238 HOH A O     1 
HETATM 1337 O  O     . HOH D 4 .   ? -9.373  6.397   -6.107  1.00 26.43 ? 239 HOH A O     1 
HETATM 1338 O  O     . HOH D 4 .   ? 19.059  -11.232 1.347   1.00 26.01 ? 240 HOH A O     1 
HETATM 1339 O  O     . HOH D 4 .   ? 9.503   11.994  4.414   1.00 34.40 ? 241 HOH A O     1 
HETATM 1340 O  O     . HOH D 4 .   ? -8.839  6.506   -8.584  1.00 24.93 ? 242 HOH A O     1 
HETATM 1341 O  O     . HOH D 4 .   ? -7.277  -4.751  -16.602 1.00 26.14 ? 243 HOH A O     1 
HETATM 1342 O  O     . HOH D 4 .   ? 12.886  -17.217 -0.481  1.00 35.27 ? 244 HOH A O     1 
HETATM 1343 O  O     . HOH D 4 .   ? -3.251  14.216  1.798   1.00 23.74 ? 245 HOH A O     1 
HETATM 1344 O  O     . HOH D 4 .   ? -9.924  -8.421  -5.053  1.00 24.81 ? 246 HOH A O     1 
HETATM 1345 O  O     . HOH D 4 .   ? 10.554  -14.483 -3.470  1.00 25.88 ? 247 HOH A O     1 
HETATM 1346 O  O     . HOH D 4 .   ? -1.095  -5.980  -18.160 1.00 25.72 ? 248 HOH A O     1 
HETATM 1347 O  O     . HOH D 4 .   ? -7.827  -9.387  -3.705  1.00 26.13 ? 249 HOH A O     1 
HETATM 1348 O  O     . HOH D 4 .   ? -4.165  14.782  9.771   1.00 30.95 ? 250 HOH A O     1 
HETATM 1349 O  O     . HOH D 4 .   ? -9.945  -8.549  -7.775  1.00 29.12 ? 251 HOH A O     1 
HETATM 1350 O  O     . HOH D 4 .   ? -12.496 -8.431  14.173  1.00 30.08 ? 252 HOH A O     1 
HETATM 1351 O  O     . HOH D 4 .   ? 2.490   12.058  -6.660  1.00 24.65 ? 253 HOH A O     1 
HETATM 1352 O  O     . HOH D 4 .   ? -7.222  -7.565  3.774   1.00 25.04 ? 254 HOH A O     1 
HETATM 1353 O  O     . HOH D 4 .   ? -20.867 2.918   7.311   1.00 38.38 ? 255 HOH A O     1 
HETATM 1354 O  O     . HOH D 4 .   ? -9.388  -7.213  2.014   1.00 22.89 ? 256 HOH A O     1 
HETATM 1355 O  O     . HOH D 4 .   ? 1.195   -4.929  -17.194 1.00 24.17 ? 257 HOH A O     1 
HETATM 1356 O  O     . HOH D 4 .   ? -8.995  -3.194  -15.210 1.00 33.26 ? 258 HOH A O     1 
HETATM 1357 O  O     . HOH D 4 .   ? -2.702  15.820  7.544   1.00 29.79 ? 259 HOH A O     1 
HETATM 1358 O  O     . HOH D 4 .   ? -2.426  -9.546  18.883  1.00 32.04 ? 260 HOH A O     1 
HETATM 1359 O  O     . HOH D 4 .   ? 8.493   4.397   7.821   1.00 33.33 ? 261 HOH A O     1 
HETATM 1360 O  O     . HOH D 4 .   ? -17.545 -4.915  6.678   1.00 38.88 ? 262 HOH A O     1 
HETATM 1361 O  O     . HOH D 4 .   ? -2.104  -12.963 13.000  1.00 35.43 ? 263 HOH A O     1 
HETATM 1362 O  O     . HOH D 4 .   ? 3.919   13.726  -9.672  1.00 36.73 ? 264 HOH A O     1 
HETATM 1363 O  O     . HOH D 4 .   ? -2.185  8.774   -19.038 1.00 34.44 ? 265 HOH A O     1 
HETATM 1364 O  O     . HOH D 4 .   ? 10.029  0.955   1.570   1.00 29.77 ? 266 HOH A O     1 
HETATM 1365 O  O     . HOH D 4 .   ? -4.214  16.551  2.761   1.00 32.89 ? 267 HOH A O     1 
HETATM 1366 O  O     . HOH D 4 .   ? 2.050   -20.024 9.922   1.00 32.39 ? 268 HOH A O     1 
HETATM 1367 O  O     . HOH D 4 .   ? 0.709   2.999   -19.114 1.00 50.96 ? 269 HOH A O     1 
HETATM 1368 O  O     . HOH D 4 .   ? -3.611  17.366  5.187   1.00 30.97 ? 270 HOH A O     1 
HETATM 1369 O  O     . HOH D 4 .   ? 2.370   -12.852 13.055  1.00 36.47 ? 271 HOH A O     1 
HETATM 1370 O  O     . HOH D 4 .   ? -5.397  -1.132  -16.094 1.00 32.73 ? 272 HOH A O     1 
HETATM 1371 O  O     . HOH D 4 .   ? -13.909 -3.000  11.930  1.00 34.32 ? 273 HOH A O     1 
HETATM 1372 O  O     . HOH D 4 .   ? -12.413 -9.900  -2.741  1.00 31.92 ? 274 HOH A O     1 
HETATM 1373 O  O     . HOH D 4 .   ? 10.719  2.259   3.730   1.00 34.86 ? 275 HOH A O     1 
HETATM 1374 O  O     . HOH D 4 .   ? -12.530 -11.372 -0.773  1.00 43.90 ? 276 HOH A O     1 
HETATM 1375 O  O     . HOH D 4 .   ? 3.268   -10.177 15.951  1.00 36.04 ? 277 HOH A O     1 
HETATM 1376 O  O     . HOH D 4 .   ? -10.672 -4.304  -13.711 1.00 40.34 ? 278 HOH A O     1 
HETATM 1377 O  O     . HOH D 4 .   ? -17.513 -7.430  4.719   1.00 38.66 ? 279 HOH A O     1 
HETATM 1378 O  O     . HOH D 4 .   ? 1.167   10.763  11.022  1.00 31.63 ? 280 HOH A O     1 
HETATM 1379 O  O     . HOH D 4 .   ? 10.501  10.396  1.084   1.00 33.63 ? 281 HOH A O     1 
HETATM 1380 O  O     . HOH D 4 .   ? 5.760   -15.418 12.612  1.00 28.20 ? 282 HOH A O     1 
HETATM 1381 O  O     . HOH D 4 .   ? 6.656   7.570   10.836  1.00 41.87 ? 283 HOH A O     1 
HETATM 1382 O  O     . HOH D 4 .   ? 15.607  -18.304 8.007   1.00 31.19 ? 284 HOH A O     1 
HETATM 1383 O  O     . HOH D 4 .   ? -11.087 -3.111  -9.234  1.00 31.83 ? 285 HOH A O     1 
HETATM 1384 O  O     . HOH D 4 .   ? -20.216 -1.400  -2.020  1.00 52.15 ? 286 HOH A O     1 
HETATM 1385 O  O     . HOH D 4 .   ? -9.664  16.866  -4.457  1.00 60.50 ? 287 HOH A O     1 
HETATM 1386 O  O     . HOH D 4 .   ? 9.695   7.393   -5.676  1.00 35.57 ? 288 HOH A O     1 
HETATM 1387 O  O     . HOH D 4 .   ? -9.891  3.736   -13.205 1.00 47.59 ? 289 HOH A O     1 
HETATM 1388 O  O     . HOH D 4 .   ? 5.290   -12.773 12.803  1.00 34.47 ? 290 HOH A O     1 
HETATM 1389 O  O     . HOH D 4 .   ? 5.117   13.519  11.849  1.00 40.12 ? 291 HOH A O     1 
HETATM 1390 O  O     . HOH D 4 .   ? -13.091 -9.211  -5.208  1.00 47.11 ? 292 HOH A O     1 
HETATM 1391 O  O     . HOH D 4 .   ? -0.206  -15.845 -1.951  1.00 39.15 ? 293 HOH A O     1 
HETATM 1392 O  O     . HOH D 4 .   ? -12.967 1.375   13.143  1.00 58.11 ? 294 HOH A O     1 
HETATM 1393 O  O     . HOH D 4 .   ? -11.699 -0.898  -8.086  1.00 44.40 ? 295 HOH A O     1 
HETATM 1394 O  O     . HOH D 4 .   ? -12.057 9.678   -6.020  1.00 41.97 ? 296 HOH A O     1 
HETATM 1395 O  O     . HOH D 4 .   ? -15.451 3.962   -2.346  1.00 35.88 ? 297 HOH A O     1 
HETATM 1396 O  O     . HOH D 4 .   ? 2.720   -8.045  -15.532 1.00 43.98 ? 298 HOH A O     1 
HETATM 1397 O  O     . HOH D 4 .   ? -7.162  -2.874  16.393  1.00 39.49 ? 299 HOH A O     1 
HETATM 1398 O  O     . HOH D 4 .   ? -11.502 -2.960  -11.752 1.00 46.65 ? 300 HOH A O     1 
HETATM 1399 O  O     . HOH D 4 .   ? -10.097 -7.877  -17.393 1.00 41.94 ? 301 HOH A O     1 
HETATM 1400 O  O     . HOH D 4 .   ? 16.191  -10.217 8.532   1.00 35.96 ? 302 HOH A O     1 
HETATM 1401 O  O     . HOH D 4 .   ? -11.191 -6.259  -14.952 1.00 44.90 ? 303 HOH A O     1 
HETATM 1402 O  O     . HOH D 4 .   ? 14.842  -3.414  -2.056  1.00 37.50 ? 304 HOH A O     1 
HETATM 1403 O  O     . HOH D 4 .   ? -1.265  -16.260 -9.249  1.00 39.82 ? 305 HOH A O     1 
HETATM 1404 O  O     . HOH D 4 .   ? -15.588 -3.560  -9.129  1.00 34.92 ? 306 HOH A O     1 
HETATM 1405 O  O     . HOH D 4 .   ? 6.566   18.357  -7.930  1.00 42.06 ? 307 HOH A O     1 
HETATM 1406 O  O     . HOH D 4 .   ? 6.702   -17.398 -2.242  1.00 37.62 ? 308 HOH A O     1 
HETATM 1407 O  O     . HOH D 4 .   ? -4.801  8.222   -19.020 1.00 55.79 ? 309 HOH A O     1 
HETATM 1408 O  O     . HOH D 4 .   ? 4.436   -15.727 -3.771  1.00 33.19 ? 310 HOH A O     1 
HETATM 1409 O  O     . HOH D 4 .   ? 11.698  10.660  3.441   1.00 40.42 ? 311 HOH A O     1 
HETATM 1410 O  O     . HOH D 4 .   ? 0.286   17.366  -11.510 1.00 43.42 ? 312 HOH A O     1 
HETATM 1411 O  O     . HOH D 4 .   ? -16.458 -6.334  -6.612  1.00 44.16 ? 313 HOH A O     1 
HETATM 1412 O  O     . HOH D 4 .   ? 20.518  -18.369 6.849   1.00 49.71 ? 314 HOH A O     1 
HETATM 1413 O  O     . HOH D 4 .   ? -12.588 -1.024  13.963  1.00 34.56 ? 315 HOH A O     1 
# 
